data_6QIT
# 
_entry.id   6QIT 
# 
_audit_conform.dict_name       mmcif_pdbx.dic 
_audit_conform.dict_version    5.392 
_audit_conform.dict_location   http://mmcif.pdb.org/dictionaries/ascii/mmcif_pdbx.dic 
# 
loop_
_database_2.database_id 
_database_2.database_code 
_database_2.pdbx_database_accession 
_database_2.pdbx_DOI 
PDB   6QIT         pdb_00006qit 10.2210/pdb6qit/pdb 
WWPDB D_1292100179 ?            ?                   
# 
loop_
_pdbx_audit_revision_history.ordinal 
_pdbx_audit_revision_history.data_content_type 
_pdbx_audit_revision_history.major_revision 
_pdbx_audit_revision_history.minor_revision 
_pdbx_audit_revision_history.revision_date 
1 'Structure model' 1 0 2019-09-25 
2 'Structure model' 1 1 2019-10-09 
3 'Structure model' 1 2 2019-11-20 
4 'Structure model' 1 3 2024-05-15 
# 
_pdbx_audit_revision_details.ordinal             1 
_pdbx_audit_revision_details.revision_ordinal    1 
_pdbx_audit_revision_details.data_content_type   'Structure model' 
_pdbx_audit_revision_details.provider            repository 
_pdbx_audit_revision_details.type                'Initial release' 
_pdbx_audit_revision_details.description         ? 
_pdbx_audit_revision_details.details             ? 
# 
loop_
_pdbx_audit_revision_group.ordinal 
_pdbx_audit_revision_group.revision_ordinal 
_pdbx_audit_revision_group.data_content_type 
_pdbx_audit_revision_group.group 
1 2 'Structure model' 'Data collection'     
2 2 'Structure model' 'Database references' 
3 3 'Structure model' 'Database references' 
4 4 'Structure model' 'Data collection'     
5 4 'Structure model' 'Database references' 
# 
loop_
_pdbx_audit_revision_category.ordinal 
_pdbx_audit_revision_category.revision_ordinal 
_pdbx_audit_revision_category.data_content_type 
_pdbx_audit_revision_category.category 
1 2 'Structure model' citation       
2 3 'Structure model' citation       
3 4 'Structure model' chem_comp_atom 
4 4 'Structure model' chem_comp_bond 
5 4 'Structure model' database_2     
# 
loop_
_pdbx_audit_revision_item.ordinal 
_pdbx_audit_revision_item.revision_ordinal 
_pdbx_audit_revision_item.data_content_type 
_pdbx_audit_revision_item.item 
1 2 'Structure model' '_citation.pdbx_database_id_DOI'      
2 2 'Structure model' '_citation.pdbx_database_id_PubMed'   
3 2 'Structure model' '_citation.title'                     
4 3 'Structure model' '_citation.journal_volume'            
5 3 'Structure model' '_citation.page_first'                
6 3 'Structure model' '_citation.page_last'                 
7 4 'Structure model' '_database_2.pdbx_DOI'                
8 4 'Structure model' '_database_2.pdbx_database_accession' 
# 
_pdbx_database_status.status_code                     REL 
_pdbx_database_status.status_code_sf                  REL 
_pdbx_database_status.status_code_mr                  ? 
_pdbx_database_status.entry_id                        6QIT 
_pdbx_database_status.recvd_initial_deposition_date   2019-01-21 
_pdbx_database_status.SG_entry                        N 
_pdbx_database_status.deposit_site                    PDBE 
_pdbx_database_status.process_site                    PDBE 
_pdbx_database_status.status_code_cs                  ? 
_pdbx_database_status.methods_development_category    ? 
_pdbx_database_status.pdb_format_compatible           Y 
_pdbx_database_status.status_code_nmr_data            ? 
# 
loop_
_pdbx_database_related.db_name 
_pdbx_database_related.details 
_pdbx_database_related.db_id 
_pdbx_database_related.content_type 
PDB . 6QIQ unspecified 
PDB . 6QIS unspecified 
PDB . 6QIR unspecified 
# 
loop_
_audit_author.name 
_audit_author.pdbx_ordinal 
_audit_author.identifier_ORCID 
'Kiliszek, A.'   1 ? 
'Blaszczyk, L.'  2 ? 
'Rypniewski, W.' 3 ? 
'Nakatani, K.'   4 ? 
# 
_citation.abstract                  ? 
_citation.abstract_id_CAS           ? 
_citation.book_id_ISBN              ? 
_citation.book_publisher            ? 
_citation.book_publisher_city       ? 
_citation.book_title                ? 
_citation.coordinate_linkage        ? 
_citation.country                   UK 
_citation.database_id_Medline       ? 
_citation.details                   ? 
_citation.id                        primary 
_citation.journal_abbrev            'Nucleic Acids Res.' 
_citation.journal_id_ASTM           NARHAD 
_citation.journal_id_CSD            0389 
_citation.journal_id_ISSN           1362-4962 
_citation.journal_full              ? 
_citation.journal_issue             ? 
_citation.journal_volume            47 
_citation.language                  ? 
_citation.page_first                10906 
_citation.page_last                 10913 
_citation.title                     
'Structural insights into synthetic ligands targeting A-A pairs in disease-related CAG RNA repeats.' 
_citation.year                      2019 
_citation.database_id_CSD           ? 
_citation.pdbx_database_id_DOI      10.1093/nar/gkz832 
_citation.pdbx_database_id_PubMed   31566242 
_citation.unpublished_flag          ? 
# 
loop_
_citation_author.citation_id 
_citation_author.name 
_citation_author.ordinal 
_citation_author.identifier_ORCID 
primary 'Mukherjee, S.'    1 ? 
primary 'Blaszczyk, L.'    2 ? 
primary 'Rypniewski, W.'   3 ? 
primary 'Falschlunger, C.' 4 ? 
primary 'Micura, R.'       5 ? 
primary 'Murata, A.'       6 ? 
primary 'Dohno, C.'        7 ? 
primary 'Nakatani, K.'     8 ? 
primary 'Kiliszek, A.'     9 ? 
# 
loop_
_entity.id 
_entity.type 
_entity.src_method 
_entity.pdbx_description 
_entity.formula_weight 
_entity.pdbx_number_of_molecules 
_entity.pdbx_ec 
_entity.pdbx_mutation 
_entity.pdbx_fragment 
_entity.details 
1 polymer     syn 
;RNA (5'-R(*GP*CP*AP*GP*CP*AP*GP*C)-3')
;
2564.617 4   ? ? ? ? 
2 non-polymer syn CMBL3a                                   500.529  4   ? ? ? ? 
3 water       nat water                                    18.015   175 ? ? ? ? 
# 
_entity_poly.entity_id                      1 
_entity_poly.type                           polyribonucleotide 
_entity_poly.nstd_linkage                   no 
_entity_poly.nstd_monomer                   no 
_entity_poly.pdbx_seq_one_letter_code       GCAGCAGC 
_entity_poly.pdbx_seq_one_letter_code_can   GCAGCAGC 
_entity_poly.pdbx_strand_id                 A,B,C,D 
_entity_poly.pdbx_target_identifier         ? 
# 
loop_
_pdbx_entity_nonpoly.entity_id 
_pdbx_entity_nonpoly.name 
_pdbx_entity_nonpoly.comp_id 
2 CMBL3a J48 
3 water  HOH 
# 
loop_
_entity_poly_seq.entity_id 
_entity_poly_seq.num 
_entity_poly_seq.mon_id 
_entity_poly_seq.hetero 
1 1 G n 
1 2 C n 
1 3 A n 
1 4 G n 
1 5 C n 
1 6 A n 
1 7 G n 
1 8 C n 
# 
_pdbx_entity_src_syn.entity_id              1 
_pdbx_entity_src_syn.pdbx_src_id            1 
_pdbx_entity_src_syn.pdbx_alt_source_flag   sample 
_pdbx_entity_src_syn.pdbx_beg_seq_num       1 
_pdbx_entity_src_syn.pdbx_end_seq_num       8 
_pdbx_entity_src_syn.organism_scientific    'Homo sapiens' 
_pdbx_entity_src_syn.organism_common_name   Human 
_pdbx_entity_src_syn.ncbi_taxonomy_id       9606 
_pdbx_entity_src_syn.details                ? 
# 
loop_
_chem_comp.id 
_chem_comp.type 
_chem_comp.mon_nstd_flag 
_chem_comp.name 
_chem_comp.pdbx_synonyms 
_chem_comp.formula 
_chem_comp.formula_weight 
A   'RNA linking' y "ADENOSINE-5'-MONOPHOSPHATE" ? 'C10 H14 N5 O7 P' 347.221 
C   'RNA linking' y "CYTIDINE-5'-MONOPHOSPHATE"  ? 'C9 H14 N3 O8 P'  323.197 
G   'RNA linking' y "GUANOSINE-5'-MONOPHOSPHATE" ? 'C10 H14 N5 O8 P' 363.221 
HOH non-polymer   . WATER                        ? 'H2 O'            18.015  
J48 non-polymer   . CMBL3a                       ? 'C26 H26 N7 O4 1' 500.529 
# 
loop_
_pdbx_poly_seq_scheme.asym_id 
_pdbx_poly_seq_scheme.entity_id 
_pdbx_poly_seq_scheme.seq_id 
_pdbx_poly_seq_scheme.mon_id 
_pdbx_poly_seq_scheme.ndb_seq_num 
_pdbx_poly_seq_scheme.pdb_seq_num 
_pdbx_poly_seq_scheme.auth_seq_num 
_pdbx_poly_seq_scheme.pdb_mon_id 
_pdbx_poly_seq_scheme.auth_mon_id 
_pdbx_poly_seq_scheme.pdb_strand_id 
_pdbx_poly_seq_scheme.pdb_ins_code 
_pdbx_poly_seq_scheme.hetero 
A 1 1 G 1 1 1 G G A . n 
A 1 2 C 2 2 2 C C A . n 
A 1 3 A 3 3 3 A A A . n 
A 1 4 G 4 4 4 G G A . n 
A 1 5 C 5 5 5 C C A . n 
A 1 6 A 6 6 6 A A A . n 
A 1 7 G 7 7 7 G G A . n 
A 1 8 C 8 8 8 C C A . n 
B 1 1 G 1 1 1 G G B . n 
B 1 2 C 2 2 2 C C B . n 
B 1 3 A 3 3 3 A A B . n 
B 1 4 G 4 4 4 G G B . n 
B 1 5 C 5 5 5 C C B . n 
B 1 6 A 6 6 6 A A B . n 
B 1 7 G 7 7 7 G G B . n 
B 1 8 C 8 8 8 C C B . n 
C 1 1 G 1 1 1 G G C . n 
C 1 2 C 2 2 2 C C C . n 
C 1 3 A 3 3 3 A A C . n 
C 1 4 G 4 4 4 G G C . n 
C 1 5 C 5 5 5 C C C . n 
C 1 6 A 6 6 6 A A C . n 
C 1 7 G 7 7 7 G G C . n 
C 1 8 C 8 8 8 C C C . n 
D 1 1 G 1 1 1 G G D . n 
D 1 2 C 2 2 2 C C D . n 
D 1 3 A 3 3 3 A A D . n 
D 1 4 G 4 4 4 G G D . n 
D 1 5 C 5 5 5 C C D . n 
D 1 6 A 6 6 6 A A D . n 
D 1 7 G 7 7 7 G G D . n 
D 1 8 C 8 8 8 C C D . n 
# 
loop_
_pdbx_nonpoly_scheme.asym_id 
_pdbx_nonpoly_scheme.entity_id 
_pdbx_nonpoly_scheme.mon_id 
_pdbx_nonpoly_scheme.ndb_seq_num 
_pdbx_nonpoly_scheme.pdb_seq_num 
_pdbx_nonpoly_scheme.auth_seq_num 
_pdbx_nonpoly_scheme.pdb_mon_id 
_pdbx_nonpoly_scheme.auth_mon_id 
_pdbx_nonpoly_scheme.pdb_strand_id 
_pdbx_nonpoly_scheme.pdb_ins_code 
E 2 J48 1  101 3   J48 C3B A . 
F 2 J48 1  102 4   J48 C3B A . 
G 2 J48 1  101 1   J48 C3B C . 
H 2 J48 1  101 2   J48 C3B D . 
I 3 HOH 1  201 167 HOH HOH A . 
I 3 HOH 2  202 7   HOH HOH A . 
I 3 HOH 3  203 61  HOH HOH A . 
I 3 HOH 4  204 74  HOH HOH A . 
I 3 HOH 5  205 39  HOH HOH A . 
I 3 HOH 6  206 107 HOH HOH A . 
I 3 HOH 7  207 144 HOH HOH A . 
I 3 HOH 8  208 69  HOH HOH A . 
I 3 HOH 9  209 6   HOH HOH A . 
I 3 HOH 10 210 99  HOH HOH A . 
I 3 HOH 11 211 105 HOH HOH A . 
I 3 HOH 12 212 42  HOH HOH A . 
I 3 HOH 13 213 111 HOH HOH A . 
I 3 HOH 14 214 77  HOH HOH A . 
I 3 HOH 15 215 73  HOH HOH A . 
I 3 HOH 16 216 37  HOH HOH A . 
I 3 HOH 17 217 58  HOH HOH A . 
I 3 HOH 18 218 60  HOH HOH A . 
I 3 HOH 19 219 19  HOH HOH A . 
I 3 HOH 20 220 20  HOH HOH A . 
I 3 HOH 21 221 72  HOH HOH A . 
I 3 HOH 22 222 149 HOH HOH A . 
I 3 HOH 23 223 116 HOH HOH A . 
I 3 HOH 24 224 120 HOH HOH A . 
I 3 HOH 25 225 109 HOH HOH A . 
I 3 HOH 26 226 131 HOH HOH A . 
I 3 HOH 27 227 113 HOH HOH A . 
I 3 HOH 28 228 103 HOH HOH A . 
I 3 HOH 29 229 76  HOH HOH A . 
I 3 HOH 30 230 63  HOH HOH A . 
I 3 HOH 31 231 44  HOH HOH A . 
I 3 HOH 32 232 25  HOH HOH A . 
I 3 HOH 33 233 128 HOH HOH A . 
I 3 HOH 34 234 26  HOH HOH A . 
I 3 HOH 35 235 161 HOH HOH A . 
I 3 HOH 36 236 141 HOH HOH A . 
I 3 HOH 37 237 158 HOH HOH A . 
I 3 HOH 38 238 145 HOH HOH A . 
I 3 HOH 39 239 89  HOH HOH A . 
I 3 HOH 40 240 166 HOH HOH A . 
I 3 HOH 41 241 179 HOH HOH A . 
I 3 HOH 42 242 98  HOH HOH A . 
I 3 HOH 43 243 15  HOH HOH A . 
I 3 HOH 44 244 96  HOH HOH A . 
I 3 HOH 45 245 156 HOH HOH A . 
I 3 HOH 46 246 162 HOH HOH A . 
I 3 HOH 47 247 178 HOH HOH A . 
I 3 HOH 48 248 57  HOH HOH A . 
I 3 HOH 49 249 163 HOH HOH A . 
J 3 HOH 1  101 32  HOH HOH B . 
J 3 HOH 2  102 118 HOH HOH B . 
J 3 HOH 3  103 85  HOH HOH B . 
J 3 HOH 4  104 93  HOH HOH B . 
J 3 HOH 5  105 171 HOH HOH B . 
J 3 HOH 6  106 154 HOH HOH B . 
J 3 HOH 7  107 108 HOH HOH B . 
J 3 HOH 8  108 62  HOH HOH B . 
J 3 HOH 9  109 153 HOH HOH B . 
J 3 HOH 10 110 125 HOH HOH B . 
J 3 HOH 11 111 130 HOH HOH B . 
J 3 HOH 12 112 55  HOH HOH B . 
J 3 HOH 13 113 56  HOH HOH B . 
J 3 HOH 14 114 115 HOH HOH B . 
J 3 HOH 15 115 165 HOH HOH B . 
J 3 HOH 16 116 47  HOH HOH B . 
J 3 HOH 17 117 70  HOH HOH B . 
J 3 HOH 18 118 50  HOH HOH B . 
J 3 HOH 19 119 36  HOH HOH B . 
J 3 HOH 20 120 3   HOH HOH B . 
J 3 HOH 21 121 123 HOH HOH B . 
J 3 HOH 22 122 10  HOH HOH B . 
J 3 HOH 23 123 169 HOH HOH B . 
J 3 HOH 24 124 140 HOH HOH B . 
J 3 HOH 25 125 54  HOH HOH B . 
J 3 HOH 26 126 159 HOH HOH B . 
J 3 HOH 27 127 88  HOH HOH B . 
J 3 HOH 28 128 64  HOH HOH B . 
J 3 HOH 29 129 45  HOH HOH B . 
J 3 HOH 30 130 53  HOH HOH B . 
J 3 HOH 31 131 170 HOH HOH B . 
J 3 HOH 32 132 147 HOH HOH B . 
J 3 HOH 33 133 175 HOH HOH B . 
J 3 HOH 34 134 80  HOH HOH B . 
J 3 HOH 35 135 139 HOH HOH B . 
K 3 HOH 1  201 49  HOH HOH C . 
K 3 HOH 2  202 82  HOH HOH C . 
K 3 HOH 3  203 101 HOH HOH C . 
K 3 HOH 4  204 28  HOH HOH C . 
K 3 HOH 5  205 133 HOH HOH C . 
K 3 HOH 6  206 112 HOH HOH C . 
K 3 HOH 7  207 168 HOH HOH C . 
K 3 HOH 8  208 135 HOH HOH C . 
K 3 HOH 9  209 132 HOH HOH C . 
K 3 HOH 10 210 67  HOH HOH C . 
K 3 HOH 11 211 137 HOH HOH C . 
K 3 HOH 12 212 17  HOH HOH C . 
K 3 HOH 13 213 1   HOH HOH C . 
K 3 HOH 14 214 23  HOH HOH C . 
K 3 HOH 15 215 4   HOH HOH C . 
K 3 HOH 16 216 90  HOH HOH C . 
K 3 HOH 17 217 124 HOH HOH C . 
K 3 HOH 18 218 46  HOH HOH C . 
K 3 HOH 19 219 31  HOH HOH C . 
K 3 HOH 20 220 16  HOH HOH C . 
K 3 HOH 21 221 59  HOH HOH C . 
K 3 HOH 22 222 121 HOH HOH C . 
K 3 HOH 23 223 11  HOH HOH C . 
K 3 HOH 24 224 97  HOH HOH C . 
K 3 HOH 25 225 114 HOH HOH C . 
K 3 HOH 26 226 100 HOH HOH C . 
K 3 HOH 27 227 9   HOH HOH C . 
K 3 HOH 28 228 119 HOH HOH C . 
K 3 HOH 29 229 48  HOH HOH C . 
K 3 HOH 30 230 66  HOH HOH C . 
K 3 HOH 31 231 35  HOH HOH C . 
K 3 HOH 32 232 75  HOH HOH C . 
K 3 HOH 33 233 14  HOH HOH C . 
K 3 HOH 34 234 146 HOH HOH C . 
K 3 HOH 35 235 143 HOH HOH C . 
K 3 HOH 36 236 30  HOH HOH C . 
K 3 HOH 37 237 106 HOH HOH C . 
K 3 HOH 38 238 95  HOH HOH C . 
K 3 HOH 39 239 43  HOH HOH C . 
K 3 HOH 40 240 87  HOH HOH C . 
K 3 HOH 41 241 94  HOH HOH C . 
K 3 HOH 42 242 78  HOH HOH C . 
K 3 HOH 43 243 104 HOH HOH C . 
K 3 HOH 44 244 176 HOH HOH C . 
K 3 HOH 45 245 148 HOH HOH C . 
K 3 HOH 46 246 142 HOH HOH C . 
K 3 HOH 47 247 12  HOH HOH C . 
K 3 HOH 48 248 150 HOH HOH C . 
K 3 HOH 49 249 172 HOH HOH C . 
L 3 HOH 1  201 151 HOH HOH D . 
L 3 HOH 2  202 27  HOH HOH D . 
L 3 HOH 3  203 5   HOH HOH D . 
L 3 HOH 4  204 13  HOH HOH D . 
L 3 HOH 5  205 2   HOH HOH D . 
L 3 HOH 6  206 91  HOH HOH D . 
L 3 HOH 7  207 102 HOH HOH D . 
L 3 HOH 8  208 174 HOH HOH D . 
L 3 HOH 9  209 155 HOH HOH D . 
L 3 HOH 10 210 51  HOH HOH D . 
L 3 HOH 11 211 38  HOH HOH D . 
L 3 HOH 12 212 18  HOH HOH D . 
L 3 HOH 13 213 160 HOH HOH D . 
L 3 HOH 14 214 129 HOH HOH D . 
L 3 HOH 15 215 21  HOH HOH D . 
L 3 HOH 16 216 41  HOH HOH D . 
L 3 HOH 17 217 8   HOH HOH D . 
L 3 HOH 18 218 52  HOH HOH D . 
L 3 HOH 19 219 134 HOH HOH D . 
L 3 HOH 20 220 33  HOH HOH D . 
L 3 HOH 21 221 79  HOH HOH D . 
L 3 HOH 22 222 84  HOH HOH D . 
L 3 HOH 23 223 110 HOH HOH D . 
L 3 HOH 24 224 117 HOH HOH D . 
L 3 HOH 25 225 71  HOH HOH D . 
L 3 HOH 26 226 68  HOH HOH D . 
L 3 HOH 27 227 164 HOH HOH D . 
L 3 HOH 28 228 22  HOH HOH D . 
L 3 HOH 29 229 29  HOH HOH D . 
L 3 HOH 30 230 83  HOH HOH D . 
L 3 HOH 31 231 138 HOH HOH D . 
L 3 HOH 32 232 40  HOH HOH D . 
L 3 HOH 33 233 122 HOH HOH D . 
L 3 HOH 34 234 81  HOH HOH D . 
L 3 HOH 35 235 86  HOH HOH D . 
L 3 HOH 36 236 136 HOH HOH D . 
L 3 HOH 37 237 173 HOH HOH D . 
L 3 HOH 38 238 157 HOH HOH D . 
L 3 HOH 39 239 24  HOH HOH D . 
L 3 HOH 40 240 65  HOH HOH D . 
L 3 HOH 41 241 34  HOH HOH D . 
L 3 HOH 42 242 126 HOH HOH D . 
# 
loop_
_software.citation_id 
_software.classification 
_software.compiler_name 
_software.compiler_version 
_software.contact_author 
_software.contact_author_email 
_software.date 
_software.description 
_software.dependencies 
_software.hardware 
_software.language 
_software.location 
_software.mods 
_software.name 
_software.os 
_software.os_version 
_software.type 
_software.version 
_software.pdbx_ordinal 
? refinement       ? ? ? ? ? ? ? ? ? ? ? PHENIX ? ? ? '(1.13_2998: ???)' 1 
? 'data reduction' ? ? ? ? ? ? ? ? ? ? ? XDS    ? ? ? .                  2 
? 'data scaling'   ? ? ? ? ? ? ? ? ? ? ? XDS    ? ? ? .                  3 
? phasing          ? ? ? ? ? ? ? ? ? ? ? PHASER ? ? ? .                  4 
# 
_cell.angle_alpha                  90.00 
_cell.angle_alpha_esd              ? 
_cell.angle_beta                   104.06 
_cell.angle_beta_esd               ? 
_cell.angle_gamma                  90.00 
_cell.angle_gamma_esd              ? 
_cell.entry_id                     6QIT 
_cell.details                      ? 
_cell.formula_units_Z              ? 
_cell.length_a                     35.233 
_cell.length_a_esd                 ? 
_cell.length_b                     50.989 
_cell.length_b_esd                 ? 
_cell.length_c                     39.554 
_cell.length_c_esd                 ? 
_cell.volume                       ? 
_cell.volume_esd                   ? 
_cell.Z_PDB                        8 
_cell.reciprocal_angle_alpha       ? 
_cell.reciprocal_angle_beta        ? 
_cell.reciprocal_angle_gamma       ? 
_cell.reciprocal_angle_alpha_esd   ? 
_cell.reciprocal_angle_beta_esd    ? 
_cell.reciprocal_angle_gamma_esd   ? 
_cell.reciprocal_length_a          ? 
_cell.reciprocal_length_b          ? 
_cell.reciprocal_length_c          ? 
_cell.reciprocal_length_a_esd      ? 
_cell.reciprocal_length_b_esd      ? 
_cell.reciprocal_length_c_esd      ? 
_cell.pdbx_unique_axis             ? 
# 
_symmetry.entry_id                         6QIT 
_symmetry.cell_setting                     ? 
_symmetry.Int_Tables_number                4 
_symmetry.space_group_name_Hall            ? 
_symmetry.space_group_name_H-M             'P 1 21 1' 
_symmetry.pdbx_full_space_group_name_H-M   ? 
# 
_exptl.absorpt_coefficient_mu     ? 
_exptl.absorpt_correction_T_max   ? 
_exptl.absorpt_correction_T_min   ? 
_exptl.absorpt_correction_type    ? 
_exptl.absorpt_process_details    ? 
_exptl.entry_id                   6QIT 
_exptl.crystals_number            1 
_exptl.details                    ? 
_exptl.method                     'X-RAY DIFFRACTION' 
_exptl.method_details             ? 
# 
_exptl_crystal.colour                      ? 
_exptl_crystal.density_diffrn              ? 
_exptl_crystal.density_Matthews            3.36 
_exptl_crystal.density_method              ? 
_exptl_crystal.density_percent_sol         63.39 
_exptl_crystal.description                 ? 
_exptl_crystal.F_000                       ? 
_exptl_crystal.id                          1 
_exptl_crystal.preparation                 ? 
_exptl_crystal.size_max                    ? 
_exptl_crystal.size_mid                    ? 
_exptl_crystal.size_min                    ? 
_exptl_crystal.size_rad                    ? 
_exptl_crystal.colour_lustre               ? 
_exptl_crystal.colour_modifier             ? 
_exptl_crystal.colour_primary              ? 
_exptl_crystal.density_meas                ? 
_exptl_crystal.density_meas_esd            ? 
_exptl_crystal.density_meas_gt             ? 
_exptl_crystal.density_meas_lt             ? 
_exptl_crystal.density_meas_temp           ? 
_exptl_crystal.density_meas_temp_esd       ? 
_exptl_crystal.density_meas_temp_gt        ? 
_exptl_crystal.density_meas_temp_lt        ? 
_exptl_crystal.pdbx_crystal_image_url      ? 
_exptl_crystal.pdbx_crystal_image_format   ? 
_exptl_crystal.pdbx_mosaicity              ? 
_exptl_crystal.pdbx_mosaicity_esd          ? 
# 
_exptl_crystal_grow.apparatus       ? 
_exptl_crystal_grow.atmosphere      ? 
_exptl_crystal_grow.crystal_id      1 
_exptl_crystal_grow.details         ? 
_exptl_crystal_grow.method          'VAPOR DIFFUSION, SITTING DROP' 
_exptl_crystal_grow.method_ref      ? 
_exptl_crystal_grow.pH              6.0 
_exptl_crystal_grow.pressure        ? 
_exptl_crystal_grow.pressure_esd    ? 
_exptl_crystal_grow.seeding         ? 
_exptl_crystal_grow.seeding_ref     ? 
_exptl_crystal_grow.temp            292 
_exptl_crystal_grow.temp_details    ? 
_exptl_crystal_grow.temp_esd        ? 
_exptl_crystal_grow.time            ? 
_exptl_crystal_grow.pdbx_details    '20 mM magnesium acetate and 1.7 M ammonium sulfate' 
_exptl_crystal_grow.pdbx_pH_range   ? 
# 
_diffrn.ambient_environment              ? 
_diffrn.ambient_temp                     100 
_diffrn.ambient_temp_details             ? 
_diffrn.ambient_temp_esd                 ? 
_diffrn.crystal_id                       1 
_diffrn.crystal_support                  ? 
_diffrn.crystal_treatment                ? 
_diffrn.details                          ? 
_diffrn.id                               1 
_diffrn.ambient_pressure                 ? 
_diffrn.ambient_pressure_esd             ? 
_diffrn.ambient_pressure_gt              ? 
_diffrn.ambient_pressure_lt              ? 
_diffrn.ambient_temp_gt                  ? 
_diffrn.ambient_temp_lt                  ? 
_diffrn.pdbx_serial_crystal_experiment   N 
# 
_diffrn_detector.details                      ? 
_diffrn_detector.detector                     PIXEL 
_diffrn_detector.diffrn_id                    1 
_diffrn_detector.type                         'DECTRIS PILATUS3 S 6M' 
_diffrn_detector.area_resol_mean              ? 
_diffrn_detector.dtime                        ? 
_diffrn_detector.pdbx_frames_total            ? 
_diffrn_detector.pdbx_collection_time_total   ? 
_diffrn_detector.pdbx_collection_date         2017-11-23 
_diffrn_detector.pdbx_frequency               ? 
# 
_diffrn_radiation.collimation                      ? 
_diffrn_radiation.diffrn_id                        1 
_diffrn_radiation.filter_edge                      ? 
_diffrn_radiation.inhomogeneity                    ? 
_diffrn_radiation.monochromator                    ? 
_diffrn_radiation.polarisn_norm                    ? 
_diffrn_radiation.polarisn_ratio                   ? 
_diffrn_radiation.probe                            ? 
_diffrn_radiation.type                             ? 
_diffrn_radiation.xray_symbol                      ? 
_diffrn_radiation.wavelength_id                    1 
_diffrn_radiation.pdbx_monochromatic_or_laue_m_l   M 
_diffrn_radiation.pdbx_wavelength_list             ? 
_diffrn_radiation.pdbx_wavelength                  ? 
_diffrn_radiation.pdbx_diffrn_protocol             'SINGLE WAVELENGTH' 
_diffrn_radiation.pdbx_analyzer                    ? 
_diffrn_radiation.pdbx_scattering_type             x-ray 
# 
_diffrn_radiation_wavelength.id           1 
_diffrn_radiation_wavelength.wavelength   0.9 
_diffrn_radiation_wavelength.wt           1.0 
# 
_diffrn_source.current                     ? 
_diffrn_source.details                     ? 
_diffrn_source.diffrn_id                   1 
_diffrn_source.power                       ? 
_diffrn_source.size                        ? 
_diffrn_source.source                      SYNCHROTRON 
_diffrn_source.target                      ? 
_diffrn_source.type                        'BESSY BEAMLINE 14.1' 
_diffrn_source.voltage                     ? 
_diffrn_source.take-off_angle              ? 
_diffrn_source.pdbx_wavelength_list        0.9 
_diffrn_source.pdbx_wavelength             ? 
_diffrn_source.pdbx_synchrotron_beamline   14.1 
_diffrn_source.pdbx_synchrotron_site       BESSY 
# 
_reflns.B_iso_Wilson_estimate            ? 
_reflns.entry_id                         6QIT 
_reflns.data_reduction_details           ? 
_reflns.data_reduction_method            ? 
_reflns.d_resolution_high                1.50 
_reflns.d_resolution_low                 29.3 
_reflns.details                          ? 
_reflns.limit_h_max                      ? 
_reflns.limit_h_min                      ? 
_reflns.limit_k_max                      ? 
_reflns.limit_k_min                      ? 
_reflns.limit_l_max                      ? 
_reflns.limit_l_min                      ? 
_reflns.number_all                       ? 
_reflns.number_obs                       20979 
_reflns.observed_criterion               ? 
_reflns.observed_criterion_F_max         ? 
_reflns.observed_criterion_F_min         ? 
_reflns.observed_criterion_I_max         ? 
_reflns.observed_criterion_I_min         ? 
_reflns.observed_criterion_sigma_F       ? 
_reflns.observed_criterion_sigma_I       ? 
_reflns.percent_possible_obs             96.1 
_reflns.R_free_details                   ? 
_reflns.Rmerge_F_all                     ? 
_reflns.Rmerge_F_obs                     ? 
_reflns.Friedel_coverage                 ? 
_reflns.number_gt                        ? 
_reflns.threshold_expression             ? 
_reflns.pdbx_redundancy                  2.8 
_reflns.pdbx_Rmerge_I_obs                0.056 
_reflns.pdbx_Rmerge_I_all                ? 
_reflns.pdbx_Rsym_value                  ? 
_reflns.pdbx_netI_over_av_sigmaI         ? 
_reflns.pdbx_netI_over_sigmaI            11.0 
_reflns.pdbx_res_netI_over_av_sigmaI_2   ? 
_reflns.pdbx_res_netI_over_sigmaI_2      ? 
_reflns.pdbx_chi_squared                 ? 
_reflns.pdbx_scaling_rejects             ? 
_reflns.pdbx_d_res_high_opt              ? 
_reflns.pdbx_d_res_low_opt               ? 
_reflns.pdbx_d_res_opt_method            ? 
_reflns.phase_calculation_details        ? 
_reflns.pdbx_Rrim_I_all                  ? 
_reflns.pdbx_Rpim_I_all                  ? 
_reflns.pdbx_d_opt                       ? 
_reflns.pdbx_number_measured_all         ? 
_reflns.pdbx_diffrn_id                   1 
_reflns.pdbx_ordinal                     1 
_reflns.pdbx_CC_half                     0.99 
_reflns.pdbx_R_split                     ? 
# 
_reflns_shell.d_res_high                  1.50 
_reflns_shell.d_res_low                   1.59 
_reflns_shell.meanI_over_sigI_all         ? 
_reflns_shell.meanI_over_sigI_obs         1.48 
_reflns_shell.number_measured_all         ? 
_reflns_shell.number_measured_obs         ? 
_reflns_shell.number_possible             ? 
_reflns_shell.number_unique_all           ? 
_reflns_shell.number_unique_obs           3317 
_reflns_shell.percent_possible_all        94.3 
_reflns_shell.percent_possible_obs        ? 
_reflns_shell.Rmerge_F_all                ? 
_reflns_shell.Rmerge_F_obs                ? 
_reflns_shell.Rmerge_I_all                ? 
_reflns_shell.Rmerge_I_obs                0.752 
_reflns_shell.meanI_over_sigI_gt          ? 
_reflns_shell.meanI_over_uI_all           ? 
_reflns_shell.meanI_over_uI_gt            ? 
_reflns_shell.number_measured_gt          ? 
_reflns_shell.number_unique_gt            ? 
_reflns_shell.percent_possible_gt         ? 
_reflns_shell.Rmerge_F_gt                 ? 
_reflns_shell.Rmerge_I_gt                 ? 
_reflns_shell.pdbx_redundancy             2.7 
_reflns_shell.pdbx_Rsym_value             ? 
_reflns_shell.pdbx_chi_squared            ? 
_reflns_shell.pdbx_netI_over_sigmaI_all   ? 
_reflns_shell.pdbx_netI_over_sigmaI_obs   ? 
_reflns_shell.pdbx_Rrim_I_all             ? 
_reflns_shell.pdbx_Rpim_I_all             ? 
_reflns_shell.pdbx_rejects                ? 
_reflns_shell.pdbx_ordinal                1 
_reflns_shell.pdbx_diffrn_id              1 
_reflns_shell.pdbx_CC_half                0.65 
_reflns_shell.pdbx_R_split                ? 
# 
_refine.aniso_B[1][1]                            ? 
_refine.aniso_B[1][2]                            ? 
_refine.aniso_B[1][3]                            ? 
_refine.aniso_B[2][2]                            ? 
_refine.aniso_B[2][3]                            ? 
_refine.aniso_B[3][3]                            ? 
_refine.B_iso_max                                ? 
_refine.B_iso_mean                               ? 
_refine.B_iso_min                                ? 
_refine.correlation_coeff_Fo_to_Fc               ? 
_refine.correlation_coeff_Fo_to_Fc_free          ? 
_refine.details                                  ? 
_refine.diff_density_max                         ? 
_refine.diff_density_max_esd                     ? 
_refine.diff_density_min                         ? 
_refine.diff_density_min_esd                     ? 
_refine.diff_density_rms                         ? 
_refine.diff_density_rms_esd                     ? 
_refine.entry_id                                 6QIT 
_refine.pdbx_refine_id                           'X-RAY DIFFRACTION' 
_refine.ls_abs_structure_details                 ? 
_refine.ls_abs_structure_Flack                   ? 
_refine.ls_abs_structure_Flack_esd               ? 
_refine.ls_abs_structure_Rogers                  ? 
_refine.ls_abs_structure_Rogers_esd              ? 
_refine.ls_d_res_high                            1.501 
_refine.ls_d_res_low                             29.300 
_refine.ls_extinction_coef                       ? 
_refine.ls_extinction_coef_esd                   ? 
_refine.ls_extinction_expression                 ? 
_refine.ls_extinction_method                     ? 
_refine.ls_goodness_of_fit_all                   ? 
_refine.ls_goodness_of_fit_all_esd               ? 
_refine.ls_goodness_of_fit_obs                   ? 
_refine.ls_goodness_of_fit_obs_esd               ? 
_refine.ls_hydrogen_treatment                    ? 
_refine.ls_matrix_type                           ? 
_refine.ls_number_constraints                    ? 
_refine.ls_number_parameters                     ? 
_refine.ls_number_reflns_all                     ? 
_refine.ls_number_reflns_obs                     20920 
_refine.ls_number_reflns_R_free                  1049 
_refine.ls_number_reflns_R_work                  ? 
_refine.ls_number_restraints                     ? 
_refine.ls_percent_reflns_obs                    95.97 
_refine.ls_percent_reflns_R_free                 5.01 
_refine.ls_R_factor_all                          ? 
_refine.ls_R_factor_obs                          0.1527 
_refine.ls_R_factor_R_free                       0.1952 
_refine.ls_R_factor_R_free_error                 ? 
_refine.ls_R_factor_R_free_error_details         ? 
_refine.ls_R_factor_R_work                       0.1504 
_refine.ls_R_Fsqd_factor_obs                     ? 
_refine.ls_R_I_factor_obs                        ? 
_refine.ls_redundancy_reflns_all                 ? 
_refine.ls_redundancy_reflns_obs                 ? 
_refine.ls_restrained_S_all                      ? 
_refine.ls_restrained_S_obs                      ? 
_refine.ls_shift_over_esd_max                    ? 
_refine.ls_shift_over_esd_mean                   ? 
_refine.ls_structure_factor_coef                 ? 
_refine.ls_weighting_details                     ? 
_refine.ls_weighting_scheme                      ? 
_refine.ls_wR_factor_all                         ? 
_refine.ls_wR_factor_obs                         ? 
_refine.ls_wR_factor_R_free                      ? 
_refine.ls_wR_factor_R_work                      ? 
_refine.occupancy_max                            ? 
_refine.occupancy_min                            ? 
_refine.solvent_model_details                    'FLAT BULK SOLVENT MODEL' 
_refine.solvent_model_param_bsol                 ? 
_refine.solvent_model_param_ksol                 ? 
_refine.ls_R_factor_gt                           ? 
_refine.ls_goodness_of_fit_gt                    ? 
_refine.ls_goodness_of_fit_ref                   ? 
_refine.ls_shift_over_su_max                     ? 
_refine.ls_shift_over_su_max_lt                  ? 
_refine.ls_shift_over_su_mean                    ? 
_refine.ls_shift_over_su_mean_lt                 ? 
_refine.pdbx_ls_sigma_I                          ? 
_refine.pdbx_ls_sigma_F                          1.36 
_refine.pdbx_ls_sigma_Fsqd                       ? 
_refine.pdbx_data_cutoff_high_absF               ? 
_refine.pdbx_data_cutoff_high_rms_absF           ? 
_refine.pdbx_data_cutoff_low_absF                ? 
_refine.pdbx_isotropic_thermal_model             ? 
_refine.pdbx_ls_cross_valid_method               'FREE R-VALUE' 
_refine.pdbx_method_to_determine_struct          ? 
_refine.pdbx_starting_model                      ? 
_refine.pdbx_stereochemistry_target_values       ML 
_refine.pdbx_R_Free_selection_details            ? 
_refine.pdbx_stereochem_target_val_spec_case     ? 
_refine.pdbx_overall_ESU_R                       ? 
_refine.pdbx_overall_ESU_R_Free                  ? 
_refine.pdbx_solvent_vdw_probe_radii             1.11 
_refine.pdbx_solvent_ion_probe_radii             ? 
_refine.pdbx_solvent_shrinkage_radii             0.90 
_refine.pdbx_real_space_R                        ? 
_refine.pdbx_density_correlation                 ? 
_refine.pdbx_pd_number_of_powder_patterns        ? 
_refine.pdbx_pd_number_of_points                 ? 
_refine.pdbx_pd_meas_number_of_points            ? 
_refine.pdbx_pd_proc_ls_prof_R_factor            ? 
_refine.pdbx_pd_proc_ls_prof_wR_factor           ? 
_refine.pdbx_pd_Marquardt_correlation_coeff      ? 
_refine.pdbx_pd_Fsqrd_R_factor                   ? 
_refine.pdbx_pd_ls_matrix_band_width             ? 
_refine.pdbx_overall_phase_error                 21.10 
_refine.pdbx_overall_SU_R_free_Cruickshank_DPI   ? 
_refine.pdbx_overall_SU_R_free_Blow_DPI          ? 
_refine.pdbx_overall_SU_R_Blow_DPI               ? 
_refine.pdbx_TLS_residual_ADP_flag               ? 
_refine.pdbx_diffrn_id                           1 
_refine.overall_SU_B                             ? 
_refine.overall_SU_ML                            0.17 
_refine.overall_SU_R_Cruickshank_DPI             ? 
_refine.overall_SU_R_free                        ? 
_refine.overall_FOM_free_R_set                   ? 
_refine.overall_FOM_work_R_set                   ? 
_refine.pdbx_average_fsc_overall                 ? 
_refine.pdbx_average_fsc_work                    ? 
_refine.pdbx_average_fsc_free                    ? 
# 
_refine_hist.pdbx_refine_id                   'X-RAY DIFFRACTION' 
_refine_hist.cycle_id                         LAST 
_refine_hist.pdbx_number_atoms_protein        0 
_refine_hist.pdbx_number_atoms_nucleic_acid   680 
_refine_hist.pdbx_number_atoms_ligand         148 
_refine_hist.number_atoms_solvent             175 
_refine_hist.number_atoms_total               1003 
_refine_hist.d_res_high                       1.501 
_refine_hist.d_res_low                        29.300 
# 
loop_
_refine_ls_restr.pdbx_refine_id 
_refine_ls_restr.criterion 
_refine_ls_restr.dev_ideal 
_refine_ls_restr.dev_ideal_target 
_refine_ls_restr.number 
_refine_ls_restr.rejects 
_refine_ls_restr.type 
_refine_ls_restr.weight 
_refine_ls_restr.pdbx_restraint_function 
'X-RAY DIFFRACTION' ? 0.009  ? 957  ? f_bond_d           ? ? 
'X-RAY DIFFRACTION' ? 1.484  ? 1453 ? f_angle_d          ? ? 
'X-RAY DIFFRACTION' ? 11.336 ? 582  ? f_dihedral_angle_d ? ? 
'X-RAY DIFFRACTION' ? 0.069  ? 164  ? f_chiral_restr     ? ? 
'X-RAY DIFFRACTION' ? 0.010  ? 186  ? f_plane_restr      ? ? 
# 
loop_
_refine_ls_shell.pdbx_refine_id 
_refine_ls_shell.d_res_high 
_refine_ls_shell.d_res_low 
_refine_ls_shell.number_reflns_all 
_refine_ls_shell.number_reflns_obs 
_refine_ls_shell.number_reflns_R_free 
_refine_ls_shell.number_reflns_R_work 
_refine_ls_shell.percent_reflns_obs 
_refine_ls_shell.percent_reflns_R_free 
_refine_ls_shell.R_factor_all 
_refine_ls_shell.R_factor_obs 
_refine_ls_shell.R_factor_R_free 
_refine_ls_shell.R_factor_R_free_error 
_refine_ls_shell.R_factor_R_work 
_refine_ls_shell.redundancy_reflns_all 
_refine_ls_shell.redundancy_reflns_obs 
_refine_ls_shell.wR_factor_all 
_refine_ls_shell.wR_factor_obs 
_refine_ls_shell.wR_factor_R_free 
_refine_ls_shell.wR_factor_R_work 
_refine_ls_shell.pdbx_total_number_of_bins_used 
_refine_ls_shell.pdbx_phase_error 
_refine_ls_shell.pdbx_fsc_work 
_refine_ls_shell.pdbx_fsc_free 
'X-RAY DIFFRACTION' 1.5013 1.5804  . . 146 2764 94.00 . . . 0.2855 . 0.2162 . . . . . . . . . . 
'X-RAY DIFFRACTION' 1.5804 1.6794  . . 149 2820 96.00 . . . 0.2480 . 0.1693 . . . . . . . . . . 
'X-RAY DIFFRACTION' 1.6794 1.8091  . . 150 2841 96.00 . . . 0.2202 . 0.1555 . . . . . . . . . . 
'X-RAY DIFFRACTION' 1.8091 1.9911  . . 149 2833 97.00 . . . 0.2356 . 0.1420 . . . . . . . . . . 
'X-RAY DIFFRACTION' 1.9911 2.2791  . . 151 2872 97.00 . . . 0.1815 . 0.1520 . . . . . . . . . . 
'X-RAY DIFFRACTION' 2.2791 2.8711  . . 153 2893 97.00 . . . 0.2365 . 0.1775 . . . . . . . . . . 
'X-RAY DIFFRACTION' 2.8711 29.3057 . . 151 2848 95.00 . . . 0.1553 . 0.1304 . . . . . . . . . . 
# 
_struct.entry_id                     6QIT 
_struct.title                        'Crystal structure of CAG repeats with synthetic CMBL3b compound' 
_struct.pdbx_model_details           ? 
_struct.pdbx_formula_weight          ? 
_struct.pdbx_formula_weight_method   ? 
_struct.pdbx_model_type_details      ? 
_struct.pdbx_CASP_flag               N 
# 
_struct_keywords.entry_id        6QIT 
_struct_keywords.text            'CAG repeats, CMBL, RNA complex with ligand, RNA' 
_struct_keywords.pdbx_keywords   RNA 
# 
loop_
_struct_asym.id 
_struct_asym.pdbx_blank_PDB_chainid_flag 
_struct_asym.pdbx_modified 
_struct_asym.entity_id 
_struct_asym.details 
A N N 1 ? 
B N N 1 ? 
C N N 1 ? 
D N N 1 ? 
E N N 2 ? 
F N N 2 ? 
G N N 2 ? 
H N N 2 ? 
I N N 3 ? 
J N N 3 ? 
K N N 3 ? 
L N N 3 ? 
# 
_struct_ref.id                         1 
_struct_ref.db_name                    PDB 
_struct_ref.db_code                    6QIT 
_struct_ref.pdbx_db_accession          6QIT 
_struct_ref.pdbx_db_isoform            ? 
_struct_ref.entity_id                  1 
_struct_ref.pdbx_seq_one_letter_code   ? 
_struct_ref.pdbx_align_begin           1 
# 
loop_
_struct_ref_seq.align_id 
_struct_ref_seq.ref_id 
_struct_ref_seq.pdbx_PDB_id_code 
_struct_ref_seq.pdbx_strand_id 
_struct_ref_seq.seq_align_beg 
_struct_ref_seq.pdbx_seq_align_beg_ins_code 
_struct_ref_seq.seq_align_end 
_struct_ref_seq.pdbx_seq_align_end_ins_code 
_struct_ref_seq.pdbx_db_accession 
_struct_ref_seq.db_align_beg 
_struct_ref_seq.pdbx_db_align_beg_ins_code 
_struct_ref_seq.db_align_end 
_struct_ref_seq.pdbx_db_align_end_ins_code 
_struct_ref_seq.pdbx_auth_seq_align_beg 
_struct_ref_seq.pdbx_auth_seq_align_end 
1 1 6QIT A 1 ? 8 ? 6QIT 1 ? 8 ? 1 8 
2 1 6QIT B 1 ? 8 ? 6QIT 1 ? 8 ? 1 8 
3 1 6QIT C 1 ? 8 ? 6QIT 1 ? 8 ? 1 8 
4 1 6QIT D 1 ? 8 ? 6QIT 1 ? 8 ? 1 8 
# 
loop_
_pdbx_struct_assembly.id 
_pdbx_struct_assembly.details 
_pdbx_struct_assembly.method_details 
_pdbx_struct_assembly.oligomeric_details 
_pdbx_struct_assembly.oligomeric_count 
1 author_defined_assembly ? dimeric 2 
2 author_defined_assembly ? dimeric 2 
# 
loop_
_pdbx_struct_assembly_gen.assembly_id 
_pdbx_struct_assembly_gen.oper_expression 
_pdbx_struct_assembly_gen.asym_id_list 
1 1 A,B,E,F,I,J 
2 1 C,D,G,H,K,L 
# 
_pdbx_struct_assembly_auth_evidence.id                     1 
_pdbx_struct_assembly_auth_evidence.assembly_id            1 
_pdbx_struct_assembly_auth_evidence.experimental_support   none 
_pdbx_struct_assembly_auth_evidence.details                ? 
# 
_pdbx_struct_oper_list.id                   1 
_pdbx_struct_oper_list.type                 'identity operation' 
_pdbx_struct_oper_list.name                 1_555 
_pdbx_struct_oper_list.symmetry_operation   x,y,z 
_pdbx_struct_oper_list.matrix[1][1]         1.0000000000 
_pdbx_struct_oper_list.matrix[1][2]         0.0000000000 
_pdbx_struct_oper_list.matrix[1][3]         0.0000000000 
_pdbx_struct_oper_list.vector[1]            0.0000000000 
_pdbx_struct_oper_list.matrix[2][1]         0.0000000000 
_pdbx_struct_oper_list.matrix[2][2]         1.0000000000 
_pdbx_struct_oper_list.matrix[2][3]         0.0000000000 
_pdbx_struct_oper_list.vector[2]            0.0000000000 
_pdbx_struct_oper_list.matrix[3][1]         0.0000000000 
_pdbx_struct_oper_list.matrix[3][2]         0.0000000000 
_pdbx_struct_oper_list.matrix[3][3]         1.0000000000 
_pdbx_struct_oper_list.vector[3]            0.0000000000 
# 
loop_
_struct_conn.id 
_struct_conn.conn_type_id 
_struct_conn.pdbx_leaving_atom_flag 
_struct_conn.pdbx_PDB_id 
_struct_conn.ptnr1_label_asym_id 
_struct_conn.ptnr1_label_comp_id 
_struct_conn.ptnr1_label_seq_id 
_struct_conn.ptnr1_label_atom_id 
_struct_conn.pdbx_ptnr1_label_alt_id 
_struct_conn.pdbx_ptnr1_PDB_ins_code 
_struct_conn.pdbx_ptnr1_standard_comp_id 
_struct_conn.ptnr1_symmetry 
_struct_conn.ptnr2_label_asym_id 
_struct_conn.ptnr2_label_comp_id 
_struct_conn.ptnr2_label_seq_id 
_struct_conn.ptnr2_label_atom_id 
_struct_conn.pdbx_ptnr2_label_alt_id 
_struct_conn.pdbx_ptnr2_PDB_ins_code 
_struct_conn.ptnr1_auth_asym_id 
_struct_conn.ptnr1_auth_comp_id 
_struct_conn.ptnr1_auth_seq_id 
_struct_conn.ptnr2_auth_asym_id 
_struct_conn.ptnr2_auth_comp_id 
_struct_conn.ptnr2_auth_seq_id 
_struct_conn.ptnr2_symmetry 
_struct_conn.pdbx_ptnr3_label_atom_id 
_struct_conn.pdbx_ptnr3_label_seq_id 
_struct_conn.pdbx_ptnr3_label_comp_id 
_struct_conn.pdbx_ptnr3_label_asym_id 
_struct_conn.pdbx_ptnr3_label_alt_id 
_struct_conn.pdbx_ptnr3_PDB_ins_code 
_struct_conn.details 
_struct_conn.pdbx_dist_value 
_struct_conn.pdbx_value_order 
_struct_conn.pdbx_role 
hydrog1  hydrog ? ? A G 1 N1 ? ? ? 1_555 B C 8 N3 ? ? A G 1 B C 8 1_555 ? ? ? ? ? ? WATSON-CRICK  ? ? ? 
hydrog2  hydrog ? ? A G 1 N2 ? ? ? 1_555 B C 8 O2 ? ? A G 1 B C 8 1_555 ? ? ? ? ? ? WATSON-CRICK  ? ? ? 
hydrog3  hydrog ? ? A G 1 O6 ? ? ? 1_555 B C 8 N4 ? ? A G 1 B C 8 1_555 ? ? ? ? ? ? WATSON-CRICK  ? ? ? 
hydrog4  hydrog ? ? A C 2 N3 ? ? ? 1_555 B G 7 N1 ? ? A C 2 B G 7 1_555 ? ? ? ? ? ? WATSON-CRICK  ? ? ? 
hydrog5  hydrog ? ? A C 2 N4 ? ? ? 1_555 B G 7 O6 ? ? A C 2 B G 7 1_555 ? ? ? ? ? ? WATSON-CRICK  ? ? ? 
hydrog6  hydrog ? ? A C 2 O2 ? ? ? 1_555 B G 7 N2 ? ? A C 2 B G 7 1_555 ? ? ? ? ? ? WATSON-CRICK  ? ? ? 
hydrog7  hydrog ? ? A C 5 N4 ? ? ? 1_555 D C 5 O2 ? ? A C 5 D C 5 1_555 ? ? ? ? ? ? 'C-C MISPAIR' ? ? ? 
hydrog8  hydrog ? ? A G 7 N1 ? ? ? 1_555 B C 2 N3 ? ? A G 7 B C 2 1_555 ? ? ? ? ? ? WATSON-CRICK  ? ? ? 
hydrog9  hydrog ? ? A G 7 N2 ? ? ? 1_555 B C 2 O2 ? ? A G 7 B C 2 1_555 ? ? ? ? ? ? WATSON-CRICK  ? ? ? 
hydrog10 hydrog ? ? A G 7 O6 ? ? ? 1_555 B C 2 N4 ? ? A G 7 B C 2 1_555 ? ? ? ? ? ? WATSON-CRICK  ? ? ? 
hydrog11 hydrog ? ? A C 8 N3 ? ? ? 1_555 B G 1 N1 ? ? A C 8 B G 1 1_555 ? ? ? ? ? ? WATSON-CRICK  ? ? ? 
hydrog12 hydrog ? ? A C 8 N4 ? ? ? 1_555 B G 1 O6 ? ? A C 8 B G 1 1_555 ? ? ? ? ? ? WATSON-CRICK  ? ? ? 
hydrog13 hydrog ? ? A C 8 O2 ? ? ? 1_555 B G 1 N2 ? ? A C 8 B G 1 1_555 ? ? ? ? ? ? WATSON-CRICK  ? ? ? 
hydrog14 hydrog ? ? C G 1 N1 ? ? ? 1_555 D C 8 N3 ? ? C G 1 D C 8 1_555 ? ? ? ? ? ? WATSON-CRICK  ? ? ? 
hydrog15 hydrog ? ? C G 1 N2 ? ? ? 1_555 D C 8 O2 ? ? C G 1 D C 8 1_555 ? ? ? ? ? ? WATSON-CRICK  ? ? ? 
hydrog16 hydrog ? ? C G 1 O6 ? ? ? 1_555 D C 8 N4 ? ? C G 1 D C 8 1_555 ? ? ? ? ? ? WATSON-CRICK  ? ? ? 
hydrog17 hydrog ? ? C C 2 N3 ? ? ? 1_555 D G 7 N1 ? ? C C 2 D G 7 1_555 ? ? ? ? ? ? WATSON-CRICK  ? ? ? 
hydrog18 hydrog ? ? C C 2 N4 ? ? ? 1_555 D G 7 O6 ? ? C C 2 D G 7 1_555 ? ? ? ? ? ? WATSON-CRICK  ? ? ? 
hydrog19 hydrog ? ? C C 2 O2 ? ? ? 1_555 D G 7 N2 ? ? C C 2 D G 7 1_555 ? ? ? ? ? ? WATSON-CRICK  ? ? ? 
hydrog20 hydrog ? ? C G 7 N1 ? ? ? 1_555 D C 2 N3 ? ? C G 7 D C 2 1_555 ? ? ? ? ? ? WATSON-CRICK  ? ? ? 
hydrog21 hydrog ? ? C G 7 N2 ? ? ? 1_555 D C 2 O2 ? ? C G 7 D C 2 1_555 ? ? ? ? ? ? WATSON-CRICK  ? ? ? 
hydrog22 hydrog ? ? C G 7 O6 ? ? ? 1_555 D C 2 N4 ? ? C G 7 D C 2 1_555 ? ? ? ? ? ? WATSON-CRICK  ? ? ? 
hydrog23 hydrog ? ? C C 8 N3 ? ? ? 1_555 D G 1 N1 ? ? C C 8 D G 1 1_555 ? ? ? ? ? ? WATSON-CRICK  ? ? ? 
hydrog24 hydrog ? ? C C 8 N4 ? ? ? 1_555 D G 1 O6 ? ? C C 8 D G 1 1_555 ? ? ? ? ? ? WATSON-CRICK  ? ? ? 
hydrog25 hydrog ? ? C C 8 O2 ? ? ? 1_555 D G 1 N2 ? ? C C 8 D G 1 1_555 ? ? ? ? ? ? WATSON-CRICK  ? ? ? 
# 
_struct_conn_type.id          hydrog 
_struct_conn_type.criteria    ? 
_struct_conn_type.reference   ? 
# 
loop_
_struct_site.id 
_struct_site.pdbx_evidence_code 
_struct_site.pdbx_auth_asym_id 
_struct_site.pdbx_auth_comp_id 
_struct_site.pdbx_auth_seq_id 
_struct_site.pdbx_auth_ins_code 
_struct_site.pdbx_num_residues 
_struct_site.details 
AC1 Software A J48 101 ? 11 'binding site for residue J48 A 101' 
AC2 Software A J48 102 ? 10 'binding site for residue J48 A 102' 
AC3 Software C J48 101 ? 10 'binding site for residue J48 C 101' 
AC4 Software D J48 101 ? 11 'binding site for residue J48 D 101' 
# 
loop_
_struct_site_gen.id 
_struct_site_gen.site_id 
_struct_site_gen.pdbx_num_res 
_struct_site_gen.label_comp_id 
_struct_site_gen.label_asym_id 
_struct_site_gen.label_seq_id 
_struct_site_gen.pdbx_auth_ins_code 
_struct_site_gen.auth_comp_id 
_struct_site_gen.auth_asym_id 
_struct_site_gen.auth_seq_id 
_struct_site_gen.label_atom_id 
_struct_site_gen.label_alt_id 
_struct_site_gen.symmetry 
_struct_site_gen.details 
1  AC1 11 A   A 3 ? A   A 3   . ? 1_555 ? 
2  AC1 11 C   A 5 ? C   A 5   . ? 1_555 ? 
3  AC1 11 A   A 6 ? A   A 6   . ? 1_555 ? 
4  AC1 11 G   A 7 ? G   A 7   . ? 1_555 ? 
5  AC1 11 J48 F . ? J48 A 102 . ? 1_555 ? 
6  AC1 11 HOH I . ? HOH A 202 . ? 1_555 ? 
7  AC1 11 HOH I . ? HOH A 206 . ? 1_555 ? 
8  AC1 11 HOH I . ? HOH A 227 . ? 1_555 ? 
9  AC1 11 C   B 2 ? C   B 2   . ? 1_555 ? 
10 AC1 11 A   B 3 ? A   B 3   . ? 1_555 ? 
11 AC1 11 HOH J . ? HOH B 119 . ? 1_555 ? 
12 AC2 10 C   A 2 ? C   A 2   . ? 1_555 ? 
13 AC2 10 A   A 3 ? A   A 3   . ? 1_555 ? 
14 AC2 10 J48 E . ? J48 A 101 . ? 1_555 ? 
15 AC2 10 HOH I . ? HOH A 201 . ? 1_555 ? 
16 AC2 10 HOH I . ? HOH A 204 . ? 1_555 ? 
17 AC2 10 HOH I . ? HOH A 211 . ? 1_555 ? 
18 AC2 10 A   B 3 ? A   B 3   . ? 1_555 ? 
19 AC2 10 C   B 5 ? C   B 5   . ? 1_555 ? 
20 AC2 10 A   B 6 ? A   B 6   . ? 1_555 ? 
21 AC2 10 G   B 7 ? G   B 7   . ? 1_555 ? 
22 AC3 10 A   C 3 ? A   C 3   . ? 1_555 ? 
23 AC3 10 A   C 6 ? A   C 6   . ? 1_555 ? 
24 AC3 10 G   C 7 ? G   C 7   . ? 1_555 ? 
25 AC3 10 HOH K . ? HOH C 204 . ? 1_555 ? 
26 AC3 10 HOH K . ? HOH C 212 . ? 1_555 ? 
27 AC3 10 HOH K . ? HOH C 219 . ? 1_555 ? 
28 AC3 10 C   D 2 ? C   D 2   . ? 1_555 ? 
29 AC3 10 A   D 3 ? A   D 3   . ? 1_555 ? 
30 AC3 10 C   D 5 ? C   D 5   . ? 1_555 ? 
31 AC3 10 J48 H . ? J48 D 101 . ? 1_555 ? 
32 AC4 11 C   C 2 ? C   C 2   . ? 1_555 ? 
33 AC4 11 A   C 3 ? A   C 3   . ? 1_555 ? 
34 AC4 11 J48 G . ? J48 C 101 . ? 1_555 ? 
35 AC4 11 HOH K . ? HOH C 222 . ? 1_555 ? 
36 AC4 11 A   D 3 ? A   D 3   . ? 1_555 ? 
37 AC4 11 A   D 6 ? A   D 6   . ? 1_555 ? 
38 AC4 11 G   D 7 ? G   D 7   . ? 1_555 ? 
39 AC4 11 HOH L . ? HOH D 201 . ? 1_555 ? 
40 AC4 11 HOH L . ? HOH D 202 . ? 1_555 ? 
41 AC4 11 HOH L . ? HOH D 204 . ? 1_555 ? 
42 AC4 11 HOH L . ? HOH D 233 . ? 1_555 ? 
# 
loop_
_chem_comp_atom.comp_id 
_chem_comp_atom.atom_id 
_chem_comp_atom.type_symbol 
_chem_comp_atom.pdbx_aromatic_flag 
_chem_comp_atom.pdbx_stereo_config 
_chem_comp_atom.pdbx_ordinal 
A   OP3    O N N 1   
A   P      P N N 2   
A   OP1    O N N 3   
A   OP2    O N N 4   
A   "O5'"  O N N 5   
A   "C5'"  C N N 6   
A   "C4'"  C N R 7   
A   "O4'"  O N N 8   
A   "C3'"  C N S 9   
A   "O3'"  O N N 10  
A   "C2'"  C N R 11  
A   "O2'"  O N N 12  
A   "C1'"  C N R 13  
A   N9     N Y N 14  
A   C8     C Y N 15  
A   N7     N Y N 16  
A   C5     C Y N 17  
A   C6     C Y N 18  
A   N6     N N N 19  
A   N1     N Y N 20  
A   C2     C Y N 21  
A   N3     N Y N 22  
A   C4     C Y N 23  
A   HOP3   H N N 24  
A   HOP2   H N N 25  
A   "H5'"  H N N 26  
A   "H5''" H N N 27  
A   "H4'"  H N N 28  
A   "H3'"  H N N 29  
A   "HO3'" H N N 30  
A   "H2'"  H N N 31  
A   "HO2'" H N N 32  
A   "H1'"  H N N 33  
A   H8     H N N 34  
A   H61    H N N 35  
A   H62    H N N 36  
A   H2     H N N 37  
C   OP3    O N N 38  
C   P      P N N 39  
C   OP1    O N N 40  
C   OP2    O N N 41  
C   "O5'"  O N N 42  
C   "C5'"  C N N 43  
C   "C4'"  C N R 44  
C   "O4'"  O N N 45  
C   "C3'"  C N S 46  
C   "O3'"  O N N 47  
C   "C2'"  C N R 48  
C   "O2'"  O N N 49  
C   "C1'"  C N R 50  
C   N1     N N N 51  
C   C2     C N N 52  
C   O2     O N N 53  
C   N3     N N N 54  
C   C4     C N N 55  
C   N4     N N N 56  
C   C5     C N N 57  
C   C6     C N N 58  
C   HOP3   H N N 59  
C   HOP2   H N N 60  
C   "H5'"  H N N 61  
C   "H5''" H N N 62  
C   "H4'"  H N N 63  
C   "H3'"  H N N 64  
C   "HO3'" H N N 65  
C   "H2'"  H N N 66  
C   "HO2'" H N N 67  
C   "H1'"  H N N 68  
C   H41    H N N 69  
C   H42    H N N 70  
C   H5     H N N 71  
C   H6     H N N 72  
G   OP3    O N N 73  
G   P      P N N 74  
G   OP1    O N N 75  
G   OP2    O N N 76  
G   "O5'"  O N N 77  
G   "C5'"  C N N 78  
G   "C4'"  C N R 79  
G   "O4'"  O N N 80  
G   "C3'"  C N S 81  
G   "O3'"  O N N 82  
G   "C2'"  C N R 83  
G   "O2'"  O N N 84  
G   "C1'"  C N R 85  
G   N9     N Y N 86  
G   C8     C Y N 87  
G   N7     N Y N 88  
G   C5     C Y N 89  
G   C6     C N N 90  
G   O6     O N N 91  
G   N1     N N N 92  
G   C2     C N N 93  
G   N2     N N N 94  
G   N3     N N N 95  
G   C4     C Y N 96  
G   HOP3   H N N 97  
G   HOP2   H N N 98  
G   "H5'"  H N N 99  
G   "H5''" H N N 100 
G   "H4'"  H N N 101 
G   "H3'"  H N N 102 
G   "HO3'" H N N 103 
G   "H2'"  H N N 104 
G   "HO2'" H N N 105 
G   "H1'"  H N N 106 
G   H8     H N N 107 
G   H1     H N N 108 
G   H21    H N N 109 
G   H22    H N N 110 
HOH O      O N N 111 
HOH H1     H N N 112 
HOH H2     H N N 113 
J48 C8     C Y N 114 
J48 C9     C Y N 115 
J48 C10    C Y N 116 
J48 C11    C Y N 117 
J48 C12    C Y N 118 
J48 C13    C Y N 119 
J48 N1     N Y N 120 
J48 C6     C Y N 121 
J48 C3     C Y N 122 
J48 C5     C Y N 123 
J48 C4     C Y N 124 
J48 C2     C Y N 125 
J48 C15    C Y N 126 
J48 C16    C Y N 127 
J48 C17    C Y N 128 
J48 C18    C Y N 129 
J48 C19    C Y N 130 
J48 C22    C N N 131 
J48 C26    C N N 132 
J48 C29    C N N 133 
J48 C30    C N N 134 
J48 C31    C N N 135 
J48 C32    C N N 136 
J48 C33    C N N 137 
J48 C34    C N N 138 
J48 C36    C N N 139 
J48 C37    C N N 140 
J48 N14    N Y N 141 
J48 N20    N Y N 142 
J48 N21    N N N 143 
J48 N25    N N N 144 
J48 N35    N N N 145 
J48 N7     N Y N 146 
J48 O23    O N N 147 
J48 O24    O N N 148 
J48 O27    O N N 149 
J48 O28    O N N 150 
J48 H1     H N N 151 
J48 H2     H N N 152 
J48 H3     H N N 153 
J48 H4     H N N 154 
J48 H5     H N N 155 
J48 H6     H N N 156 
J48 H7     H N N 157 
J48 H8     H N N 158 
J48 H9     H N N 159 
J48 H10    H N N 160 
J48 H11    H N N 161 
J48 H12    H N N 162 
J48 H13    H N N 163 
J48 H14    H N N 164 
J48 H15    H N N 165 
J48 H16    H N N 166 
J48 H17    H N N 167 
J48 H18    H N N 168 
J48 H19    H N N 169 
J48 H20    H N N 170 
J48 H21    H N N 171 
J48 H22    H N N 172 
J48 H23    H N N 173 
J48 H24    H N N 174 
J48 H25    H N N 175 
J48 H26    H N N 176 
# 
loop_
_chem_comp_bond.comp_id 
_chem_comp_bond.atom_id_1 
_chem_comp_bond.atom_id_2 
_chem_comp_bond.value_order 
_chem_comp_bond.pdbx_aromatic_flag 
_chem_comp_bond.pdbx_stereo_config 
_chem_comp_bond.pdbx_ordinal 
A   OP3   P      sing N N 1   
A   OP3   HOP3   sing N N 2   
A   P     OP1    doub N N 3   
A   P     OP2    sing N N 4   
A   P     "O5'"  sing N N 5   
A   OP2   HOP2   sing N N 6   
A   "O5'" "C5'"  sing N N 7   
A   "C5'" "C4'"  sing N N 8   
A   "C5'" "H5'"  sing N N 9   
A   "C5'" "H5''" sing N N 10  
A   "C4'" "O4'"  sing N N 11  
A   "C4'" "C3'"  sing N N 12  
A   "C4'" "H4'"  sing N N 13  
A   "O4'" "C1'"  sing N N 14  
A   "C3'" "O3'"  sing N N 15  
A   "C3'" "C2'"  sing N N 16  
A   "C3'" "H3'"  sing N N 17  
A   "O3'" "HO3'" sing N N 18  
A   "C2'" "O2'"  sing N N 19  
A   "C2'" "C1'"  sing N N 20  
A   "C2'" "H2'"  sing N N 21  
A   "O2'" "HO2'" sing N N 22  
A   "C1'" N9     sing N N 23  
A   "C1'" "H1'"  sing N N 24  
A   N9    C8     sing Y N 25  
A   N9    C4     sing Y N 26  
A   C8    N7     doub Y N 27  
A   C8    H8     sing N N 28  
A   N7    C5     sing Y N 29  
A   C5    C6     sing Y N 30  
A   C5    C4     doub Y N 31  
A   C6    N6     sing N N 32  
A   C6    N1     doub Y N 33  
A   N6    H61    sing N N 34  
A   N6    H62    sing N N 35  
A   N1    C2     sing Y N 36  
A   C2    N3     doub Y N 37  
A   C2    H2     sing N N 38  
A   N3    C4     sing Y N 39  
C   OP3   P      sing N N 40  
C   OP3   HOP3   sing N N 41  
C   P     OP1    doub N N 42  
C   P     OP2    sing N N 43  
C   P     "O5'"  sing N N 44  
C   OP2   HOP2   sing N N 45  
C   "O5'" "C5'"  sing N N 46  
C   "C5'" "C4'"  sing N N 47  
C   "C5'" "H5'"  sing N N 48  
C   "C5'" "H5''" sing N N 49  
C   "C4'" "O4'"  sing N N 50  
C   "C4'" "C3'"  sing N N 51  
C   "C4'" "H4'"  sing N N 52  
C   "O4'" "C1'"  sing N N 53  
C   "C3'" "O3'"  sing N N 54  
C   "C3'" "C2'"  sing N N 55  
C   "C3'" "H3'"  sing N N 56  
C   "O3'" "HO3'" sing N N 57  
C   "C2'" "O2'"  sing N N 58  
C   "C2'" "C1'"  sing N N 59  
C   "C2'" "H2'"  sing N N 60  
C   "O2'" "HO2'" sing N N 61  
C   "C1'" N1     sing N N 62  
C   "C1'" "H1'"  sing N N 63  
C   N1    C2     sing N N 64  
C   N1    C6     sing N N 65  
C   C2    O2     doub N N 66  
C   C2    N3     sing N N 67  
C   N3    C4     doub N N 68  
C   C4    N4     sing N N 69  
C   C4    C5     sing N N 70  
C   N4    H41    sing N N 71  
C   N4    H42    sing N N 72  
C   C5    C6     doub N N 73  
C   C5    H5     sing N N 74  
C   C6    H6     sing N N 75  
G   OP3   P      sing N N 76  
G   OP3   HOP3   sing N N 77  
G   P     OP1    doub N N 78  
G   P     OP2    sing N N 79  
G   P     "O5'"  sing N N 80  
G   OP2   HOP2   sing N N 81  
G   "O5'" "C5'"  sing N N 82  
G   "C5'" "C4'"  sing N N 83  
G   "C5'" "H5'"  sing N N 84  
G   "C5'" "H5''" sing N N 85  
G   "C4'" "O4'"  sing N N 86  
G   "C4'" "C3'"  sing N N 87  
G   "C4'" "H4'"  sing N N 88  
G   "O4'" "C1'"  sing N N 89  
G   "C3'" "O3'"  sing N N 90  
G   "C3'" "C2'"  sing N N 91  
G   "C3'" "H3'"  sing N N 92  
G   "O3'" "HO3'" sing N N 93  
G   "C2'" "O2'"  sing N N 94  
G   "C2'" "C1'"  sing N N 95  
G   "C2'" "H2'"  sing N N 96  
G   "O2'" "HO2'" sing N N 97  
G   "C1'" N9     sing N N 98  
G   "C1'" "H1'"  sing N N 99  
G   N9    C8     sing Y N 100 
G   N9    C4     sing Y N 101 
G   C8    N7     doub Y N 102 
G   C8    H8     sing N N 103 
G   N7    C5     sing Y N 104 
G   C5    C6     sing N N 105 
G   C5    C4     doub Y N 106 
G   C6    O6     doub N N 107 
G   C6    N1     sing N N 108 
G   N1    C2     sing N N 109 
G   N1    H1     sing N N 110 
G   C2    N2     sing N N 111 
G   C2    N3     doub N N 112 
G   N2    H21    sing N N 113 
G   N2    H22    sing N N 114 
G   N3    C4     sing N N 115 
HOH O     H1     sing N N 116 
HOH O     H2     sing N N 117 
J48 C17   C18    doub Y N 118 
J48 C17   C12    sing Y N 119 
J48 O28   C26    doub N N 120 
J48 C18   C19    sing Y N 121 
J48 C11   C12    doub Y N 122 
J48 C11   C16    sing Y N 123 
J48 C12   C13    sing Y N 124 
J48 C26   N25    sing N N 125 
J48 C26   O27    sing N N 126 
J48 C31   C37    sing N N 127 
J48 C31   O27    sing N N 128 
J48 C19   N25    sing N N 129 
J48 C19   N20    doub Y N 130 
J48 C16   C15    doub Y N 131 
J48 C37   C33    sing N N 132 
J48 C13   N20    sing Y N 133 
J48 C13   N14    doub Y N 134 
J48 C15   N14    sing Y N 135 
J48 C15   C36    sing N N 136 
J48 C33   C32    doub N E 137 
J48 C32   C30    sing N N 138 
J48 C36   N35    sing N N 139 
J48 N35   C34    sing N N 140 
J48 C30   C29    sing N N 141 
J48 O23   C29    sing N N 142 
J48 O23   C22    sing N N 143 
J48 C34   C6     sing N N 144 
J48 N21   C22    sing N N 145 
J48 N21   C8     sing N N 146 
J48 N1    C6     doub Y N 147 
J48 N1    C2     sing Y N 148 
J48 N7    C8     doub Y N 149 
J48 N7    C2     sing Y N 150 
J48 C22   O24    doub N N 151 
J48 C6    C5     sing Y N 152 
J48 C8    C9     sing Y N 153 
J48 C2    C3     doub Y N 154 
J48 C5    C4     doub Y N 155 
J48 C9    C10    doub Y N 156 
J48 C3    C4     sing Y N 157 
J48 C3    C10    sing Y N 158 
J48 C9    H1     sing N N 159 
J48 C10   H2     sing N N 160 
J48 C11   H3     sing N N 161 
J48 C5    H4     sing N N 162 
J48 C4    H5     sing N N 163 
J48 C16   H6     sing N N 164 
J48 C17   H7     sing N N 165 
J48 C18   H8     sing N N 166 
J48 C29   H9     sing N N 167 
J48 C29   H10    sing N N 168 
J48 C30   H11    sing N N 169 
J48 C30   H12    sing N N 170 
J48 C31   H13    sing N N 171 
J48 C31   H14    sing N N 172 
J48 C32   H15    sing N N 173 
J48 C33   H16    sing N N 174 
J48 C34   H17    sing N N 175 
J48 C34   H18    sing N N 176 
J48 C36   H19    sing N N 177 
J48 C36   H20    sing N N 178 
J48 C37   H21    sing N N 179 
J48 C37   H22    sing N N 180 
J48 N21   H23    sing N N 181 
J48 N25   H24    sing N N 182 
J48 N35   H25    sing N N 183 
J48 N35   H26    sing N N 184 
# 
_ndb_struct_conf_na.entry_id   6QIT 
_ndb_struct_conf_na.feature    'double helix' 
# 
loop_
_ndb_struct_na_base_pair.model_number 
_ndb_struct_na_base_pair.i_label_asym_id 
_ndb_struct_na_base_pair.i_label_comp_id 
_ndb_struct_na_base_pair.i_label_seq_id 
_ndb_struct_na_base_pair.i_symmetry 
_ndb_struct_na_base_pair.j_label_asym_id 
_ndb_struct_na_base_pair.j_label_comp_id 
_ndb_struct_na_base_pair.j_label_seq_id 
_ndb_struct_na_base_pair.j_symmetry 
_ndb_struct_na_base_pair.shear 
_ndb_struct_na_base_pair.stretch 
_ndb_struct_na_base_pair.stagger 
_ndb_struct_na_base_pair.buckle 
_ndb_struct_na_base_pair.propeller 
_ndb_struct_na_base_pair.opening 
_ndb_struct_na_base_pair.pair_number 
_ndb_struct_na_base_pair.pair_name 
_ndb_struct_na_base_pair.i_auth_asym_id 
_ndb_struct_na_base_pair.i_auth_seq_id 
_ndb_struct_na_base_pair.i_PDB_ins_code 
_ndb_struct_na_base_pair.j_auth_asym_id 
_ndb_struct_na_base_pair.j_auth_seq_id 
_ndb_struct_na_base_pair.j_PDB_ins_code 
_ndb_struct_na_base_pair.hbond_type_28 
_ndb_struct_na_base_pair.hbond_type_12 
1 A G 1 1_555 B C 8 1_555 -0.246 -0.133 0.154  1.092  -4.226 -0.023 1 A_G1:C8_B A 1 ? B 8 ? 19 1 
1 A C 2 1_555 B G 7 1_555 0.278  -0.156 -0.038 2.930  -8.032 -0.315 2 A_C2:G7_B A 2 ? B 7 ? 19 1 
1 A C 5 1_555 D C 5 1_555 -2.706 0.344  0.116  16.993 34.247 89.043 3 A_C5:C5_D A 5 ? D 5 ? ?  ? 
1 A G 7 1_555 B C 2 1_555 -0.186 -0.063 -0.089 -8.529 -8.402 2.072  4 A_G7:C2_B A 7 ? B 2 ? 19 1 
1 A C 8 1_555 B G 1 1_555 0.272  -0.100 0.121  2.223  -4.373 -1.371 5 A_C8:G1_B A 8 ? B 1 ? 19 1 
1 C G 1 1_555 D C 8 1_555 -0.223 -0.172 -0.070 -4.300 -4.091 -0.166 6 C_G1:C8_D C 1 ? D 8 ? 19 1 
1 C C 2 1_555 D G 7 1_555 0.178  -0.129 -0.053 -0.266 -9.751 -0.857 7 C_C2:G7_D C 2 ? D 7 ? 19 1 
1 C G 7 1_555 D C 2 1_555 -0.170 -0.127 -0.063 -4.260 -6.826 0.782  8 C_G7:C2_D C 7 ? D 2 ? 19 1 
1 C C 8 1_555 D G 1 1_555 0.326  -0.067 -0.034 2.337  -3.305 0.762  9 C_C8:G1_D C 8 ? D 1 ? 19 1 
# 
loop_
_ndb_struct_na_base_pair_step.model_number 
_ndb_struct_na_base_pair_step.i_label_asym_id_1 
_ndb_struct_na_base_pair_step.i_label_comp_id_1 
_ndb_struct_na_base_pair_step.i_label_seq_id_1 
_ndb_struct_na_base_pair_step.i_symmetry_1 
_ndb_struct_na_base_pair_step.j_label_asym_id_1 
_ndb_struct_na_base_pair_step.j_label_comp_id_1 
_ndb_struct_na_base_pair_step.j_label_seq_id_1 
_ndb_struct_na_base_pair_step.j_symmetry_1 
_ndb_struct_na_base_pair_step.i_label_asym_id_2 
_ndb_struct_na_base_pair_step.i_label_comp_id_2 
_ndb_struct_na_base_pair_step.i_label_seq_id_2 
_ndb_struct_na_base_pair_step.i_symmetry_2 
_ndb_struct_na_base_pair_step.j_label_asym_id_2 
_ndb_struct_na_base_pair_step.j_label_comp_id_2 
_ndb_struct_na_base_pair_step.j_label_seq_id_2 
_ndb_struct_na_base_pair_step.j_symmetry_2 
_ndb_struct_na_base_pair_step.shift 
_ndb_struct_na_base_pair_step.slide 
_ndb_struct_na_base_pair_step.rise 
_ndb_struct_na_base_pair_step.tilt 
_ndb_struct_na_base_pair_step.roll 
_ndb_struct_na_base_pair_step.twist 
_ndb_struct_na_base_pair_step.x_displacement 
_ndb_struct_na_base_pair_step.y_displacement 
_ndb_struct_na_base_pair_step.helical_rise 
_ndb_struct_na_base_pair_step.inclination 
_ndb_struct_na_base_pair_step.tip 
_ndb_struct_na_base_pair_step.helical_twist 
_ndb_struct_na_base_pair_step.step_number 
_ndb_struct_na_base_pair_step.step_name 
_ndb_struct_na_base_pair_step.i_auth_asym_id_1 
_ndb_struct_na_base_pair_step.i_auth_seq_id_1 
_ndb_struct_na_base_pair_step.i_PDB_ins_code_1 
_ndb_struct_na_base_pair_step.j_auth_asym_id_1 
_ndb_struct_na_base_pair_step.j_auth_seq_id_1 
_ndb_struct_na_base_pair_step.j_PDB_ins_code_1 
_ndb_struct_na_base_pair_step.i_auth_asym_id_2 
_ndb_struct_na_base_pair_step.i_auth_seq_id_2 
_ndb_struct_na_base_pair_step.i_PDB_ins_code_2 
_ndb_struct_na_base_pair_step.j_auth_asym_id_2 
_ndb_struct_na_base_pair_step.j_auth_seq_id_2 
_ndb_struct_na_base_pair_step.j_PDB_ins_code_2 
1 A G 1 1_555 B C 8 1_555 A C 2 1_555 B G 7 1_555 -0.451 -1.957 3.232 -0.622 1.953 33.392 -3.713 0.683 3.124 3.395 1.081  33.453 1 
AA_G1C2:G7C8_BB A 1 ? B 8 ? A 2 ? B 7 ? 
1 A G 7 1_555 B C 2 1_555 A C 8 1_555 B G 1 1_555 -0.752 -2.156 3.096 -1.945 0.080 28.598 -4.371 1.100 3.133 0.162 3.932  28.663 2 
AA_G7C8:G1C2_BB A 7 ? B 2 ? A 8 ? B 1 ? 
1 C G 1 1_555 D C 8 1_555 C C 2 1_555 D G 7 1_555 -0.475 -2.121 3.264 -0.537 0.958 30.407 -4.231 0.799 3.205 1.826 1.023  30.427 3 
CC_G1C2:G7C8_DD C 1 ? D 8 ? C 2 ? D 7 ? 
1 C G 7 1_555 D C 2 1_555 C C 8 1_555 D G 1 1_555 -0.098 -1.703 3.099 0.392  2.647 34.836 -3.208 0.218 2.965 4.414 -0.653 34.935 4 
CC_G7C8:G1C2_DD C 7 ? D 2 ? C 8 ? D 1 ? 
# 
_pdbx_audit_support.funding_organization   ? 
_pdbx_audit_support.country                Poland 
_pdbx_audit_support.grant_number           'NCN 2017/26/E/NZ1/00950' 
_pdbx_audit_support.ordinal                1 
# 
_atom_sites.entry_id                    6QIT 
_atom_sites.fract_transf_matrix[1][1]   0.01546973 
_atom_sites.fract_transf_matrix[1][2]   -0.01244715 
_atom_sites.fract_transf_matrix[1][3]   0.02149027 
_atom_sites.fract_transf_matrix[2][1]   -0.00309024 
_atom_sites.fract_transf_matrix[2][2]   -0.01764068 
_atom_sites.fract_transf_matrix[2][3]   -0.00799296 
_atom_sites.fract_transf_matrix[3][1]   0.02443438 
_atom_sites.fract_transf_matrix[3][2]   -0.00017208 
_atom_sites.fract_transf_matrix[3][3]   -0.00906704 
_atom_sites.fract_transf_vector[1]      0.431726 
_atom_sites.fract_transf_vector[2]      0.198841 
_atom_sites.fract_transf_vector[3]      -0.086253 
# 
loop_
_atom_type.symbol 
C 
N 
O 
P 
# 
loop_
_atom_site.group_PDB 
_atom_site.id 
_atom_site.type_symbol 
_atom_site.label_atom_id 
_atom_site.label_alt_id 
_atom_site.label_comp_id 
_atom_site.label_asym_id 
_atom_site.label_entity_id 
_atom_site.label_seq_id 
_atom_site.pdbx_PDB_ins_code 
_atom_site.Cartn_x 
_atom_site.Cartn_y 
_atom_site.Cartn_z 
_atom_site.occupancy 
_atom_site.B_iso_or_equiv 
_atom_site.pdbx_formal_charge 
_atom_site.auth_seq_id 
_atom_site.auth_comp_id 
_atom_site.auth_asym_id 
_atom_site.auth_atom_id 
_atom_site.pdbx_PDB_model_num 
ATOM   1    O "O5'" . G   A 1 1 ? 0.004   10.930  -16.212 1.00 23.73 ? 1   G   A "O5'" 1 
ATOM   2    C "C5'" . G   A 1 1 ? 0.272   12.322  -16.281 1.00 21.33 ? 1   G   A "C5'" 1 
ATOM   3    C "C4'" . G   A 1 1 ? -0.294  13.060  -15.105 1.00 17.69 ? 1   G   A "C4'" 1 
ATOM   4    O "O4'" . G   A 1 1 ? -1.736  12.945  -15.098 1.00 18.50 ? 1   G   A "O4'" 1 
ATOM   5    C "C3'" . G   A 1 1 ? 0.136   12.534  -13.747 1.00 17.88 ? 1   G   A "C3'" 1 
ATOM   6    O "O3'" . G   A 1 1 ? 1.382   13.073  -13.360 1.00 21.72 ? 1   G   A "O3'" 1 
ATOM   7    C "C2'" . G   A 1 1 ? -1.016  12.975  -12.852 1.00 21.11 ? 1   G   A "C2'" 1 
ATOM   8    O "O2'" . G   A 1 1 ? -0.947  14.376  -12.608 1.00 20.29 ? 1   G   A "O2'" 1 
ATOM   9    C "C1'" . G   A 1 1 ? -2.193  12.744  -13.781 1.00 20.15 ? 1   G   A "C1'" 1 
ATOM   10   N N9    . G   A 1 1 ? -2.747  11.387  -13.675 1.00 19.54 ? 1   G   A N9    1 
ATOM   11   C C8    . G   A 1 1 ? -2.765  10.402  -14.632 1.00 21.23 ? 1   G   A C8    1 
ATOM   12   N N7    . G   A 1 1 ? -3.364  9.325   -14.217 1.00 19.65 ? 1   G   A N7    1 
ATOM   13   C C5    . G   A 1 1 ? -3.796  9.619   -12.917 1.00 19.44 ? 1   G   A C5    1 
ATOM   14   C C6    . G   A 1 1 ? -4.515  8.824   -11.995 1.00 19.21 ? 1   G   A C6    1 
ATOM   15   O O6    . G   A 1 1 ? -4.953  7.671   -12.143 1.00 19.10 ? 1   G   A O6    1 
ATOM   16   N N1    . G   A 1 1 ? -4.704  9.511   -10.806 1.00 17.55 ? 1   G   A N1    1 
ATOM   17   C C2    . G   A 1 1 ? -4.282  10.791  -10.536 1.00 17.89 ? 1   G   A C2    1 
ATOM   18   N N2    . G   A 1 1 ? -4.591  11.241  -9.308  1.00 20.16 ? 1   G   A N2    1 
ATOM   19   N N3    . G   A 1 1 ? -3.648  11.555  -11.405 1.00 17.36 ? 1   G   A N3    1 
ATOM   20   C C4    . G   A 1 1 ? -3.414  10.887  -12.548 1.00 17.51 ? 1   G   A C4    1 
ATOM   21   P P     . C   A 1 2 ? 2.353   12.256  -12.372 1.00 22.73 ? 2   C   A P     1 
ATOM   22   O OP1   . C   A 1 2 ? 3.618   13.045  -12.352 1.00 25.29 ? 2   C   A OP1   1 
ATOM   23   O OP2   . C   A 1 2 ? 2.403   10.820  -12.746 1.00 23.80 ? 2   C   A OP2   1 
ATOM   24   O "O5'" . C   A 1 2 ? 1.616   12.318  -10.965 1.00 20.05 ? 2   C   A "O5'" 1 
ATOM   25   C "C5'" . C   A 1 2 ? 1.518   13.523  -10.249 1.00 20.62 ? 2   C   A "C5'" 1 
ATOM   26   C "C4'" . C   A 1 2 ? 0.708   13.299  -9.018  1.00 20.14 ? 2   C   A "C4'" 1 
ATOM   27   O "O4'" . C   A 1 2 ? -0.570  12.730  -9.373  1.00 17.28 ? 2   C   A "O4'" 1 
ATOM   28   C "C3'" . C   A 1 2 ? 1.302   12.274  -8.090  1.00 20.52 ? 2   C   A "C3'" 1 
ATOM   29   O "O3'" . C   A 1 2 ? 2.299   12.819  -7.280  1.00 24.61 ? 2   C   A "O3'" 1 
ATOM   30   C "C2'" . C   A 1 2 ? 0.103   11.807  -7.298  1.00 18.97 ? 2   C   A "C2'" 1 
ATOM   31   O "O2'" . C   A 1 2 ? -0.216  12.745  -6.279  1.00 23.97 ? 2   C   A "O2'" 1 
ATOM   32   C "C1'" . C   A 1 2 ? -0.980  11.835  -8.365  1.00 17.92 ? 2   C   A "C1'" 1 
ATOM   33   N N1    . C   A 1 2 ? -1.187  10.512  -8.992  1.00 16.66 ? 2   C   A N1    1 
ATOM   34   C C2    . C   A 1 2 ? -1.965  9.576   -8.296  1.00 19.35 ? 2   C   A C2    1 
ATOM   35   O O2    . C   A 1 2 ? -2.335  9.858   -7.141  1.00 20.08 ? 2   C   A O2    1 
ATOM   36   N N3    . C   A 1 2 ? -2.219  8.404   -8.863  1.00 18.52 ? 2   C   A N3    1 
ATOM   37   C C4    . C   A 1 2 ? -1.796  8.114   -10.106 1.00 18.66 ? 2   C   A C4    1 
ATOM   38   N N4    . C   A 1 2 ? -2.118  6.906   -10.619 1.00 19.08 ? 2   C   A N4    1 
ATOM   39   C C5    . C   A 1 2 ? -1.050  9.071   -10.870 1.00 18.29 ? 2   C   A C5    1 
ATOM   40   C C6    . C   A 1 2 ? -0.769  10.262  -10.270 1.00 17.79 ? 2   C   A C6    1 
ATOM   41   P P     . A   A 1 3 ? 3.643   12.027  -6.981  1.00 26.17 ? 3   A   A P     1 
ATOM   42   O OP1   . A   A 1 3 ? 4.444   12.877  -6.118  1.00 32.22 ? 3   A   A OP1   1 
ATOM   43   O OP2   . A   A 1 3 ? 4.185   11.521  -8.231  1.00 26.79 ? 3   A   A OP2   1 
ATOM   44   O "O5'" . A   A 1 3 ? 3.141   10.743  -6.193  1.00 21.33 ? 3   A   A "O5'" 1 
ATOM   45   C "C5'" . A   A 1 3 ? 2.655   10.835  -4.856  1.00 21.63 ? 3   A   A "C5'" 1 
ATOM   46   C "C4'" . A   A 1 3 ? 3.312   9.781   -4.009  1.00 21.09 ? 3   A   A "C4'" 1 
ATOM   47   O "O4'" . A   A 1 3 ? 2.913   8.454   -4.462  1.00 24.54 ? 3   A   A "O4'" 1 
ATOM   48   C "C3'" . A   A 1 3 ? 4.837   9.787   -4.041  1.00 23.13 ? 3   A   A "C3'" 1 
ATOM   49   O "O3'" . A   A 1 3 ? 5.274   9.432   -2.740  1.00 27.13 ? 3   A   A "O3'" 1 
ATOM   50   C "C2'" . A   A 1 3 ? 5.139   8.673   -5.036  1.00 21.31 ? 3   A   A "C2'" 1 
ATOM   51   O "O2'" . A   A 1 3 ? 6.473   8.208   -5.028  1.00 25.34 ? 3   A   A "O2'" 1 
ATOM   52   C "C1'" . A   A 1 3 ? 4.062   7.661   -4.651  1.00 24.53 ? 3   A   A "C1'" 1 
ATOM   53   N N9    . A   A 1 3 ? 3.767   6.664   -5.682  1.00 22.23 ? 3   A   A N9    1 
ATOM   54   C C8    . A   A 1 3 ? 4.162   6.704   -6.994  1.00 21.77 ? 3   A   A C8    1 
ATOM   55   N N7    . A   A 1 3 ? 3.773   5.670   -7.696  1.00 18.02 ? 3   A   A N7    1 
ATOM   56   C C5    . A   A 1 3 ? 3.074   4.893   -6.786  1.00 17.07 ? 3   A   A C5    1 
ATOM   57   C C6    . A   A 1 3 ? 2.402   3.667   -6.911  1.00 16.66 ? 3   A   A C6    1 
ATOM   58   N N6    . A   A 1 3 ? 2.332   2.974   -8.048  1.00 17.34 ? 3   A   A N6    1 
ATOM   59   N N1    . A   A 1 3 ? 1.821   3.155   -5.809  1.00 18.90 ? 3   A   A N1    1 
ATOM   60   C C2    . A   A 1 3 ? 1.896   3.846   -4.668  1.00 19.49 ? 3   A   A C2    1 
ATOM   61   N N3    . A   A 1 3 ? 2.493   5.009   -4.425  1.00 19.73 ? 3   A   A N3    1 
ATOM   62   C C4    . A   A 1 3 ? 3.062   5.491   -5.541  1.00 19.89 ? 3   A   A C4    1 
ATOM   63   P P     . G   A 1 4 ? 5.664   10.550  -1.661  1.00 24.17 ? 4   G   A P     1 
ATOM   64   O OP1   . G   A 1 4 ? 4.682   10.604  -0.592  1.00 26.93 ? 4   G   A OP1   1 
ATOM   65   O OP2   . G   A 1 4 ? 6.096   11.770  -2.348  1.00 25.42 ? 4   G   A OP2   1 
ATOM   66   O "O5'" . G   A 1 4 ? 6.928   9.894   -0.962  1.00 25.48 ? 4   G   A "O5'" 1 
ATOM   67   C "C5'" . G   A 1 4 ? 8.204   9.897   -1.588  1.00 23.23 ? 4   G   A "C5'" 1 
ATOM   68   C "C4'" . G   A 1 4 ? 9.196   9.200   -0.707  1.00 19.52 ? 4   G   A "C4'" 1 
ATOM   69   O "O4'" . G   A 1 4 ? 9.211   9.877   0.582   1.00 21.64 ? 4   G   A "O4'" 1 
ATOM   70   C "C3'" . G   A 1 4 ? 8.864   7.751   -0.364  1.00 18.27 ? 4   G   A "C3'" 1 
ATOM   71   O "O3'" . G   A 1 4 ? 9.384   6.864   -1.322  1.00 18.63 ? 4   G   A "O3'" 1 
ATOM   72   C "C2'" . G   A 1 4 ? 9.573   7.562   0.965   1.00 18.65 ? 4   G   A "C2'" 1 
ATOM   73   O "O2'" . G   A 1 4 ? 10.970  7.461   0.718   1.00 22.01 ? 4   G   A "O2'" 1 
ATOM   74   C "C1'" . G   A 1 4 ? 9.372   8.926   1.620   1.00 19.25 ? 4   G   A "C1'" 1 
ATOM   75   N N9    . G   A 1 4 ? 8.213   9.037   2.516   1.00 18.63 ? 4   G   A N9    1 
ATOM   76   C C8    . G   A 1 4 ? 6.923   9.401   2.233   1.00 16.83 ? 4   G   A C8    1 
ATOM   77   N N7    . G   A 1 4 ? 6.189   9.443   3.318   1.00 17.95 ? 4   G   A N7    1 
ATOM   78   C C5    . G   A 1 4 ? 7.065   9.125   4.358   1.00 16.77 ? 4   G   A C5    1 
ATOM   79   C C6    . G   A 1 4 ? 6.902   9.059   5.777   1.00 17.36 ? 4   G   A C6    1 
ATOM   80   O O6    . G   A 1 4 ? 5.880   9.252   6.436   1.00 18.07 ? 4   G   A O6    1 
ATOM   81   N N1    . G   A 1 4 ? 8.055   8.674   6.434   1.00 16.58 ? 4   G   A N1    1 
ATOM   82   C C2    . G   A 1 4 ? 9.263   8.450   5.836   1.00 17.74 ? 4   G   A C2    1 
ATOM   83   N N2    . G   A 1 4 ? 10.283  8.091   6.615   1.00 18.60 ? 4   G   A N2    1 
ATOM   84   N N3    . G   A 1 4 ? 9.429   8.499   4.535   1.00 18.45 ? 4   G   A N3    1 
ATOM   85   C C4    . G   A 1 4 ? 8.309   8.872   3.870   1.00 18.57 ? 4   G   A C4    1 
ATOM   86   P P     . C   A 1 5 ? 8.475   6.166   -2.422  1.00 20.22 ? 5   C   A P     1 
ATOM   87   O OP1   . C   A 1 5 ? 9.286   5.114   -3.061  1.00 20.52 ? 5   C   A OP1   1 
ATOM   88   O OP2   . C   A 1 5 ? 7.878   7.210   -3.257  1.00 22.94 ? 5   C   A OP2   1 
ATOM   89   O "O5'" . C   A 1 5 ? 7.302   5.512   -1.570  1.00 18.41 ? 5   C   A "O5'" 1 
ATOM   90   C "C5'" . C   A 1 5 ? 7.388   4.182   -1.073  1.00 18.57 ? 5   C   A "C5'" 1 
ATOM   91   C "C4'" . C   A 1 5 ? 8.025   4.171   0.293   1.00 18.11 ? 5   C   A "C4'" 1 
ATOM   92   O "O4'" . C   A 1 5 ? 7.398   5.154   1.153   1.00 17.65 ? 5   C   A "O4'" 1 
ATOM   93   C "C3'" . C   A 1 5 ? 7.950   2.841   1.043   1.00 17.56 ? 5   C   A "C3'" 1 
ATOM   94   O "O3'" . C   A 1 5 ? 9.225   2.464   1.515   1.00 18.12 ? 5   C   A "O3'" 1 
ATOM   95   C "C2'" . C   A 1 5 ? 7.061   3.160   2.240   1.00 18.70 ? 5   C   A "C2'" 1 
ATOM   96   O "O2'" . C   A 1 5 ? 7.357   2.407   3.391   1.00 20.18 ? 5   C   A "O2'" 1 
ATOM   97   C "C1'" . C   A 1 5 ? 7.361   4.637   2.459   1.00 18.70 ? 5   C   A "C1'" 1 
ATOM   98   N N1    . C   A 1 5 ? 6.299   5.299   3.221   1.00 18.46 ? 5   C   A N1    1 
ATOM   99   C C2    . C   A 1 5 ? 6.561   5.667   4.540   1.00 18.85 ? 5   C   A C2    1 
ATOM   100  O O2    . C   A 1 5 ? 7.695   5.486   4.996   1.00 19.67 ? 5   C   A O2    1 
ATOM   101  N N3    . C   A 1 5 ? 5.579   6.230   5.278   1.00 17.81 ? 5   C   A N3    1 
ATOM   102  C C4    . C   A 1 5 ? 4.369   6.409   4.750   1.00 20.15 ? 5   C   A C4    1 
ATOM   103  N N4    . C   A 1 5 ? 3.430   6.962   5.516   1.00 18.47 ? 5   C   A N4    1 
ATOM   104  C C5    . C   A 1 5 ? 4.067   6.024   3.411   1.00 17.43 ? 5   C   A C5    1 
ATOM   105  C C6    . C   A 1 5 ? 5.048   5.465   2.695   1.00 16.66 ? 5   C   A C6    1 
ATOM   106  P P     . A   A 1 6 ? 10.196  1.592   0.614   1.00 20.99 ? 6   A   A P     1 
ATOM   107  O OP1   . A   A 1 6 ? 11.383  1.217   1.475   1.00 21.73 ? 6   A   A OP1   1 
ATOM   108  O OP2   . A   A 1 6 ? 10.354  2.264   -0.695  1.00 23.21 ? 6   A   A OP2   1 
ATOM   109  O "O5'" . A   A 1 6 ? 9.335   0.309   0.237   1.00 16.80 ? 6   A   A "O5'" 1 
ATOM   110  C "C5'" . A   A 1 6 ? 8.912   -0.623  1.230   1.00 18.48 ? 6   A   A "C5'" 1 
ATOM   111  C "C4'" . A   A 1 6 ? 8.161   -1.766  0.600   1.00 18.72 ? 6   A   A "C4'" 1 
ATOM   112  O "O4'" . A   A 1 6 ? 6.986   -1.265  -0.107  1.00 18.87 ? 6   A   A "O4'" 1 
ATOM   113  C "C3'" . A   A 1 6 ? 8.906   -2.515  -0.472  1.00 19.11 ? 6   A   A "C3'" 1 
ATOM   114  O "O3'" . A   A 1 6 ? 9.818   -3.437  0.065   1.00 23.85 ? 6   A   A "O3'" 1 
ATOM   115  C "C2'" . A   A 1 6 ? 7.777   -3.162  -1.247  1.00 18.81 ? 6   A   A "C2'" 1 
ATOM   116  O "O2'" . A   A 1 6 ? 7.241   -4.225  -0.497  1.00 21.21 ? 6   A   A "O2'" 1 
ATOM   117  C "C1'" . A   A 1 6 ? 6.762   -2.039  -1.279  1.00 19.60 ? 6   A   A "C1'" 1 
ATOM   118  N N9    . A   A 1 6 ? 7.039   -1.209  -2.455  1.00 18.12 ? 6   A   A N9    1 
ATOM   119  C C8    . A   A 1 6 ? 7.597   0.039   -2.528  1.00 20.16 ? 6   A   A C8    1 
ATOM   120  N N7    . A   A 1 6 ? 7.781   0.448   -3.781  1.00 18.20 ? 6   A   A N7    1 
ATOM   121  C C5    . A   A 1 6 ? 7.341   -0.627  -4.534  1.00 15.74 ? 6   A   A C5    1 
ATOM   122  C C6    . A   A 1 6 ? 7.266   -0.843  -5.919  1.00 15.95 ? 6   A   A C6    1 
ATOM   123  N N6    . A   A 1 6 ? 7.661   0.026   -6.840  1.00 17.10 ? 6   A   A N6    1 
ATOM   124  N N1    . A   A 1 6 ? 6.772   -2.009  -6.354  1.00 17.89 ? 6   A   A N1    1 
ATOM   125  C C2    . A   A 1 6 ? 6.350   -2.900  -5.462  1.00 16.69 ? 6   A   A C2    1 
ATOM   126  N N3    . A   A 1 6 ? 6.347   -2.826  -4.130  1.00 18.51 ? 6   A   A N3    1 
ATOM   127  C C4    . A   A 1 6 ? 6.879   -1.650  -3.734  1.00 16.38 ? 6   A   A C4    1 
ATOM   128  P P     . G   A 1 7 ? 11.239  -3.705  -0.639  1.00 23.48 ? 7   G   A P     1 
ATOM   129  O OP1   . G   A 1 7 ? 11.982  -4.629  0.289   1.00 27.68 ? 7   G   A OP1   1 
ATOM   130  O OP2   . G   A 1 7 ? 11.890  -2.441  -1.000  1.00 26.64 ? 7   G   A OP2   1 
ATOM   131  O "O5'" . G   A 1 7 ? 10.891  -4.380  -2.035  1.00 23.38 ? 7   G   A "O5'" 1 
ATOM   132  C "C5'" . G   A 1 7 ? 10.180  -5.600  -2.101  1.00 21.71 ? 7   G   A "C5'" 1 
ATOM   133  C "C4'" . G   A 1 7 ? 9.939   -5.992  -3.538  1.00 19.90 ? 7   G   A "C4'" 1 
ATOM   134  O "O4'" . G   A 1 7 ? 9.076   -5.027  -4.209  1.00 19.95 ? 7   G   A "O4'" 1 
ATOM   135  C "C3'" . G   A 1 7 ? 11.178  -6.023  -4.411  1.00 19.82 ? 7   G   A "C3'" 1 
ATOM   136  O "O3'" . G   A 1 7 ? 11.936  -7.206  -4.222  1.00 21.19 ? 7   G   A "O3'" 1 
ATOM   137  C "C2'" . G   A 1 7 ? 10.575  -5.915  -5.804  1.00 18.96 ? 7   G   A "C2'" 1 
ATOM   138  O "O2'" . G   A 1 7 ? 9.943   -7.135  -6.166  1.00 18.95 ? 7   G   A "O2'" 1 
ATOM   139  C "C1'" . G   A 1 7 ? 9.477   -4.895  -5.563  1.00 19.74 ? 7   G   A "C1'" 1 
ATOM   140  N N9    . G   A 1 7 ? 9.930   -3.510  -5.815  1.00 17.80 ? 7   G   A N9    1 
ATOM   141  C C8    . G   A 1 7 ? 10.122  -2.468  -4.938  1.00 19.35 ? 7   G   A C8    1 
ATOM   142  N N7    . G   A 1 7 ? 10.487  -1.364  -5.546  1.00 19.71 ? 7   G   A N7    1 
ATOM   143  C C5    . G   A 1 7 ? 10.511  -1.683  -6.922  1.00 17.45 ? 7   G   A C5    1 
ATOM   144  C C6    . G   A 1 7 ? 10.780  -0.915  -8.096  1.00 17.79 ? 7   G   A C6    1 
ATOM   145  O O6    . G   A 1 7 ? 11.109  0.262   -8.182  1.00 20.70 ? 7   G   A O6    1 
ATOM   146  N N1    . G   A 1 7 ? 10.693  -1.680  -9.265  1.00 17.39 ? 7   G   A N1    1 
ATOM   147  C C2    . G   A 1 7 ? 10.340  -3.000  -9.305  1.00 18.04 ? 7   G   A C2    1 
ATOM   148  N N2    . G   A 1 7 ? 10.317  -3.564  -10.500 1.00 16.53 ? 7   G   A N2    1 
ATOM   149  N N3    . G   A 1 7 ? 10.060  -3.716  -8.223  1.00 18.73 ? 7   G   A N3    1 
ATOM   150  C C4    . G   A 1 7 ? 10.152  -3.003  -7.091  1.00 17.77 ? 7   G   A C4    1 
ATOM   151  P P     . C   A 1 8 ? 13.518  -7.212  -4.466  1.00 21.63 ? 8   C   A P     1 
ATOM   152  O OP1   . C   A 1 8 ? 13.928  -8.559  -4.036  1.00 25.64 ? 8   C   A OP1   1 
ATOM   153  O OP2   . C   A 1 8 ? 14.163  -5.995  -3.908  1.00 21.82 ? 8   C   A OP2   1 
ATOM   154  O "O5'" . C   A 1 8 ? 13.677  -7.146  -6.059  1.00 20.92 ? 8   C   A "O5'" 1 
ATOM   155  C "C5'" . C   A 1 8 ? 13.233  -8.237  -6.852  1.00 19.99 ? 8   C   A "C5'" 1 
ATOM   156  C "C4'" . C   A 1 8 ? 13.447  -7.956  -8.312  1.00 19.50 ? 8   C   A "C4'" 1 
ATOM   157  O "O4'" . C   A 1 8 ? 12.627  -6.844  -8.725  1.00 20.36 ? 8   C   A "O4'" 1 
ATOM   158  C "C3'" . C   A 1 8 ? 14.842  -7.510  -8.691  1.00 19.95 ? 8   C   A "C3'" 1 
ATOM   159  O "O3'" . C   A 1 8 ? 15.775  -8.576  -8.715  1.00 22.56 ? 8   C   A "O3'" 1 
ATOM   160  C "C2'" . C   A 1 8 ? 14.597  -6.858  -10.047 1.00 21.69 ? 8   C   A "C2'" 1 
ATOM   161  O "O2'" . C   A 1 8 ? 14.433  -7.848  -11.056 1.00 23.59 ? 8   C   A "O2'" 1 
ATOM   162  C "C1'" . C   A 1 8 ? 13.246  -6.170  -9.801  1.00 20.18 ? 8   C   A "C1'" 1 
ATOM   163  N N1    . C   A 1 8 ? 13.462  -4.758  -9.416  1.00 18.92 ? 8   C   A N1    1 
ATOM   164  C C2    . C   A 1 8 ? 13.670  -3.867  -10.475 1.00 19.84 ? 8   C   A C2    1 
ATOM   165  O O2    . C   A 1 8 ? 13.643  -4.304  -11.650 1.00 20.43 ? 8   C   A O2    1 
ATOM   166  N N3    . C   A 1 8 ? 13.901  -2.557  -10.219 1.00 19.14 ? 8   C   A N3    1 
ATOM   167  C C4    . C   A 1 8 ? 13.980  -2.128  -8.974  1.00 20.07 ? 8   C   A C4    1 
ATOM   168  N N4    . C   A 1 8 ? 14.228  -0.821  -8.782  1.00 22.44 ? 8   C   A N4    1 
ATOM   169  C C5    . C   A 1 8 ? 13.779  -3.018  -7.868  1.00 20.89 ? 8   C   A C5    1 
ATOM   170  C C6    . C   A 1 8 ? 13.519  -4.319  -8.116  1.00 20.69 ? 8   C   A C6    1 
ATOM   171  O "O5'" . G   B 1 1 ? 14.569  5.281   -16.758 1.00 34.78 ? 1   G   B "O5'" 1 
ATOM   172  C "C5'" . G   B 1 1 ? 14.744  4.911   -18.121 1.00 31.06 ? 1   G   B "C5'" 1 
ATOM   173  C "C4'" . G   B 1 1 ? 14.590  3.421   -18.326 1.00 31.02 ? 1   G   B "C4'" 1 
ATOM   174  O "O4'" . G   B 1 1 ? 15.621  2.724   -17.587 1.00 27.80 ? 1   G   B "O4'" 1 
ATOM   175  C "C3'" . G   B 1 1 ? 13.298  2.804   -17.822 1.00 30.76 ? 1   G   B "C3'" 1 
ATOM   176  O "O3'" . G   B 1 1 ? 12.234  2.956   -18.736 1.00 32.52 ? 1   G   B "O3'" 1 
ATOM   177  C "C2'" . G   B 1 1 ? 13.692  1.354   -17.587 1.00 27.77 ? 1   G   B "C2'" 1 
ATOM   178  O "O2'" . G   B 1 1 ? 13.751  0.628   -18.808 1.00 31.70 ? 1   G   B "O2'" 1 
ATOM   179  C "C1'" . G   B 1 1 ? 15.102  1.524   -17.035 1.00 26.89 ? 1   G   B "C1'" 1 
ATOM   180  N N9    . G   B 1 1 ? 15.036  1.682   -15.575 1.00 27.46 ? 1   G   B N9    1 
ATOM   181  C C8    . G   B 1 1 ? 15.145  2.850   -14.864 1.00 26.59 ? 1   G   B C8    1 
ATOM   182  N N7    . G   B 1 1 ? 14.963  2.663   -13.580 1.00 26.01 ? 1   G   B N7    1 
ATOM   183  C C5    . G   B 1 1 ? 14.736  1.291   -13.433 1.00 24.24 ? 1   G   B C5    1 
ATOM   184  C C6    . G   B 1 1 ? 14.474  0.498   -12.285 1.00 23.54 ? 1   G   B C6    1 
ATOM   185  O O6    . G   B 1 1 ? 14.408  0.856   -11.104 1.00 25.40 ? 1   G   B O6    1 
ATOM   186  N N1    . G   B 1 1 ? 14.264  -0.847  -12.584 1.00 22.88 ? 1   G   B N1    1 
ATOM   187  C C2    . G   B 1 1 ? 14.301  -1.369  -13.844 1.00 23.12 ? 1   G   B C2    1 
ATOM   188  N N2    . G   B 1 1 ? 14.093  -2.682  -13.939 1.00 23.14 ? 1   G   B N2    1 
ATOM   189  N N3    . G   B 1 1 ? 14.529  -0.626  -14.933 1.00 25.45 ? 1   G   B N3    1 
ATOM   190  C C4    . G   B 1 1 ? 14.746  0.673   -14.657 1.00 25.38 ? 1   G   B C4    1 
ATOM   191  P P     . C   B 1 2 ? 10.711  3.136   -18.233 1.00 32.89 ? 2   C   B P     1 
ATOM   192  O OP1   . C   B 1 2 ? 9.888   3.348   -19.443 1.00 36.59 ? 2   C   B OP1   1 
ATOM   193  O OP2   . C   B 1 2 ? 10.644  4.062   -17.071 1.00 33.92 ? 2   C   B OP2   1 
ATOM   194  O "O5'" . C   B 1 2 ? 10.326  1.743   -17.558 1.00 30.85 ? 2   C   B "O5'" 1 
ATOM   195  C "C5'" . C   B 1 2 ? 10.128  0.576   -18.323 1.00 30.59 ? 2   C   B "C5'" 1 
ATOM   196  C "C4'" . C   B 1 2 ? 10.175  -0.650  -17.467 1.00 25.67 ? 2   C   B "C4'" 1 
ATOM   197  O "O4'" . C   B 1 2 ? 11.267  -0.569  -16.519 1.00 27.95 ? 2   C   B "O4'" 1 
ATOM   198  C "C3'" . C   B 1 2 ? 8.971   -0.922  -16.579 1.00 23.97 ? 2   C   B "C3'" 1 
ATOM   199  O "O3'" . C   B 1 2 ? 7.901   -1.462  -17.323 1.00 23.42 ? 2   C   B "O3'" 1 
ATOM   200  C "C2'" . C   B 1 2 ? 9.563   -1.903  -15.577 1.00 22.54 ? 2   C   B "C2'" 1 
ATOM   201  O "O2'" . C   B 1 2 ? 9.777   -3.149  -16.211 1.00 24.14 ? 2   C   B "O2'" 1 
ATOM   202  C "C1'" . C   B 1 2 ? 10.943  -1.303  -15.354 1.00 24.80 ? 2   C   B "C1'" 1 
ATOM   203  N N1    . C   B 1 2 ? 10.995  -0.414  -14.173 1.00 21.00 ? 2   C   B N1    1 
ATOM   204  C C2    . C   B 1 2 ? 11.003  -1.062  -12.913 1.00 18.49 ? 2   C   B C2    1 
ATOM   205  O O2    . C   B 1 2 ? 10.896  -2.300  -12.905 1.00 20.14 ? 2   C   B O2    1 
ATOM   206  N N3    . C   B 1 2 ? 11.026  -0.283  -11.798 1.00 21.20 ? 2   C   B N3    1 
ATOM   207  C C4    . C   B 1 2 ? 11.154  1.042   -11.887 1.00 21.83 ? 2   C   B C4    1 
ATOM   208  N N4    . C   B 1 2 ? 11.202  1.758   -10.763 1.00 23.98 ? 2   C   B N4    1 
ATOM   209  C C5    . C   B 1 2 ? 11.175  1.699   -13.155 1.00 19.96 ? 2   C   B C5    1 
ATOM   210  C C6    . C   B 1 2 ? 11.107  0.942   -14.258 1.00 21.10 ? 2   C   B C6    1 
ATOM   211  P P     . A   B 1 3 ? 6.379   -1.327  -16.850 1.00 21.93 ? 3   A   B P     1 
ATOM   212  O OP1   . A   B 1 3 ? 5.620   -1.935  -17.957 1.00 26.27 ? 3   A   B OP1   1 
ATOM   213  O OP2   . A   B 1 3 ? 6.118   0.047   -16.363 1.00 26.41 ? 3   A   B OP2   1 
ATOM   214  O "O5'" . A   B 1 3 ? 6.280   -2.268  -15.560 1.00 19.61 ? 3   A   B "O5'" 1 
ATOM   215  C "C5'" . A   B 1 3 ? 6.449   -3.685  -15.634 1.00 20.97 ? 3   A   B "C5'" 1 
ATOM   216  C "C4'" . A   B 1 3 ? 5.359   -4.401  -14.879 1.00 15.80 ? 3   A   B "C4'" 1 
ATOM   217  O "O4'" . A   B 1 3 ? 5.229   -3.824  -13.552 1.00 16.47 ? 3   A   B "O4'" 1 
ATOM   218  C "C3'" . A   B 1 3 ? 3.970   -4.292  -15.500 1.00 17.63 ? 3   A   B "C3'" 1 
ATOM   219  O "O3'" . A   B 1 3 ? 3.191   -5.433  -15.114 1.00 17.50 ? 3   A   B "O3'" 1 
ATOM   220  C "C2'" . A   B 1 3 ? 3.403   -3.091  -14.778 1.00 15.56 ? 3   A   B "C2'" 1 
ATOM   221  O "O2'" . A   B 1 3 ? 2.001   -2.978  -14.875 1.00 16.12 ? 3   A   B "O2'" 1 
ATOM   222  C "C1'" . A   B 1 3 ? 3.894   -3.370  -13.367 1.00 13.78 ? 3   A   B "C1'" 1 
ATOM   223  N N9    . A   B 1 3 ? 3.985   -2.163  -12.547 1.00 13.86 ? 3   A   B N9    1 
ATOM   224  C C8    . A   B 1 3 ? 4.279   -0.909  -13.019 1.00 15.05 ? 3   A   B C8    1 
ATOM   225  N N7    . A   B 1 3 ? 4.328   0.004   -12.032 1.00 14.28 ? 3   A   B N7    1 
ATOM   226  C C5    . A   B 1 3 ? 4.156   -0.757  -10.871 1.00 14.65 ? 3   A   B C5    1 
ATOM   227  C C6    . A   B 1 3 ? 4.160   -0.398  -9.511  1.00 13.77 ? 3   A   B C6    1 
ATOM   228  N N6    . A   B 1 3 ? 4.355   0.851   -9.044  1.00 16.57 ? 3   A   B N6    1 
ATOM   229  N N1    . A   B 1 3 ? 3.916   -1.406  -8.630  1.00 15.73 ? 3   A   B N1    1 
ATOM   230  C C2    . A   B 1 3 ? 3.698   -2.654  -9.087  1.00 14.92 ? 3   A   B C2    1 
ATOM   231  N N3    . A   B 1 3 ? 3.713   -3.079  -10.337 1.00 15.65 ? 3   A   B N3    1 
ATOM   232  C C4    . A   B 1 3 ? 3.946   -2.065  -11.178 1.00 14.21 ? 3   A   B C4    1 
ATOM   233  P P     . G   B 1 4 ? 3.593   -6.936  -15.546 1.00 16.12 ? 4   G   B P     1 
ATOM   234  O OP1   . G   B 1 4 ? 4.492   -7.562  -14.534 1.00 17.44 ? 4   G   B OP1   1 
ATOM   235  O OP2   . G   B 1 4 ? 4.018   -6.934  -16.956 1.00 17.98 ? 4   G   B OP2   1 
ATOM   236  O "O5'" . G   B 1 4 ? 2.242   -7.704  -15.346 1.00 14.92 ? 4   G   B "O5'" 1 
ATOM   237  C "C5'" . G   B 1 4 ? 1.141   -7.473  -16.207 1.00 15.66 ? 4   G   B "C5'" 1 
ATOM   238  C "C4'" . G   B 1 4 ? -0.131  -7.879  -15.514 1.00 16.61 ? 4   G   B "C4'" 1 
ATOM   239  O "O4'" . G   B 1 4 ? -0.067  -9.265  -15.122 1.00 17.34 ? 4   G   B "O4'" 1 
ATOM   240  C "C3'" . G   B 1 4 ? -0.388  -7.138  -14.219 1.00 15.45 ? 4   G   B "C3'" 1 
ATOM   241  O "O3'" . G   B 1 4 ? -1.014  -5.906  -14.466 1.00 17.79 ? 4   G   B "O3'" 1 
ATOM   242  C "C2'" . G   B 1 4 ? -1.268  -8.103  -13.449 1.00 18.39 ? 4   G   B "C2'" 1 
ATOM   243  O "O2'" . G   B 1 4 ? -2.596  -8.041  -13.960 1.00 18.10 ? 4   G   B "O2'" 1 
ATOM   244  C "C1'" . G   B 1 4 ? -0.676  -9.441  -13.865 1.00 15.76 ? 4   G   B "C1'" 1 
ATOM   245  N N9    . G   B 1 4 ? 0.352   -9.997  -12.956 1.00 14.95 ? 4   G   B N9    1 
ATOM   246  C C8    . G   B 1 4 ? 1.707   -9.764  -12.978 1.00 15.79 ? 4   G   B C8    1 
ATOM   247  N N7    . G   B 1 4 ? 2.338   -10.466 -12.069 1.00 17.65 ? 4   G   B N7    1 
ATOM   248  C C5    . G   B 1 4 ? 1.352   -11.229 -11.446 1.00 16.13 ? 4   G   B C5    1 
ATOM   249  C C6    . G   B 1 4 ? 1.474   -12.186 -10.407 1.00 17.34 ? 4   G   B C6    1 
ATOM   250  O O6    . G   B 1 4 ? 2.503   -12.580 -9.815  1.00 16.70 ? 4   G   B O6    1 
ATOM   251  N N1    . G   B 1 4 ? 0.223   -12.688 -10.049 1.00 17.90 ? 4   G   B N1    1 
ATOM   252  C C2    . G   B 1 4 ? -0.974  -12.317 -10.627 1.00 16.97 ? 4   G   B C2    1 
ATOM   253  N N2    . G   B 1 4 ? -2.063  -12.929 -10.149 1.00 18.35 ? 4   G   B N2    1 
ATOM   254  N N3    . G   B 1 4 ? -1.089  -11.451 -11.640 1.00 18.38 ? 4   G   B N3    1 
ATOM   255  C C4    . G   B 1 4 ? 0.122   -10.928 -11.961 1.00 16.00 ? 4   G   B C4    1 
ATOM   256  P P     . C   B 1 5 ? -0.706  -4.613  -13.567 1.00 16.60 ? 5   C   B P     1 
ATOM   257  O OP1   . C   B 1 5 ? -1.238  -3.541  -14.431 1.00 20.89 ? 5   C   B OP1   1 
ATOM   258  O OP2   . C   B 1 5 ? 0.699   -4.614  -13.090 1.00 16.57 ? 5   C   B OP2   1 
ATOM   259  O "O5'" . C   B 1 5 ? -1.687  -4.834  -12.360 1.00 18.89 ? 5   C   B "O5'" 1 
ATOM   260  C "C5'" . C   B 1 5 ? -3.066  -5.021  -12.631 1.00 21.14 ? 5   C   B "C5'" 1 
ATOM   261  C "C4'" . C   B 1 5 ? -3.753  -5.605  -11.440 1.00 20.43 ? 5   C   B "C4'" 1 
ATOM   262  O "O4'" . C   B 1 5 ? -3.103  -6.855  -11.098 1.00 21.22 ? 5   C   B "O4'" 1 
ATOM   263  C "C3'" . C   B 1 5 ? -3.678  -4.734  -10.196 1.00 18.64 ? 5   C   B "C3'" 1 
ATOM   264  O "O3'" . C   B 1 5 ? -4.870  -4.900  -9.433  1.00 24.94 ? 5   C   B "O3'" 1 
ATOM   265  C "C2'" . C   B 1 5 ? -2.530  -5.360  -9.422  1.00 20.04 ? 5   C   B "C2'" 1 
ATOM   266  O "O2'" . C   B 1 5 ? -2.573  -5.098  -8.036  1.00 27.26 ? 5   C   B "O2'" 1 
ATOM   267  C "C1'" . C   B 1 5 ? -2.744  -6.836  -9.743  1.00 18.50 ? 5   C   B "C1'" 1 
ATOM   268  N N1    . C   B 1 5 ? -1.557  -7.686  -9.483  1.00 16.10 ? 5   C   B N1    1 
ATOM   269  C C2    . C   B 1 5 ? -1.707  -8.907  -8.827  1.00 18.92 ? 5   C   B C2    1 
ATOM   270  O O2    . C   B 1 5 ? -2.855  -9.258  -8.575  1.00 21.51 ? 5   C   B O2    1 
ATOM   271  N N3    . C   B 1 5 ? -0.609  -9.649  -8.516  1.00 17.32 ? 5   C   B N3    1 
ATOM   272  C C4    . C   B 1 5 ? 0.606   -9.201  -8.831  1.00 17.21 ? 5   C   B C4    1 
ATOM   273  N N4    . C   B 1 5 ? 1.639   -9.945  -8.478  1.00 18.55 ? 5   C   B N4    1 
ATOM   274  C C5    . C   B 1 5 ? 0.788   -7.971  -9.510  1.00 18.20 ? 5   C   B C5    1 
ATOM   275  C C6    . C   B 1 5 ? -0.312  -7.267  -9.805  1.00 16.30 ? 5   C   B C6    1 
ATOM   276  P P     . A   B 1 6 ? -6.054  -3.818  -9.467  1.00 23.98 ? 6   A   B P     1 
ATOM   277  O OP1   . A   B 1 6 ? -7.326  -4.588  -9.339  1.00 28.77 ? 6   A   B OP1   1 
ATOM   278  O OP2   . A   B 1 6 ? -5.799  -2.824  -10.540 1.00 23.79 ? 6   A   B OP2   1 
ATOM   279  O "O5'" . A   B 1 6 ? -5.860  -3.065  -8.095  1.00 22.07 ? 6   A   B "O5'" 1 
ATOM   280  C "C5'" . A   B 1 6 ? -6.102  -3.771  -6.897  1.00 23.58 ? 6   A   B "C5'" 1 
ATOM   281  C "C4'" . A   B 1 6 ? -5.702  -2.943  -5.722  1.00 23.66 ? 6   A   B "C4'" 1 
ATOM   282  O "O4'" . A   B 1 6 ? -4.276  -2.742  -5.731  1.00 22.79 ? 6   A   B "O4'" 1 
ATOM   283  C "C3'" . A   B 1 6 ? -6.266  -1.536  -5.697  1.00 22.25 ? 6   A   B "C3'" 1 
ATOM   284  O "O3'" . A   B 1 6 ? -7.606  -1.504  -5.256  1.00 21.54 ? 6   A   B "O3'" 1 
ATOM   285  C "C2'" . A   B 1 6 ? -5.288  -0.815  -4.788  1.00 22.24 ? 6   A   B "C2'" 1 
ATOM   286  O "O2'" . A   B 1 6 ? -5.500  -1.172  -3.428  1.00 24.63 ? 6   A   B "O2'" 1 
ATOM   287  C "C1'" . A   B 1 6 ? -3.979  -1.441  -5.237  1.00 22.60 ? 6   A   B "C1'" 1 
ATOM   288  N N9    . A   B 1 6 ? -3.397  -0.646  -6.326  1.00 19.95 ? 6   A   B N9    1 
ATOM   289  C C8    . A   B 1 6 ? -3.277  -0.942  -7.669  1.00 20.25 ? 6   A   B C8    1 
ATOM   290  N N7    . A   B 1 6 ? -2.698  0.033   -8.358  1.00 21.61 ? 6   A   B N7    1 
ATOM   291  C C5    . A   B 1 6 ? -2.441  1.023   -7.407  1.00 19.07 ? 6   A   B C5    1 
ATOM   292  C C6    . A   B 1 6 ? -1.821  2.284   -7.492  1.00 17.86 ? 6   A   B C6    1 
ATOM   293  N N6    . A   B 1 6 ? -1.346  2.807   -8.633  1.00 20.60 ? 6   A   B N6    1 
ATOM   294  N N1    . A   B 1 6 ? -1.700  3.000   -6.348  1.00 20.63 ? 6   A   B N1    1 
ATOM   295  C C2    . A   B 1 6 ? -2.153  2.476   -5.192  1.00 20.50 ? 6   A   B C2    1 
ATOM   296  N N3    . A   B 1 6 ? -2.743  1.291   -5.001  1.00 21.79 ? 6   A   B N3    1 
ATOM   297  C C4    . A   B 1 6 ? -2.869  0.624   -6.155  1.00 18.90 ? 6   A   B C4    1 
ATOM   298  P P     . G   B 1 7 ? -8.615  -0.403  -5.826  1.00 19.64 ? 7   G   B P     1 
ATOM   299  O OP1   . G   B 1 7 ? -9.959  -0.829  -5.370  1.00 22.44 ? 7   G   B OP1   1 
ATOM   300  O OP2   . G   B 1 7 ? -8.350  -0.188  -7.273  1.00 22.82 ? 7   G   B OP2   1 
ATOM   301  O "O5'" . G   B 1 7 ? -8.188  0.899   -5.037  1.00 18.82 ? 7   G   B "O5'" 1 
ATOM   302  C "C5'" . G   B 1 7 ? -8.357  0.998   -3.630  1.00 20.41 ? 7   G   B "C5'" 1 
ATOM   303  C "C4'" . G   B 1 7 ? -7.781  2.310   -3.161  1.00 18.91 ? 7   G   B "C4'" 1 
ATOM   304  O "O4'" . G   B 1 7 ? -6.343  2.346   -3.368  1.00 18.43 ? 7   G   B "O4'" 1 
ATOM   305  C "C3'" . G   B 1 7 ? -8.256  3.547   -3.883  1.00 17.82 ? 7   G   B "C3'" 1 
ATOM   306  O "O3'" . G   B 1 7 ? -9.557  3.929   -3.507  1.00 17.59 ? 7   G   B "O3'" 1 
ATOM   307  C "C2'" . G   B 1 7 ? -7.174  4.548   -3.488  1.00 18.56 ? 7   G   B "C2'" 1 
ATOM   308  O "O2'" . G   B 1 7 ? -7.306  4.913   -2.106  1.00 20.15 ? 7   G   B "O2'" 1 
ATOM   309  C "C1'" . G   B 1 7 ? -5.933  3.671   -3.643  1.00 18.03 ? 7   G   B "C1'" 1 
ATOM   310  N N9    . G   B 1 7 ? -5.491  3.714   -5.052  1.00 17.72 ? 7   G   B N9    1 
ATOM   311  C C8    . G   B 1 7 ? -5.659  2.769   -6.028  1.00 19.87 ? 7   G   B C8    1 
ATOM   312  N N7    . G   B 1 7 ? -5.193  3.150   -7.203  1.00 20.94 ? 7   G   B N7    1 
ATOM   313  C C5    . G   B 1 7 ? -4.646  4.407   -6.978  1.00 18.09 ? 7   G   B C5    1 
ATOM   314  C C6    . G   B 1 7 ? -3.981  5.315   -7.838  1.00 18.08 ? 7   G   B C6    1 
ATOM   315  O O6    . G   B 1 7 ? -3.734  5.176   -9.048  1.00 17.79 ? 7   G   B O6    1 
ATOM   316  N N1    . G   B 1 7 ? -3.622  6.511   -7.176  1.00 19.69 ? 7   G   B N1    1 
ATOM   317  C C2    . G   B 1 7 ? -3.820  6.785   -5.855  1.00 17.06 ? 7   G   B C2    1 
ATOM   318  N N2    . G   B 1 7 ? -3.393  7.989   -5.424  1.00 19.75 ? 7   G   B N2    1 
ATOM   319  N N3    . G   B 1 7 ? -4.443  5.909   -5.046  1.00 17.40 ? 7   G   B N3    1 
ATOM   320  C C4    . G   B 1 7 ? -4.814  4.775   -5.658  1.00 17.02 ? 7   G   B C4    1 
ATOM   321  P P     . C   B 1 8 ? -10.487 4.715   -4.532  1.00 19.86 ? 8   C   B P     1 
ATOM   322  O OP1   . C   B 1 8 ? -11.855 4.729   -3.933  1.00 20.62 ? 8   C   B OP1   1 
ATOM   323  O OP2   . C   B 1 8 ? -10.359 4.110   -5.881  1.00 22.66 ? 8   C   B OP2   1 
ATOM   324  O "O5'" . C   B 1 8 ? -9.841  6.156   -4.612  1.00 20.03 ? 8   C   B "O5'" 1 
ATOM   325  C "C5'" . C   B 1 8 ? -9.753  6.973   -3.470  1.00 21.40 ? 8   C   B "C5'" 1 
ATOM   326  C "C4'" . C   B 1 8 ? -8.968  8.217   -3.799  1.00 18.41 ? 8   C   B "C4'" 1 
ATOM   327  O "O4'" . C   B 1 8 ? -7.625  7.875   -4.259  1.00 20.79 ? 8   C   B "O4'" 1 
ATOM   328  C "C3'" . C   B 1 8 ? -9.545  9.018   -4.949  1.00 18.14 ? 8   C   B "C3'" 1 
ATOM   329  O "O3'" . C   B 1 8 ? -10.631 9.846   -4.567  1.00 24.33 ? 8   C   B "O3'" 1 
ATOM   330  C "C2'" . C   B 1 8 ? -8.344  9.811   -5.434  1.00 21.01 ? 8   C   B "C2'" 1 
ATOM   331  O "O2'" . C   B 1 8 ? -8.098  10.877  -4.525  1.00 25.11 ? 8   C   B "O2'" 1 
ATOM   332  C "C1'" . C   B 1 8 ? -7.229  8.775   -5.290  1.00 20.31 ? 8   C   B "C1'" 1 
ATOM   333  N N1    . C   B 1 8 ? -7.049  8.025   -6.556  1.00 20.08 ? 8   C   B N1    1 
ATOM   334  C C2    . C   B 1 8 ? -6.398  8.683   -7.593  1.00 18.45 ? 8   C   B C2    1 
ATOM   335  O O2    . C   B 1 8 ? -5.922  9.791   -7.368  1.00 21.57 ? 8   C   B O2    1 
ATOM   336  N N3    . C   B 1 8 ? -6.233  8.058   -8.785  1.00 17.88 ? 8   C   B N3    1 
ATOM   337  C C4    . C   B 1 8 ? -6.762  6.834   -8.996  1.00 17.20 ? 8   C   B C4    1 
ATOM   338  N N4    . C   B 1 8 ? -6.621  6.244   -10.194 1.00 19.15 ? 8   C   B N4    1 
ATOM   339  C C5    . C   B 1 8 ? -7.464  6.153   -7.947  1.00 18.29 ? 8   C   B C5    1 
ATOM   340  C C6    . C   B 1 8 ? -7.579  6.780   -6.772  1.00 17.50 ? 8   C   B C6    1 
ATOM   341  O "O5'" . G   C 1 1 ? -14.435 -6.768  13.893  1.00 35.36 ? 1   G   C "O5'" 1 
ATOM   342  C "C5'" . G   C 1 1 ? -14.997 -8.074  13.851  1.00 32.80 ? 1   G   C "C5'" 1 
ATOM   343  C "C4'" . G   C 1 1 ? -15.278 -8.520  12.440  1.00 26.18 ? 1   G   C "C4'" 1 
ATOM   344  O "O4'" . G   C 1 1 ? -16.309 -7.696  11.841  1.00 26.66 ? 1   G   C "O4'" 1 
ATOM   345  C "C3'" . G   C 1 1 ? -14.130 -8.426  11.461  1.00 26.18 ? 1   G   C "C3'" 1 
ATOM   346  O "O3'" . G   C 1 1 ? -13.277 -9.526  11.571  1.00 27.64 ? 1   G   C "O3'" 1 
ATOM   347  C "C2'" . G   C 1 1 ? -14.854 -8.390  10.131  1.00 26.40 ? 1   G   C "C2'" 1 
ATOM   348  O "O2'" . G   C 1 1 ? -15.392 -9.677  9.845   1.00 27.24 ? 1   G   C "O2'" 1 
ATOM   349  C "C1'" . G   C 1 1 ? -16.027 -7.496  10.473  1.00 23.40 ? 1   G   C "C1'" 1 
ATOM   350  N N9    . G   C 1 1 ? -15.698 -6.063  10.296  1.00 23.88 ? 1   G   C N9    1 
ATOM   351  C C8    . G   C 1 1 ? -15.633 -5.108  11.288  1.00 23.25 ? 1   G   C C8    1 
ATOM   352  N N7    . G   C 1 1 ? -15.348 -3.929  10.809  1.00 22.27 ? 1   G   C N7    1 
ATOM   353  C C5    . G   C 1 1 ? -15.277 -4.127  9.420   1.00 20.75 ? 1   G   C C5    1 
ATOM   354  C C6    . G   C 1 1 ? -15.023 -3.218  8.356   1.00 24.36 ? 1   G   C C6    1 
ATOM   355  O O6    . G   C 1 1 ? -14.796 -2.011  8.430   1.00 25.35 ? 1   G   C O6    1 
ATOM   356  N N1    . G   C 1 1 ? -15.050 -3.853  7.118   1.00 24.74 ? 1   G   C N1    1 
ATOM   357  C C2    . G   C 1 1 ? -15.256 -5.197  6.901   1.00 23.72 ? 1   G   C C2    1 
ATOM   358  N N2    . G   C 1 1 ? -15.241 -5.662  5.650   1.00 22.22 ? 1   G   C N2    1 
ATOM   359  N N3    . G   C 1 1 ? -15.494 -6.041  7.876   1.00 23.39 ? 1   G   C N3    1 
ATOM   360  C C4    . G   C 1 1 ? -15.471 -5.435  9.092   1.00 21.28 ? 1   G   C C4    1 
ATOM   361  P P     . C   C 1 2 ? -11.729 -9.369  11.220  1.00 27.30 ? 2   C   C P     1 
ATOM   362  O OP1   . C   C 1 2 ? -11.129 -10.661 11.627  1.00 30.40 ? 2   C   C OP1   1 
ATOM   363  O OP2   . C   C 1 2 ? -11.250 -8.075  11.776  1.00 26.33 ? 2   C   C OP2   1 
ATOM   364  O "O5'" . C   C 1 2 ? -11.693 -9.296  9.637   1.00 24.45 ? 2   C   C "O5'" 1 
ATOM   365  C "C5'" . C   C 1 2 ? -12.228 -10.326 8.830   1.00 25.63 ? 2   C   C "C5'" 1 
ATOM   366  C "C4'" . C   C 1 2 ? -12.208 -9.919  7.383   1.00 27.12 ? 2   C   C "C4'" 1 
ATOM   367  O "O4'" . C   C 1 2 ? -13.011 -8.730  7.178   1.00 24.09 ? 2   C   C "O4'" 1 
ATOM   368  C "C3'" . C   C 1 2 ? -10.843 -9.536  6.854   1.00 24.09 ? 2   C   C "C3'" 1 
ATOM   369  O "O3'" . C   C 1 2 ? -10.114 -10.659 6.447   1.00 25.86 ? 2   C   C "O3'" 1 
ATOM   370  C "C2'" . C   C 1 2 ? -11.162 -8.618  5.694   1.00 23.97 ? 2   C   C "C2'" 1 
ATOM   371  O "O2'" . C   C 1 2 ? -11.510 -9.370  4.544   1.00 28.42 ? 2   C   C "O2'" 1 
ATOM   372  C "C1'" . C   C 1 2 ? -12.407 -7.912  6.194   1.00 22.44 ? 2   C   C "C1'" 1 
ATOM   373  N N1    . C   C 1 2 ? -12.115 -6.585  6.776   1.00 20.88 ? 2   C   C N1    1 
ATOM   374  C C2    . C   C 1 2 ? -11.923 -5.524  5.881   1.00 20.38 ? 2   C   C C2    1 
ATOM   375  O O2    . C   C 1 2 ? -11.938 -5.763  4.686   1.00 20.26 ? 2   C   C O2    1 
ATOM   376  N N3    . C   C 1 2 ? -11.697 -4.285  6.334   1.00 20.67 ? 2   C   C N3    1 
ATOM   377  C C4    . C   C 1 2 ? -11.705 -4.051  7.644   1.00 21.55 ? 2   C   C C4    1 
ATOM   378  N N4    . C   C 1 2 ? -11.482 -2.793  8.063   1.00 21.52 ? 2   C   C N4    1 
ATOM   379  C C5    . C   C 1 2 ? -11.877 -5.118  8.590   1.00 20.55 ? 2   C   C C5    1 
ATOM   380  C C6    . C   C 1 2 ? -12.092 -6.365  8.122   1.00 20.72 ? 2   C   C C6    1 
ATOM   381  P P     . A   C 1 3 ? -8.555  -10.744 6.797   1.00 27.19 ? 3   A   C P     1 
ATOM   382  O OP1   . A   C 1 3 ? -8.102  -12.048 6.278   1.00 32.46 ? 3   A   C OP1   1 
ATOM   383  O OP2   . A   C 1 3 ? -8.336  -10.309 8.200   1.00 27.55 ? 3   A   C OP2   1 
ATOM   384  O "O5'" . A   C 1 3 ? -7.903  -9.661  5.855   1.00 23.61 ? 3   A   C "O5'" 1 
ATOM   385  C "C5'" . A   C 1 3 ? -7.935  -9.841  4.448   1.00 22.82 ? 3   A   C "C5'" 1 
ATOM   386  C "C4'" . A   C 1 3 ? -6.569  -9.620  3.859   1.00 19.75 ? 3   A   C "C4'" 1 
ATOM   387  O "O4'" . A   C 1 3 ? -6.137  -8.257  4.126   1.00 21.33 ? 3   A   C "O4'" 1 
ATOM   388  C "C3'" . A   C 1 3 ? -5.472  -10.515 4.412   1.00 21.83 ? 3   A   C "C3'" 1 
ATOM   389  O "O3'" . A   C 1 3 ? -4.535  -10.719 3.361   1.00 26.09 ? 3   A   C "O3'" 1 
ATOM   390  C "C2'" . A   C 1 3 ? -4.823  -9.633  5.480   1.00 23.11 ? 3   A   C "C2'" 1 
ATOM   391  O "O2'" . A   C 1 3 ? -3.478  -9.949  5.761   1.00 25.19 ? 3   A   C "O2'" 1 
ATOM   392  C "C1'" . A   C 1 3 ? -4.911  -8.263  4.832   1.00 21.00 ? 3   A   C "C1'" 1 
ATOM   393  N N9    . A   C 1 3 ? -4.976  -7.154  5.797   1.00 20.25 ? 3   A   C N9    1 
ATOM   394  C C8    . A   C 1 3 ? -5.191  -7.225  7.154   1.00 18.86 ? 3   A   C C8    1 
ATOM   395  N N7    . A   C 1 3 ? -5.235  -6.054  7.721   1.00 18.38 ? 3   A   C N7    1 
ATOM   396  C C5    . A   C 1 3 ? -5.047  -5.138  6.668   1.00 18.70 ? 3   A   C C5    1 
ATOM   397  C C6    . A   C 1 3 ? -5.008  -3.730  6.613   1.00 16.05 ? 3   A   C C6    1 
ATOM   398  N N6    . A   C 1 3 ? -5.188  -2.949  7.677   1.00 17.42 ? 3   A   C N6    1 
ATOM   399  N N1    . A   C 1 3 ? -4.814  -3.149  5.382   1.00 17.77 ? 3   A   C N1    1 
ATOM   400  C C2    . A   C 1 3 ? -4.657  -3.966  4.336   1.00 17.56 ? 3   A   C C2    1 
ATOM   401  N N3    . A   C 1 3 ? -4.710  -5.293  4.270   1.00 19.52 ? 3   A   C N3    1 
ATOM   402  C C4    . A   C 1 3 ? -4.884  -5.815  5.483   1.00 18.53 ? 3   A   C C4    1 
ATOM   403  P P     . G   C 1 4 ? -4.917  -11.703 2.144   1.00 30.13 ? 4   G   C P     1 
ATOM   404  O OP1   . G   C 1 4 ? -5.281  -10.876 0.950   1.00 32.93 ? 4   G   C OP1   1 
ATOM   405  O OP2   . G   C 1 4 ? -5.854  -12.756 2.629   1.00 31.05 ? 4   G   C OP2   1 
ATOM   406  O "O5'" . G   C 1 4 ? -3.558  -12.430 1.844   1.00 28.57 ? 4   G   C "O5'" 1 
ATOM   407  C "C5'" . G   C 1 4 ? -2.985  -13.326 2.783   1.00 26.82 ? 4   G   C "C5'" 1 
ATOM   408  C "C4'" . G   C 1 4 ? -1.569  -13.603 2.374   1.00 24.17 ? 4   G   C "C4'" 1 
ATOM   409  O "O4'" . G   C 1 4 ? -1.559  -14.156 1.029   1.00 26.22 ? 4   G   C "O4'" 1 
ATOM   410  C "C3'" . G   C 1 4 ? -0.733  -12.335 2.258   1.00 23.46 ? 4   G   C "C3'" 1 
ATOM   411  O "O3'" . G   C 1 4 ? -0.164  -11.993 3.486   1.00 29.26 ? 4   G   C "O3'" 1 
ATOM   412  C "C2'" . G   C 1 4 ? 0.307   -12.719 1.223   1.00 25.49 ? 4   G   C "C2'" 1 
ATOM   413  O "O2'" . G   C 1 4 ? 1.277   -13.562 1.828   1.00 27.09 ? 4   G   C "O2'" 1 
ATOM   414  C "C1'" . G   C 1 4 ? -0.530  -13.558 0.273   1.00 25.40 ? 4   G   C "C1'" 1 
ATOM   415  N N9    . G   C 1 4 ? -1.138  -12.734 -0.794  1.00 23.64 ? 4   G   C N9    1 
ATOM   416  C C8    . G   C 1 4 ? -2.471  -12.446 -1.001  1.00 25.76 ? 4   G   C C8    1 
ATOM   417  N N7    . G   C 1 4 ? -2.667  -11.686 -2.046  1.00 26.51 ? 4   G   C N7    1 
ATOM   418  C C5    . G   C 1 4 ? -1.398  -11.486 -2.576  1.00 26.53 ? 4   G   C C5    1 
ATOM   419  C C6    . G   C 1 4 ? -0.975  -10.726 -3.705  1.00 32.58 ? 4   G   C C6    1 
ATOM   420  O O6    . G   C 1 4 ? -1.649  -10.079 -4.543  1.00 36.54 ? 4   G   C O6    1 
ATOM   421  N N1    . G   C 1 4 ? 0.407   -10.794 -3.834  1.00 31.93 ? 4   G   C N1    1 
ATOM   422  C C2    . G   C 1 4 ? 1.285   -11.460 -3.013  1.00 29.24 ? 4   G   C C2    1 
ATOM   423  N N2    . G   C 1 4 ? 2.597   -11.393 -3.333  1.00 29.73 ? 4   G   C N2    1 
ATOM   424  N N3    . G   C 1 4 ? 0.885   -12.165 -1.955  1.00 24.18 ? 4   G   C N3    1 
ATOM   425  C C4    . G   C 1 4 ? -0.448  -12.107 -1.795  1.00 23.86 ? 4   G   C C4    1 
ATOM   426  P P     . C   C 1 5 ? -0.075  -10.458 3.919   1.00 29.89 ? 5   C   C P     1 
ATOM   427  O OP1   . C   C 1 5 ? 0.642   -10.449 5.193   1.00 33.83 ? 5   C   C OP1   1 
ATOM   428  O OP2   . C   C 1 5 ? -1.444  -9.875  3.764   1.00 30.80 ? 5   C   C OP2   1 
ATOM   429  O "O5'" . C   C 1 5 ? 0.877   -9.791  2.810   1.00 32.43 ? 5   C   C "O5'" 1 
ATOM   430  C "C5'" A C   C 1 5 ? 2.265   -10.076 2.781   0.75 32.10 ? 5   C   C "C5'" 1 
ATOM   431  C "C5'" B C   C 1 5 ? 2.302   -9.880  2.860   0.25 34.40 ? 5   C   C "C5'" 1 
ATOM   432  C "C4'" A C   C 1 5 ? 2.905   -9.500  1.549   0.75 32.74 ? 5   C   C "C4'" 1 
ATOM   433  C "C4'" B C   C 1 5 ? 2.960   -9.445  1.560   0.25 35.29 ? 5   C   C "C4'" 1 
ATOM   434  O "O4'" A C   C 1 5 ? 2.251   -10.043 0.392   0.75 29.78 ? 5   C   C "O4'" 1 
ATOM   435  O "O4'" B C   C 1 5 ? 2.205   -9.977  0.446   0.25 33.80 ? 5   C   C "O4'" 1 
ATOM   436  C "C3'" A C   C 1 5 ? 2.770   -7.999  1.363   0.75 33.59 ? 5   C   C "C3'" 1 
ATOM   437  C "C3'" B C   C 1 5 ? 3.060   -7.938  1.295   0.25 35.94 ? 5   C   C "C3'" 1 
ATOM   438  O "O3'" A C   C 1 5 ? 3.727   -7.262  2.071   0.75 34.97 ? 5   C   C "O3'" 1 
ATOM   439  O "O3'" B C   C 1 5 ? 4.287   -7.388  1.758   0.25 36.54 ? 5   C   C "O3'" 1 
ATOM   440  C "C2'" A C   C 1 5 ? 2.921   -7.836  -0.129  0.75 35.70 ? 5   C   C "C2'" 1 
ATOM   441  C "C2'" B C   C 1 5 ? 2.983   -7.829  -0.225  0.25 35.86 ? 5   C   C "C2'" 1 
ATOM   442  O "O2'" A C   C 1 5 ? 4.281   -7.995  -0.500  0.75 37.34 ? 5   C   C "O2'" 1 
ATOM   443  O "O2'" B C   C 1 5 ? 4.273   -7.972  -0.797  0.25 36.99 ? 5   C   C "O2'" 1 
ATOM   444  C "C1'" . C   C 1 5 ? 2.151   -9.049  -0.616  1.00 33.08 ? 5   C   C "C1'" 1 
ATOM   445  N N1    . C   C 1 5 ? 0.723   -8.727  -0.872  1.00 29.94 ? 5   C   C N1    1 
ATOM   446  C C2    . C   C 1 5 ? 0.353   -8.025  -2.026  1.00 30.48 ? 5   C   C C2    1 
ATOM   447  O O2    . C   C 1 5 ? 1.233   -7.634  -2.808  1.00 32.32 ? 5   C   C O2    1 
ATOM   448  N N3    . C   C 1 5 ? -0.958  -7.787  -2.271  1.00 29.83 ? 5   C   C N3    1 
ATOM   449  C C4    . C   C 1 5 ? -1.889  -8.198  -1.413  1.00 25.87 ? 5   C   C C4    1 
ATOM   450  N N4    . C   C 1 5 ? -3.169  -7.953  -1.670  1.00 29.58 ? 5   C   C N4    1 
ATOM   451  C C5    . C   C 1 5 ? -1.547  -8.910  -0.246  1.00 25.77 ? 5   C   C C5    1 
ATOM   452  C C6    . C   C 1 5 ? -0.248  -9.156  -0.020  1.00 26.29 ? 5   C   C C6    1 
ATOM   453  P P     A A   C 1 6 ? 3.228   -6.313  3.240   0.75 32.15 ? 6   A   C P     1 
ATOM   454  P P     B A   C 1 6 ? 4.462   -6.727  3.209   0.25 34.05 ? 6   A   C P     1 
ATOM   455  O OP1   A A   C 1 6 ? 3.463   -7.057  4.508   0.75 33.63 ? 6   A   C OP1   1 
ATOM   456  O OP1   B A   C 1 6 ? 5.915   -6.734  3.504   0.25 35.21 ? 6   A   C OP1   1 
ATOM   457  O OP2   A A   C 1 6 ? 1.849   -5.860  2.908   0.75 32.35 ? 6   A   C OP2   1 
ATOM   458  O OP2   B A   C 1 6 ? 3.499   -7.357  4.149   0.25 33.63 ? 6   A   C OP2   1 
ATOM   459  O "O5'" A A   C 1 6 ? 4.296   -5.130  3.162   0.75 22.44 ? 6   A   C "O5'" 1 
ATOM   460  O "O5'" B A   C 1 6 ? 4.007   -5.206  3.024   0.25 28.95 ? 6   A   C "O5'" 1 
ATOM   461  C "C5'" A A   C 1 6 ? 4.484   -4.372  1.968   0.75 22.31 ? 6   A   C "C5'" 1 
ATOM   462  C "C5'" B A   C 1 6 ? 4.489   -4.405  1.950   0.25 25.73 ? 6   A   C "C5'" 1 
ATOM   463  C "C4'" A A   C 1 6 ? 4.494   -2.901  2.289   0.75 19.97 ? 6   A   C "C4'" 1 
ATOM   464  C "C4'" B A   C 1 6 ? 4.480   -2.931  2.299   0.25 22.09 ? 6   A   C "C4'" 1 
ATOM   465  O "O4'" A A   C 1 6 ? 3.137   -2.490  2.573   0.75 21.25 ? 6   A   C "O4'" 1 
ATOM   466  O "O4'" B A   C 1 6 ? 3.124   -2.491  2.568   0.25 21.76 ? 6   A   C "O4'" 1 
ATOM   467  C "C3'" . A   C 1 6 ? 5.233   -2.542  3.557   1.00 18.48 ? 6   A   C "C3'" 1 
ATOM   468  O "O3'" . A   C 1 6 ? 6.617   -2.473  3.367   1.00 16.90 ? 6   A   C "O3'" 1 
ATOM   469  C "C2'" . A   C 1 6 ? 4.580   -1.210  3.934   1.00 18.69 ? 6   A   C "C2'" 1 
ATOM   470  O "O2'" . A   C 1 6 ? 5.041   -0.184  3.068   1.00 19.82 ? 6   A   C "O2'" 1 
ATOM   471  C "C1'" . A   C 1 6 ? 3.124   -1.515  3.591   1.00 19.85 ? 6   A   C "C1'" 1 
ATOM   472  N N9    . A   C 1 6 ? 2.478   -2.106  4.782   1.00 17.62 ? 6   A   C N9    1 
ATOM   473  C C8    . A   C 1 6 ? 2.138   -3.429  5.045   1.00 19.47 ? 6   A   C C8    1 
ATOM   474  N N7    . A   C 1 6 ? 1.658   -3.642  6.235   1.00 16.73 ? 6   A   C N7    1 
ATOM   475  C C5    . A   C 1 6 ? 1.692   -2.369  6.812   1.00 16.97 ? 6   A   C C5    1 
ATOM   476  C C6    . A   C 1 6 ? 1.300   -1.869  8.060   1.00 18.14 ? 6   A   C C6    1 
ATOM   477  N N6    . A   C 1 6 ? 0.826   -2.640  9.023   1.00 18.90 ? 6   A   C N6    1 
ATOM   478  N N1    . A   C 1 6 ? 1.468   -0.542  8.315   1.00 17.38 ? 6   A   C N1    1 
ATOM   479  C C2    . A   C 1 6 ? 1.972   0.238   7.368   1.00 17.06 ? 6   A   C C2    1 
ATOM   480  N N3    . A   C 1 6 ? 2.373   -0.091  6.147   1.00 17.94 ? 6   A   C N3    1 
ATOM   481  C C4    . A   C 1 6 ? 2.194   -1.409  5.933   1.00 18.81 ? 6   A   C C4    1 
ATOM   482  P P     . G   C 1 7 ? 7.617   -2.824  4.569   1.00 18.92 ? 7   G   C P     1 
ATOM   483  O OP1   . G   C 1 7 ? 8.991   -2.700  4.001   1.00 22.28 ? 7   G   C OP1   1 
ATOM   484  O OP2   . G   C 1 7 ? 7.250   -4.106  5.238   1.00 20.52 ? 7   G   C OP2   1 
ATOM   485  O "O5'" . G   C 1 7 ? 7.387   -1.642  5.610   1.00 17.97 ? 7   G   C "O5'" 1 
ATOM   486  C "C5'" . G   C 1 7 ? 7.607   -0.275  5.269   1.00 17.47 ? 7   G   C "C5'" 1 
ATOM   487  C "C4'" . G   C 1 7 ? 7.152   0.639   6.378   1.00 15.84 ? 7   G   C "C4'" 1 
ATOM   488  O "O4'" . G   C 1 7 ? 5.752   0.396   6.671   1.00 17.49 ? 7   G   C "O4'" 1 
ATOM   489  C "C3'" . G   C 1 7 ? 7.846   0.461   7.716   1.00 18.75 ? 7   G   C "C3'" 1 
ATOM   490  O "O3'" . G   C 1 7 ? 9.092   1.139   7.778   1.00 19.24 ? 7   G   C "O3'" 1 
ATOM   491  C "C2'" . G   C 1 7 ? 6.836   1.072   8.663   1.00 16.37 ? 7   G   C "C2'" 1 
ATOM   492  O "O2'" . G   C 1 7 ? 6.866   2.492   8.549   1.00 19.51 ? 7   G   C "O2'" 1 
ATOM   493  C "C1'" . G   C 1 7 ? 5.535   0.571   8.054   1.00 15.61 ? 7   G   C "C1'" 1 
ATOM   494  N N9    . G   C 1 7 ? 5.055   -0.692  8.622   1.00 16.07 ? 7   G   C N9    1 
ATOM   495  C C8    . G   C 1 7 ? 4.949   -1.913  8.035   1.00 18.10 ? 7   G   C C8    1 
ATOM   496  N N7    . G   C 1 7 ? 4.423   -2.840  8.814   1.00 15.84 ? 7   G   C N7    1 
ATOM   497  C C5    . G   C 1 7 ? 4.070   -2.152  9.970   1.00 13.97 ? 7   G   C C5    1 
ATOM   498  C C6    . G   C 1 7 ? 3.449   -2.582  11.176  1.00 14.97 ? 7   G   C C6    1 
ATOM   499  O O6    . G   C 1 7 ? 2.994   -3.696  11.443  1.00 16.26 ? 7   G   C O6    1 
ATOM   500  N N1    . G   C 1 7 ? 3.298   -1.528  12.085  1.00 14.41 ? 7   G   C N1    1 
ATOM   501  C C2    . G   C 1 7 ? 3.776   -0.253  11.877  1.00 15.39 ? 7   G   C C2    1 
ATOM   502  N N2    . G   C 1 7 ? 3.576   0.640   12.860  1.00 16.81 ? 7   G   C N2    1 
ATOM   503  N N3    . G   C 1 7 ? 4.336   0.153   10.734  1.00 16.52 ? 7   G   C N3    1 
ATOM   504  C C4    . G   C 1 7 ? 4.467   -0.827  9.857   1.00 15.04 ? 7   G   C C4    1 
ATOM   505  P P     . C   C 1 8 ? 10.250  0.569   8.717   1.00 20.20 ? 8   C   C P     1 
ATOM   506  O OP1   . C   C 1 8 ? 11.427  1.431   8.555   1.00 22.59 ? 8   C   C OP1   1 
ATOM   507  O OP2   . C   C 1 8 ? 10.368  -0.862  8.486   1.00 22.50 ? 8   C   C OP2   1 
ATOM   508  O "O5'" . C   C 1 8 ? 9.701   0.813   10.187  1.00 17.86 ? 8   C   C "O5'" 1 
ATOM   509  C "C5'" . C   C 1 8 ? 9.763   2.113   10.753  1.00 16.90 ? 8   C   C "C5'" 1 
ATOM   510  C "C4'" . C   C 1 8 ? 9.237   2.097   12.162  1.00 16.51 ? 8   C   C "C4'" 1 
ATOM   511  O "O4'" . C   C 1 8 ? 7.852   1.671   12.160  1.00 16.75 ? 8   C   C "O4'" 1 
ATOM   512  C "C3'" . C   C 1 8 ? 9.899   1.123   13.117  1.00 18.97 ? 8   C   C "C3'" 1 
ATOM   513  O "O3'" . C   C 1 8 ? 11.129  1.605   13.615  1.00 20.46 ? 8   C   C "O3'" 1 
ATOM   514  C "C2'" . C   C 1 8 ? 8.850   1.042   14.213  1.00 19.43 ? 8   C   C "C2'" 1 
ATOM   515  O "O2'" . C   C 1 8 ? 8.868   2.167   15.055  1.00 18.66 ? 8   C   C "O2'" 1 
ATOM   516  C "C1'" . C   C 1 8 ? 7.563   1.024   13.388  1.00 16.88 ? 8   C   C "C1'" 1 
ATOM   517  N N1    . C   C 1 8 ? 7.125   -0.346  13.110  1.00 16.03 ? 8   C   C N1    1 
ATOM   518  C C2    . C   C 1 8 ? 6.392   -1.011  14.088  1.00 17.76 ? 8   C   C C2    1 
ATOM   519  O O2    . C   C 1 8 ? 6.114   -0.412  15.131  1.00 16.48 ? 8   C   C O2    1 
ATOM   520  N N3    . C   C 1 8 ? 6.005   -2.285  13.871  1.00 18.50 ? 8   C   C N3    1 
ATOM   521  C C4    . C   C 1 8 ? 6.337   -2.898  12.734  1.00 16.38 ? 8   C   C C4    1 
ATOM   522  N N4    . C   C 1 8 ? 5.936   -4.155  12.562  1.00 19.31 ? 8   C   C N4    1 
ATOM   523  C C5    . C   C 1 8 ? 7.102   -2.248  11.727  1.00 15.56 ? 8   C   C C5    1 
ATOM   524  C C6    . C   C 1 8 ? 7.482   -0.988  11.960  1.00 14.90 ? 8   C   C C6    1 
ATOM   525  O "O5'" . G   D 1 1 ? -0.384  -7.672  19.760  1.00 25.88 ? 1   G   D "O5'" 1 
ATOM   526  C "C5'" . G   D 1 1 ? -0.543  -7.165  21.087  1.00 24.74 ? 1   G   D "C5'" 1 
ATOM   527  C "C4'" . G   D 1 1 ? 0.207   -5.861  21.283  1.00 19.86 ? 1   G   D "C4'" 1 
ATOM   528  O "O4'" . G   D 1 1 ? 1.627   -6.067  21.046  1.00 21.07 ? 1   G   D "O4'" 1 
ATOM   529  C "C3'" . G   D 1 1 ? -0.159  -4.707  20.365  1.00 19.94 ? 1   G   D "C3'" 1 
ATOM   530  O "O3'" . G   D 1 1 ? -1.286  -3.997  20.836  1.00 23.21 ? 1   G   D "O3'" 1 
ATOM   531  C "C2'" . G   D 1 1 ? 1.103   -3.864  20.398  1.00 20.08 ? 1   G   D "C2'" 1 
ATOM   532  O "O2'" . G   D 1 1 ? 1.209   -3.193  21.657  1.00 23.85 ? 1   G   D "O2'" 1 
ATOM   533  C "C1'" . G   D 1 1 ? 2.174   -4.947  20.388  1.00 19.55 ? 1   G   D "C1'" 1 
ATOM   534  N N9    . G   D 1 1 ? 2.542   -5.383  19.025  1.00 19.27 ? 1   G   D N9    1 
ATOM   535  C C8    . G   D 1 1 ? 2.330   -6.598  18.422  1.00 21.27 ? 1   G   D C8    1 
ATOM   536  N N7    . G   D 1 1 ? 2.819   -6.638  17.189  1.00 20.89 ? 1   G   D N7    1 
ATOM   537  C C5    . G   D 1 1 ? 3.404   -5.376  17.014  1.00 19.19 ? 1   G   D C5    1 
ATOM   538  C C6    . G   D 1 1 ? 4.100   -4.824  15.899  1.00 17.88 ? 1   G   D C6    1 
ATOM   539  O O6    . G   D 1 1 ? 4.341   -5.366  14.812  1.00 18.72 ? 1   G   D O6    1 
ATOM   540  N N1    . G   D 1 1 ? 4.502   -3.506  16.123  1.00 16.44 ? 1   G   D N1    1 
ATOM   541  C C2    . G   D 1 1 ? 4.314   -2.813  17.281  1.00 17.32 ? 1   G   D C2    1 
ATOM   542  N N2    . G   D 1 1 ? 4.771   -1.557  17.329  1.00 17.36 ? 1   G   D N2    1 
ATOM   543  N N3    . G   D 1 1 ? 3.670   -3.325  18.335  1.00 20.25 ? 1   G   D N3    1 
ATOM   544  C C4    . G   D 1 1 ? 3.248   -4.603  18.127  1.00 19.65 ? 1   G   D C4    1 
ATOM   545  P P     . C   D 1 2 ? -2.359  -3.352  19.829  1.00 24.03 ? 2   C   D P     1 
ATOM   546  O OP1   . C   D 1 2 ? -3.509  -2.911  20.657  1.00 28.68 ? 2   C   D OP1   1 
ATOM   547  O OP2   . C   D 1 2 ? -2.582  -4.255  18.688  1.00 25.48 ? 2   C   D OP2   1 
ATOM   548  O "O5'" . C   D 1 2 ? -1.588  -2.105  19.239  1.00 19.94 ? 2   C   D "O5'" 1 
ATOM   549  C "C5'" . C   D 1 2 ? -1.244  -1.042  20.094  1.00 20.48 ? 2   C   D "C5'" 1 
ATOM   550  C "C4'" . C   D 1 2 ? -0.358  -0.090  19.351  1.00 20.45 ? 2   C   D "C4'" 1 
ATOM   551  O "O4'" . C   D 1 2 ? 0.856   -0.775  18.933  1.00 19.20 ? 2   C   D "O4'" 1 
ATOM   552  C "C3'" . C   D 1 2 ? -0.942  0.452   18.053  1.00 22.57 ? 2   C   D "C3'" 1 
ATOM   553  O "O3'" . C   D 1 2 ? -1.824  1.528   18.285  1.00 21.10 ? 2   C   D "O3'" 1 
ATOM   554  C "C2'" . C   D 1 2 ? 0.295   0.864   17.293  1.00 18.42 ? 2   C   D "C2'" 1 
ATOM   555  O "O2'" . C   D 1 2 ? 0.795   2.070   17.848  1.00 19.51 ? 2   C   D "O2'" 1 
ATOM   556  C "C1'" . C   D 1 2 ? 1.258   -0.265  17.661  1.00 18.50 ? 2   C   D "C1'" 1 
ATOM   557  N N1    . C   D 1 2 ? 1.239   -1.378  16.684  1.00 16.49 ? 2   C   D N1    1 
ATOM   558  C C2    . C   D 1 2 ? 1.941   -1.156  15.495  1.00 16.72 ? 2   C   D C2    1 
ATOM   559  O O2    . C   D 1 2 ? 2.521   -0.054  15.344  1.00 17.01 ? 2   C   D O2    1 
ATOM   560  N N3    . C   D 1 2 ? 2.009   -2.144  14.591  1.00 16.77 ? 2   C   D N3    1 
ATOM   561  C C4    . C   D 1 2 ? 1.397   -3.328  14.788  1.00 17.84 ? 2   C   D C4    1 
ATOM   562  N N4    . C   D 1 2 ? 1.496   -4.274  13.840  1.00 16.30 ? 2   C   D N4    1 
ATOM   563  C C5    . C   D 1 2 ? 0.671   -3.567  15.993  1.00 19.02 ? 2   C   D C5    1 
ATOM   564  C C6    . C   D 1 2 ? 0.615   -2.581  16.906  1.00 18.35 ? 2   C   D C6    1 
ATOM   565  P P     . A   D 1 3 ? -3.113  1.812   17.379  1.00 23.75 ? 3   A   D P     1 
ATOM   566  O OP1   . A   D 1 3 ? -3.849  2.908   18.011  1.00 28.40 ? 3   A   D OP1   1 
ATOM   567  O OP2   . A   D 1 3 ? -3.770  0.547   17.074  1.00 26.19 ? 3   A   D OP2   1 
ATOM   568  O "O5'" . A   D 1 3 ? -2.503  2.370   16.020  1.00 21.59 ? 3   A   D "O5'" 1 
ATOM   569  C "C5'" . A   D 1 3 ? -1.734  3.571   16.001  1.00 19.07 ? 3   A   D "C5'" 1 
ATOM   570  C "C4'" . A   D 1 3 ? -1.974  4.333   14.719  1.00 18.55 ? 3   A   D "C4'" 1 
ATOM   571  O "O4'" . A   D 1 3 ? -1.759  3.467   13.577  1.00 19.05 ? 3   A   D "O4'" 1 
ATOM   572  C "C3'" . A   D 1 3 ? -3.360  4.951   14.546  1.00 18.64 ? 3   A   D "C3'" 1 
ATOM   573  O "O3'" . A   D 1 3 ? -3.154  6.267   14.072  1.00 18.99 ? 3   A   D "O3'" 1 
ATOM   574  C "C2'" . A   D 1 3 ? -4.040  4.037   13.527  1.00 18.55 ? 3   A   D "C2'" 1 
ATOM   575  O "O2'" . A   D 1 3 ? -4.955  4.700   12.688  1.00 19.30 ? 3   A   D "O2'" 1 
ATOM   576  C "C1'" . A   D 1 3 ? -2.857  3.553   12.690  1.00 16.10 ? 3   A   D "C1'" 1 
ATOM   577  N N9    . A   D 1 3 ? -3.048  2.226   12.103  1.00 16.93 ? 3   A   D N9    1 
ATOM   578  C C8    . A   D 1 3 ? -3.643  1.137   12.685  1.00 18.13 ? 3   A   D C8    1 
ATOM   579  N N7    . A   D 1 3 ? -3.608  0.057   11.948  1.00 17.34 ? 3   A   D N7    1 
ATOM   580  C C5    . A   D 1 3 ? -2.935  0.458   10.803  1.00 15.83 ? 3   A   D C5    1 
ATOM   581  C C6    . A   D 1 3 ? -2.576  -0.225  9.631   1.00 15.63 ? 3   A   D C6    1 
ATOM   582  N N6    . A   D 1 3 ? -2.849  -1.511  9.409   1.00 17.54 ? 3   A   D N6    1 
ATOM   583  N N1    . A   D 1 3 ? -1.900  0.462   8.689   1.00 17.87 ? 3   A   D N1    1 
ATOM   584  C C2    . A   D 1 3 ? -1.618  1.748   8.915   1.00 18.68 ? 3   A   D C2    1 
ATOM   585  N N3    . A   D 1 3 ? -1.908  2.502   9.969   1.00 15.46 ? 3   A   D N3    1 
ATOM   586  C C4    . A   D 1 3 ? -2.578  1.789   10.888  1.00 14.81 ? 3   A   D C4    1 
ATOM   587  P P     . G   D 1 4 ? -2.796  7.430   15.072  1.00 19.41 ? 4   G   D P     1 
ATOM   588  O OP1   . G   D 1 4 ? -1.333  7.326   15.453  1.00 19.80 ? 4   G   D OP1   1 
ATOM   589  O OP2   . G   D 1 4 ? -3.808  7.460   16.149  1.00 20.42 ? 4   G   D OP2   1 
ATOM   590  O "O5'" . G   D 1 4 ? -2.974  8.708   14.182  1.00 18.97 ? 4   G   D "O5'" 1 
ATOM   591  C "C5'" . G   D 1 4 ? -4.202  9.406   14.111  1.00 18.75 ? 4   G   D "C5'" 1 
ATOM   592  C "C4'" . G   D 1 4 ? -4.189  10.275  12.869  1.00 18.01 ? 4   G   D "C4'" 1 
ATOM   593  O "O4'" . G   D 1 4 ? -3.076  11.197  12.941  1.00 18.32 ? 4   G   D "O4'" 1 
ATOM   594  C "C3'" . G   D 1 4 ? -3.948  9.523   11.557  1.00 18.37 ? 4   G   D "C3'" 1 
ATOM   595  O "O3'" . G   D 1 4 ? -5.143  8.990   11.036  1.00 20.83 ? 4   G   D "O3'" 1 
ATOM   596  C "C2'" . G   D 1 4 ? -3.383  10.608  10.667  1.00 19.62 ? 4   G   D "C2'" 1 
ATOM   597  O "O2'" . G   D 1 4 ? -4.455  11.450  10.266  1.00 19.54 ? 4   G   D "O2'" 1 
ATOM   598  C "C1'" . G   D 1 4 ? -2.525  11.382  11.649  1.00 17.98 ? 4   G   D "C1'" 1 
ATOM   599  N N9    . G   D 1 4 ? -1.116  10.947  11.677  1.00 15.49 ? 4   G   D N9    1 
ATOM   600  C C8    . G   D 1 4 ? -0.469  10.324  12.723  1.00 17.36 ? 4   G   D C8    1 
ATOM   601  N N7    . G   D 1 4 ? 0.799   10.088  12.486  1.00 16.73 ? 4   G   D N7    1 
ATOM   602  C C5    . G   D 1 4 ? 1.013   10.611  11.235  1.00 16.82 ? 4   G   D C5    1 
ATOM   603  C C6    . G   D 1 4 ? 2.202   10.636  10.455  1.00 18.75 ? 4   G   D C6    1 
ATOM   604  O O6    . G   D 1 4 ? 3.334   10.217  10.702  1.00 20.09 ? 4   G   D O6    1 
ATOM   605  N N1    . G   D 1 4 ? 1.948   11.204  9.230   1.00 21.50 ? 4   G   D N1    1 
ATOM   606  C C2    . G   D 1 4 ? 0.743   11.715  8.834   1.00 22.14 ? 4   G   D C2    1 
ATOM   607  N N2    . G   D 1 4 ? 0.755   12.267  7.619   1.00 24.82 ? 4   G   D N2    1 
ATOM   608  N N3    . G   D 1 4 ? -0.371  11.723  9.551   1.00 18.76 ? 4   G   D N3    1 
ATOM   609  C C4    . G   D 1 4 ? -0.164  11.120  10.721  1.00 16.59 ? 4   G   D C4    1 
ATOM   610  P P     . C   D 1 5 ? -5.156  7.552   10.300  1.00 19.64 ? 5   C   D P     1 
ATOM   611  O OP1   . C   D 1 5 ? -6.596  7.266   10.160  1.00 22.53 ? 5   C   D OP1   1 
ATOM   612  O OP2   . C   D 1 5 ? -4.198  6.585   10.969  1.00 19.79 ? 5   C   D OP2   1 
ATOM   613  O "O5'" . C   D 1 5 ? -4.525  7.855   8.867   1.00 19.86 ? 5   C   D "O5'" 1 
ATOM   614  C "C5'" . C   D 1 5 ? -4.939  8.931   8.043   1.00 19.55 ? 5   C   D "C5'" 1 
ATOM   615  C "C4'" . C   D 1 5 ? -3.925  9.144   6.941   1.00 20.04 ? 5   C   D "C4'" 1 
ATOM   616  O "O4'" . C   D 1 5 ? -2.634  9.470   7.533   1.00 19.16 ? 5   C   D "O4'" 1 
ATOM   617  C "C3'" . C   D 1 5 ? -3.689  7.958   6.019   1.00 19.35 ? 5   C   D "C3'" 1 
ATOM   618  O "O3'" . C   D 1 5 ? -3.533  8.427   4.682   1.00 22.90 ? 5   C   D "O3'" 1 
ATOM   619  C "C2'" . C   D 1 5 ? -2.363  7.377   6.507   1.00 17.29 ? 5   C   D "C2'" 1 
ATOM   620  O "O2'" . C   D 1 5 ? -1.619  6.786   5.471   1.00 19.46 ? 5   C   D "O2'" 1 
ATOM   621  C "C1'" . C   D 1 5 ? -1.629  8.593   7.052   1.00 17.65 ? 5   C   D "C1'" 1 
ATOM   622  N N1    . C   D 1 5 ? -0.759  8.227   8.194   1.00 19.37 ? 5   C   D N1    1 
ATOM   623  C C2    . C   D 1 5 ? 0.639   8.178   8.096   1.00 16.54 ? 5   C   D C2    1 
ATOM   624  O O2    . C   D 1 5 ? 1.165   8.462   7.026   1.00 18.04 ? 5   C   D O2    1 
ATOM   625  N N3    . C   D 1 5 ? 1.380   7.797   9.138   1.00 16.72 ? 5   C   D N3    1 
ATOM   626  C C4    . C   D 1 5 ? 0.800   7.478   10.305  1.00 15.50 ? 5   C   D C4    1 
ATOM   627  N N4    . C   D 1 5 ? 1.586   7.168   11.329  1.00 17.12 ? 5   C   D N4    1 
ATOM   628  C C5    . C   D 1 5 ? -0.623  7.521   10.457  1.00 17.87 ? 5   C   D C5    1 
ATOM   629  C C6    . C   D 1 5 ? -1.346  7.885   9.375   1.00 19.21 ? 5   C   D C6    1 
ATOM   630  P P     . A   D 1 6 ? -4.819  8.521   3.715   1.00 22.44 ? 6   A   D P     1 
ATOM   631  O OP1   . A   D 1 6 ? -4.294  8.995   2.393   1.00 26.47 ? 6   A   D OP1   1 
ATOM   632  O OP2   . A   D 1 6 ? -5.945  9.336   4.256   1.00 24.02 ? 6   A   D OP2   1 
ATOM   633  O "O5'" . A   D 1 6 ? -5.293  7.003   3.646   1.00 22.09 ? 6   A   D "O5'" 1 
ATOM   634  C "C5'" . A   D 1 6 ? -6.587  6.620   3.204   1.00 19.66 ? 6   A   D "C5'" 1 
ATOM   635  C "C4'" . A   D 1 6 ? -6.484  5.431   2.284   1.00 18.48 ? 6   A   D "C4'" 1 
ATOM   636  O "O4'" . A   D 1 6 ? -5.780  4.335   2.925   1.00 19.19 ? 6   A   D "O4'" 1 
ATOM   637  C "C3'" . A   D 1 6 ? -7.799  4.816   1.911   1.00 17.88 ? 6   A   D "C3'" 1 
ATOM   638  O "O3'" . A   D 1 6 ? -8.466  5.572   0.935   1.00 19.55 ? 6   A   D "O3'" 1 
ATOM   639  C "C2'" . A   D 1 6 ? -7.375  3.432   1.444   1.00 19.08 ? 6   A   D "C2'" 1 
ATOM   640  O "O2'" . A   D 1 6 ? -6.667  3.525   0.220   1.00 20.11 ? 6   A   D "O2'" 1 
ATOM   641  C "C1'" . A   D 1 6 ? -6.331  3.105   2.495   1.00 19.15 ? 6   A   D "C1'" 1 
ATOM   642  N N9    . A   D 1 6 ? -6.888  2.426   3.669   1.00 17.34 ? 6   A   D N9    1 
ATOM   643  C C8    . A   D 1 6 ? -7.167  2.919   4.911   1.00 18.95 ? 6   A   D C8    1 
ATOM   644  N N7    . A   D 1 6 ? -7.569  2.002   5.739   1.00 19.69 ? 6   A   D N7    1 
ATOM   645  C C5    . A   D 1 6 ? -7.564  0.833   4.983   1.00 19.52 ? 6   A   D C5    1 
ATOM   646  C C6    . A   D 1 6 ? -7.891  -0.484  5.309   1.00 19.95 ? 6   A   D C6    1 
ATOM   647  N N6    . A   D 1 6 ? -8.302  -0.827  6.545   1.00 18.45 ? 6   A   D N6    1 
ATOM   648  N N1    . A   D 1 6 ? -7.759  -1.416  4.326   1.00 18.33 ? 6   A   D N1    1 
ATOM   649  C C2    . A   D 1 6 ? -7.294  -1.016  3.130   1.00 19.71 ? 6   A   D C2    1 
ATOM   650  N N3    . A   D 1 6 ? -6.974  0.233   2.715   1.00 18.49 ? 6   A   D N3    1 
ATOM   651  C C4    . A   D 1 6 ? -7.122  1.087   3.712   1.00 18.61 ? 6   A   D C4    1 
ATOM   652  P P     . G   D 1 7 ? -10.004 5.920   1.161   1.00 20.38 ? 7   G   D P     1 
ATOM   653  O OP1   . G   D 1 7 ? -10.258 7.023   0.171   1.00 21.53 ? 7   G   D OP1   1 
ATOM   654  O OP2   . G   D 1 7 ? -10.303 6.118   2.600   1.00 21.92 ? 7   G   D OP2   1 
ATOM   655  O "O5'" . G   D 1 7 ? -10.743 4.594   0.683   1.00 19.66 ? 7   G   D "O5'" 1 
ATOM   656  C "C5'" . G   D 1 7 ? -10.635 4.179   -0.655  1.00 19.30 ? 7   G   D "C5'" 1 
ATOM   657  C "C4'" . G   D 1 7 ? -10.785 2.690   -0.802  1.00 19.97 ? 7   G   D "C4'" 1 
ATOM   658  O "O4'" . G   D 1 7 ? -9.828  2.015   0.027   1.00 19.05 ? 7   G   D "O4'" 1 
ATOM   659  C "C3'" . G   D 1 7 ? -12.106 2.059   -0.398  1.00 20.47 ? 7   G   D "C3'" 1 
ATOM   660  O "O3'" . G   D 1 7 ? -13.096 2.263   -1.369  1.00 23.09 ? 7   G   D "O3'" 1 
ATOM   661  C "C2'" . G   D 1 7 ? -11.700 0.603   -0.268  1.00 20.94 ? 7   G   D "C2'" 1 
ATOM   662  O "O2'" . G   D 1 7 ? -11.477 0.049   -1.571  1.00 22.42 ? 7   G   D "O2'" 1 
ATOM   663  C "C1'" . G   D 1 7 ? -10.337 0.761   0.416   1.00 19.87 ? 7   G   D "C1'" 1 
ATOM   664  N N9    . G   D 1 7 ? -10.514 0.779   1.870   1.00 18.61 ? 7   G   D N9    1 
ATOM   665  C C8    . G   D 1 7 ? -10.585 1.852   2.707   1.00 20.82 ? 7   G   D C8    1 
ATOM   666  N N7    . G   D 1 7 ? -10.805 1.467   3.940   1.00 18.62 ? 7   G   D N7    1 
ATOM   667  C C5    . G   D 1 7 ? -10.879 0.064   3.902   1.00 16.56 ? 7   G   D C5    1 
ATOM   668  C C6    . G   D 1 7 ? -11.121 -0.903  4.908   1.00 18.42 ? 7   G   D C6    1 
ATOM   669  O O6    . G   D 1 7 ? -11.305 -0.716  6.103   1.00 19.67 ? 7   G   D O6    1 
ATOM   670  N N1    . G   D 1 7 ? -11.140 -2.197  4.410   1.00 17.90 ? 7   G   D N1    1 
ATOM   671  C C2    . G   D 1 7 ? -10.975 -2.545  3.070   1.00 18.93 ? 7   G   D C2    1 
ATOM   672  N N2    . G   D 1 7 ? -11.018 -3.865  2.749   1.00 21.65 ? 7   G   D N2    1 
ATOM   673  N N3    . G   D 1 7 ? -10.738 -1.630  2.125   1.00 18.40 ? 7   G   D N3    1 
ATOM   674  C C4    . G   D 1 7 ? -10.728 -0.373  2.617   1.00 18.69 ? 7   G   D C4    1 
ATOM   675  P P     . C   D 1 8 ? -14.662 2.246   -0.979  1.00 24.65 ? 8   C   D P     1 
ATOM   676  O OP1   . C   D 1 8 ? -15.359 2.565   -2.253  1.00 28.91 ? 8   C   D OP1   1 
ATOM   677  O OP2   . C   D 1 8 ? -14.913 3.091   0.188   1.00 25.63 ? 8   C   D OP2   1 
ATOM   678  O "O5'" . C   D 1 8 ? -14.953 0.749   -0.522  1.00 23.31 ? 8   C   D "O5'" 1 
ATOM   679  C "C5'" . C   D 1 8 ? -14.860 -0.300  -1.477  1.00 20.42 ? 8   C   D "C5'" 1 
ATOM   680  C "C4'" . C   D 1 8 ? -15.041 -1.628  -0.818  1.00 22.96 ? 8   C   D "C4'" 1 
ATOM   681  O "O4'" . C   D 1 8 ? -14.039 -1.798  0.209   1.00 23.80 ? 8   C   D "O4'" 1 
ATOM   682  C "C3'" . C   D 1 8 ? -16.334 -1.820  -0.063  1.00 27.79 ? 8   C   D "C3'" 1 
ATOM   683  O "O3'" . C   D 1 8 ? -17.446 -2.073  -0.900  1.00 30.19 ? 8   C   D "O3'" 1 
ATOM   684  C "C2'" . C   D 1 8 ? -15.992 -2.979  0.858   1.00 26.53 ? 8   C   D "C2'" 1 
ATOM   685  O "O2'" . C   D 1 8 ? -16.031 -4.210  0.144   1.00 29.06 ? 8   C   D "O2'" 1 
ATOM   686  C "C1'" . C   D 1 8 ? -14.536 -2.649  1.221   1.00 23.93 ? 8   C   D "C1'" 1 
ATOM   687  N N1    . C   D 1 8 ? -14.480 -1.924  2.508   1.00 22.67 ? 8   C   D N1    1 
ATOM   688  C C2    . C   D 1 8 ? -14.610 -2.711  3.652   1.00 23.59 ? 8   C   D C2    1 
ATOM   689  O O2    . C   D 1 8 ? -14.711 -3.935  3.486   1.00 22.35 ? 8   C   D O2    1 
ATOM   690  N N3    . C   D 1 8 ? -14.613 -2.119  4.865   1.00 22.34 ? 8   C   D N3    1 
ATOM   691  C C4    . C   D 1 8 ? -14.519 -0.788  4.974   1.00 24.26 ? 8   C   D C4    1 
ATOM   692  N N4    . C   D 1 8 ? -14.530 -0.234  6.200   1.00 25.38 ? 8   C   D N4    1 
ATOM   693  C C5    . C   D 1 8 ? -14.390 0.042   3.818   1.00 23.44 ? 8   C   D C5    1 
ATOM   694  C C6    . C   D 1 8 ? -14.388 -0.561  2.612   1.00 22.92 ? 8   C   D C6    1 
HETATM 695  C C8    . J48 E 2 . ? 4.118   0.377   -5.143  1.00 17.80 ? 101 J48 A C8    1 
HETATM 696  C C9    . J48 E 2 . ? 4.029   0.833   -3.813  1.00 18.25 ? 101 J48 A C9    1 
HETATM 697  C C10   . J48 E 2 . ? 4.597   2.035   -3.509  1.00 18.15 ? 101 J48 A C10   1 
HETATM 698  C C11   . J48 E 2 . ? 7.780   1.138   -12.732 1.00 18.22 ? 101 J48 A C11   1 
HETATM 699  C C12   . J48 E 2 . ? 7.610   -0.008  -11.935 1.00 19.95 ? 101 J48 A C12   1 
HETATM 700  C C13   . J48 E 2 . ? 7.617   0.173   -10.534 1.00 17.85 ? 101 J48 A C13   1 
HETATM 701  N N1    . J48 E 2 . ? 5.904   2.870   -6.859  1.00 18.57 ? 101 J48 A N1    1 
HETATM 702  C C6    . J48 E 2 . ? 6.474   4.046   -6.625  1.00 20.90 ? 101 J48 A C6    1 
HETATM 703  C C3    . J48 E 2 . ? 5.251   2.786   -4.510  1.00 17.02 ? 101 J48 A C3    1 
HETATM 704  C C5    . J48 E 2 . ? 6.458   4.675   -5.374  1.00 19.45 ? 101 J48 A C5    1 
HETATM 705  C C4    . J48 E 2 . ? 5.856   4.052   -4.325  1.00 19.61 ? 101 J48 A C4    1 
HETATM 706  C C2    . J48 E 2 . ? 5.285   2.240   -5.811  1.00 17.28 ? 101 J48 A C2    1 
HETATM 707  C C15   . J48 E 2 . ? 7.934   2.451   -10.741 1.00 20.88 ? 101 J48 A C15   1 
HETATM 708  C C16   . J48 E 2 . ? 7.951   2.361   -12.137 1.00 21.21 ? 101 J48 A C16   1 
HETATM 709  C C17   . J48 E 2 . ? 7.416   -1.323  -12.420 1.00 18.95 ? 101 J48 A C17   1 
HETATM 710  C C18   . J48 E 2 . ? 7.213   -2.351  -11.550 1.00 17.20 ? 101 J48 A C18   1 
HETATM 711  C C19   . J48 E 2 . ? 7.220   -2.060  -10.169 1.00 17.03 ? 101 J48 A C19   1 
HETATM 712  C C22   . J48 E 2 . ? 3.097   -1.853  -4.834  1.00 17.86 ? 101 J48 A C22   1 
HETATM 713  C C26   . J48 E 2 . ? 6.726   -4.307  -9.286  1.00 19.69 ? 101 J48 A C26   1 
HETATM 714  C C29   . J48 E 2 . ? 2.154   -4.031  -4.936  1.00 20.02 ? 101 J48 A C29   1 
HETATM 715  C C30   . J48 E 2 . ? 2.785   -5.346  -5.335  1.00 17.93 ? 101 J48 A C30   1 
HETATM 716  C C31   . J48 E 2 . ? 6.135   -6.248  -8.087  1.00 19.15 ? 101 J48 A C31   1 
HETATM 717  C C32   . J48 E 2 . ? 2.722   -5.576  -6.823  1.00 17.99 ? 101 J48 A C32   1 
HETATM 718  C C33   . J48 E 2 . ? 3.688   -6.104  -7.559  1.00 15.38 ? 101 J48 A C33   1 
HETATM 719  C C34   . J48 E 2 . ? 7.216   4.619   -7.818  1.00 18.36 ? 101 J48 A C34   1 
HETATM 720  C C36   . J48 E 2 . ? 7.985   3.770   -10.004 1.00 21.64 ? 101 J48 A C36   1 
HETATM 721  C C37   . J48 E 2 . ? 5.049   -6.557  -7.085  1.00 18.49 ? 101 J48 A C37   1 
HETATM 722  N N14   . J48 E 2 . ? 7.781   1.397   -9.947  1.00 18.51 ? 101 J48 A N14   1 
HETATM 723  N N20   . J48 E 2 . ? 7.439   -0.857  -9.666  1.00 17.32 ? 101 J48 A N20   1 
HETATM 724  N N21   . J48 E 2 . ? 3.683   -0.884  -5.602  1.00 16.80 ? 101 J48 A N21   1 
HETATM 725  N N25   . J48 E 2 . ? 6.955   -2.981  -9.142  1.00 17.62 ? 101 J48 A N25   1 
HETATM 726  N N35   A J48 E 2 . ? 6.868   3.877   -9.049  0.60 20.66 ? 101 J48 A N35   1 
HETATM 727  N N35   B J48 E 2 . ? 7.943   3.562   -8.546  0.40 19.71 ? 101 J48 A N35   1 
HETATM 728  N N7    . J48 E 2 . ? 4.701   1.056   -6.117  1.00 17.15 ? 101 J48 A N7    1 
HETATM 729  O O23   . J48 E 2 . ? 2.862   -2.940  -5.590  1.00 19.11 ? 101 J48 A O23   1 
HETATM 730  O O24   . J48 E 2 . ? 2.765   -1.747  -3.669  1.00 21.47 ? 101 J48 A O24   1 
HETATM 731  O O27   . J48 E 2 . ? 6.395   -4.820  -8.093  1.00 20.76 ? 101 J48 A O27   1 
HETATM 732  O O28   . J48 E 2 . ? 6.796   -4.948  -10.317 1.00 21.56 ? 101 J48 A O28   1 
HETATM 733  C C8    . J48 F 2 . ? 0.171   6.268   -7.260  1.00 22.90 ? 102 J48 A C8    1 
HETATM 734  C C9    . J48 F 2 . ? 0.832   7.513   -7.263  1.00 24.58 ? 102 J48 A C9    1 
HETATM 735  C C10   . J48 F 2 . ? 1.460   7.906   -8.413  1.00 23.39 ? 102 J48 A C10   1 
HETATM 736  C C11   . J48 F 2 . ? 0.463   -1.679  -11.092 1.00 20.22 ? 102 J48 A C11   1 
HETATM 737  C C12   . J48 F 2 . ? 0.479   -1.317  -9.729  1.00 19.44 ? 102 J48 A C12   1 
HETATM 738  C C13   . J48 F 2 . ? 0.794   0.026   -9.417  1.00 17.36 ? 102 J48 A C13   1 
HETATM 739  N N1    . J48 F 2 . ? 0.708   4.937   -10.471 1.00 19.50 ? 102 J48 A N1    1 
HETATM 740  C C6    . J48 F 2 . ? 1.312   5.257   -11.610 1.00 21.12 ? 102 J48 A C6    1 
HETATM 741  C C3    . J48 F 2 . ? 1.432   7.079   -9.556  1.00 22.32 ? 102 J48 A C3    1 
HETATM 742  C C5    . J48 F 2 . ? 1.941   6.485   -11.828 1.00 20.44 ? 102 J48 A C5    1 
HETATM 743  C C4    . J48 F 2 . ? 2.010   7.390   -10.806 1.00 22.17 ? 102 J48 A C4    1 
HETATM 744  C C2    . J48 F 2 . ? 0.760   5.840   -9.445  1.00 20.62 ? 102 J48 A C2    1 
HETATM 745  C C15   . J48 F 2 . ? 0.998   0.571   -11.644 1.00 16.90 ? 102 J48 A C15   1 
HETATM 746  C C16   . J48 F 2 . ? 0.713   -0.735  -12.042 1.00 17.34 ? 102 J48 A C16   1 
HETATM 747  C C17   . J48 F 2 . ? 0.203   -2.184  -8.651  1.00 20.86 ? 102 J48 A C17   1 
HETATM 748  C C18   . J48 F 2 . ? 0.227   -1.712  -7.371  1.00 19.81 ? 102 J48 A C18   1 
HETATM 749  C C19   . J48 F 2 . ? 0.552   -0.362  -7.173  1.00 17.64 ? 102 J48 A C19   1 
HETATM 750  C C22   . J48 F 2 . ? -0.546  6.268   -4.908  1.00 22.72 ? 102 J48 A C22   1 
HETATM 751  C C26   . J48 F 2 . ? 0.149   -0.192  -4.739  1.00 17.16 ? 102 J48 A C26   1 
HETATM 752  C C29   . J48 F 2 . ? -1.227  5.819   -2.676  1.00 24.64 ? 102 J48 A C29   1 
HETATM 753  C C30   . J48 F 2 . ? -1.339  4.580   -1.812  1.00 24.12 ? 102 J48 A C30   1 
HETATM 754  C C31   . J48 F 2 . ? 0.087   0.350   -2.445  1.00 21.18 ? 102 J48 A C31   1 
HETATM 755  C C32   . J48 F 2 . ? 0.007   3.973   -1.514  1.00 25.50 ? 102 J48 A C32   1 
HETATM 756  C C33   . J48 F 2 . ? 0.339   2.687   -1.506  1.00 24.39 ? 102 J48 A C33   1 
HETATM 757  C C34   . J48 F 2 . ? 1.386   4.125   -12.615 1.00 21.73 ? 102 J48 A C34   1 
HETATM 758  C C36   . J48 F 2 . ? 1.226   1.682   -12.633 1.00 18.62 ? 102 J48 A C36   1 
HETATM 759  C C37   . J48 F 2 . ? -0.579  1.518   -1.748  1.00 22.69 ? 102 J48 A C37   1 
HETATM 760  N N14   . J48 F 2 . ? 1.054   0.955   -10.370 1.00 18.94 ? 102 J48 A N14   1 
HETATM 761  N N20   . J48 F 2 . ? 0.854   0.480   -8.142  1.00 17.54 ? 102 J48 A N20   1 
HETATM 762  N N21   . J48 F 2 . ? -0.447  5.699   -6.138  1.00 22.22 ? 102 J48 A N21   1 
HETATM 763  N N25   . J48 F 2 . ? 0.560   0.299   -5.941  1.00 16.02 ? 102 J48 A N25   1 
HETATM 764  N N35   A J48 F 2 . ? 0.665   2.942   -12.131 0.57 20.70 ? 102 J48 A N35   1 
HETATM 765  N N35   B J48 F 2 . ? 1.800   2.869   -11.980 0.43 20.15 ? 102 J48 A N35   1 
HETATM 766  N N7    . J48 F 2 . ? 0.122   5.456   -8.303  1.00 23.27 ? 102 J48 A N7    1 
HETATM 767  O O23   . J48 F 2 . ? -1.140  5.399   -4.066  1.00 23.70 ? 102 J48 A O23   1 
HETATM 768  O O24   . J48 F 2 . ? -0.203  7.390   -4.607  1.00 25.51 ? 102 J48 A O24   1 
HETATM 769  O O27   . J48 F 2 . ? 0.379   0.732   -3.808  1.00 20.67 ? 102 J48 A O27   1 
HETATM 770  O O28   . J48 F 2 . ? -0.329  -1.284  -4.517  1.00 20.51 ? 102 J48 A O28   1 
HETATM 771  C C8    . J48 G 2 . ? -1.378  -1.940  5.761   1.00 17.34 ? 101 J48 C C8    1 
HETATM 772  C C9    . J48 G 2 . ? -1.244  -2.579  4.524   1.00 18.73 ? 101 J48 C C9    1 
HETATM 773  C C10   . J48 G 2 . ? -1.318  -3.941  4.489   1.00 17.38 ? 101 J48 C C10   1 
HETATM 774  C C11   . J48 G 2 . ? -2.071  -2.696  14.259  1.00 20.70 ? 101 J48 C C11   1 
HETATM 775  C C12   . J48 G 2 . ? -1.307  -1.771  13.516  1.00 21.52 ? 101 J48 C C12   1 
HETATM 776  C C13   . J48 G 2 . ? -0.801  -2.203  12.272  1.00 18.95 ? 101 J48 C C13   1 
HETATM 777  N N1    . J48 G 2 . ? -1.885  -4.531  8.069   1.00 19.96 ? 101 J48 C N1    1 
HETATM 778  C C6    . J48 G 2 . ? -1.933  -5.868  8.107   1.00 20.20 ? 101 J48 C C6    1 
HETATM 779  C C3    . J48 G 2 . ? -1.519  -4.674  5.673   1.00 17.60 ? 101 J48 C C3    1 
HETATM 780  C C5    . J48 G 2 . ? -1.810  -6.674  6.969   1.00 19.99 ? 101 J48 C C5    1 
HETATM 781  C C4    . J48 G 2 . ? -1.591  -6.084  5.760   1.00 19.65 ? 101 J48 C C4    1 
HETATM 782  C C2    . J48 G 2 . ? -1.670  -3.939  6.867   1.00 18.88 ? 101 J48 C C2    1 
HETATM 783  C C15   . J48 G 2 . ? -1.755  -4.285  12.528  1.00 21.25 ? 101 J48 C C15   1 
HETATM 784  C C16   . J48 G 2 . ? -2.288  -3.940  13.770  1.00 22.76 ? 101 J48 C C16   1 
HETATM 785  C C17   . J48 G 2 . ? -1.043  -0.436  13.898  1.00 18.71 ? 101 J48 C C17   1 
HETATM 786  C C18   . J48 G 2 . ? -0.326  0.384   13.079  1.00 16.37 ? 101 J48 C C18   1 
HETATM 787  C C19   . J48 G 2 . ? 0.127   -0.135  11.855  1.00 17.58 ? 101 J48 C C19   1 
HETATM 788  C C22   . J48 G 2 . ? -0.746  0.351   5.064   1.00 16.92 ? 101 J48 C C22   1 
HETATM 789  C C26   . J48 G 2 . ? 1.084   1.938   11.004  1.00 17.06 ? 101 J48 C C26   1 
HETATM 790  C C29   . J48 G 2 . ? -0.230  2.665   4.794   1.00 18.05 ? 101 J48 C C29   1 
HETATM 791  C C30   . J48 G 2 . ? 0.654   3.653   5.552   1.00 20.99 ? 101 J48 C C30   1 
HETATM 792  C C31   . J48 G 2 . ? 1.971   3.794   9.859   1.00 18.58 ? 101 J48 C C31   1 
HETATM 793  C C32   . J48 G 2 . ? -0.026  4.274   6.744   1.00 20.95 ? 101 J48 C C32   1 
HETATM 794  C C33   . J48 G 2 . ? 0.503   4.560   7.953   1.00 19.72 ? 101 J48 C C33   1 
HETATM 795  C C34   . J48 G 2 . ? -2.064  -6.425  9.508   1.00 23.74 ? 101 J48 C C34   1 
HETATM 796  C C36   . J48 G 2 . ? -2.057  -5.607  11.854  1.00 24.61 ? 101 J48 C C36   1 
HETATM 797  C C37   . J48 G 2 . ? 1.913   4.324   8.445   1.00 16.08 ? 101 J48 C C37   1 
HETATM 798  N N14   . J48 G 2 . ? -1.026  -3.459  11.789  1.00 20.80 ? 101 J48 C N14   1 
HETATM 799  N N20   . J48 G 2 . ? -0.081  -1.382  11.455  1.00 18.05 ? 101 J48 C N20   1 
HETATM 800  N N21   . J48 G 2 . ? -1.181  -0.555  5.975   1.00 15.91 ? 101 J48 C N21   1 
HETATM 801  N N25   . J48 G 2 . ? 0.821   0.619   10.893  1.00 19.05 ? 101 J48 C N25   1 
HETATM 802  N N35   . J48 G 2 . ? -2.354  -5.320  10.439  1.00 26.75 ? 101 J48 C N35   1 
HETATM 803  N N7    . J48 G 2 . ? -1.585  -2.583  6.900   1.00 17.68 ? 101 J48 C N7    1 
HETATM 804  O O23   . J48 G 2 . ? -0.630  1.568   5.656   1.00 17.99 ? 101 J48 C O23   1 
HETATM 805  O O24   . J48 G 2 . ? -0.486  0.118   3.904   1.00 20.78 ? 101 J48 C O24   1 
HETATM 806  O O27   . J48 G 2 . ? 1.521   2.414   9.826   1.00 18.29 ? 101 J48 C O27   1 
HETATM 807  O O28   . J48 G 2 . ? 0.872   2.630   11.971  1.00 19.14 ? 101 J48 C O28   1 
HETATM 808  C C8    . J48 H 2 . ? -8.267  -4.837  6.088   1.00 18.96 ? 101 J48 D C8    1 
HETATM 809  C C9    . J48 H 2 . ? -8.415  -6.197  6.414   1.00 21.44 ? 101 J48 D C9    1 
HETATM 810  C C10   . J48 H 2 . ? -8.565  -6.530  7.732   1.00 20.01 ? 101 J48 D C10   1 
HETATM 811  C C11   . J48 H 2 . ? -5.388  2.752   9.334   1.00 17.65 ? 101 J48 D C11   1 
HETATM 812  C C12   . J48 H 2 . ? -5.026  2.081   8.152   1.00 15.80 ? 101 J48 D C12   1 
HETATM 813  C C13   . J48 H 2 . ? -5.368  0.715   8.052   1.00 19.67 ? 101 J48 D C13   1 
HETATM 814  N N1    . J48 H 2 . ? -8.393  -3.147  9.158   1.00 19.59 ? 101 J48 D N1    1 
HETATM 815  C C6    . J48 H 2 . ? -8.511  -3.409  10.452  1.00 21.52 ? 101 J48 D C6    1 
HETATM 816  C C3    . J48 H 2 . ? -8.589  -5.524  8.718   1.00 20.75 ? 101 J48 D C3    1 
HETATM 817  C C5    . J48 H 2 . ? -8.712  -4.693  10.960  1.00 22.62 ? 101 J48 D C5    1 
HETATM 818  C C4    A J48 H 2 . ? -8.747  -5.744  10.100  0.61 22.03 ? 101 J48 D C4    1 
HETATM 819  C C4    B J48 H 2 . ? -8.747  -5.744  10.100  0.39 21.99 ? 101 J48 D C4    1 
HETATM 820  C C2    . J48 H 2 . ? -8.428  -4.192  8.291   1.00 20.08 ? 101 J48 D C2    1 
HETATM 821  C C15   . J48 H 2 . ? -6.342  0.727   10.139  1.00 19.27 ? 101 J48 D C15   1 
HETATM 822  C C16   . J48 H 2 . ? -6.022  2.072   10.328  1.00 16.64 ? 101 J48 D C16   1 
HETATM 823  C C17   . J48 H 2 . ? -4.364  2.666   7.059   1.00 17.22 ? 101 J48 D C17   1 
HETATM 824  C C18   . J48 H 2 . ? -4.099  1.931   5.949   1.00 16.06 ? 101 J48 D C18   1 
HETATM 825  C C19   . J48 H 2 . ? -4.466  0.573   5.944   1.00 17.38 ? 101 J48 D C19   1 
HETATM 826  C C22   . J48 H 2 . ? -8.107  -5.034  3.633   1.00 22.01 ? 101 J48 D C22   1 
HETATM 827  C C26   . J48 H 2 . ? -3.936  0.073   3.568   1.00 20.93 ? 101 J48 D C26   1 
HETATM 828  C C29   A J48 H 2 . ? -7.521  -4.873  1.344   0.61 27.44 ? 101 J48 D C29   1 
HETATM 829  C C29   B J48 H 2 . ? -7.622  -4.865  1.327   0.39 25.47 ? 101 J48 D C29   1 
HETATM 830  C C30   A J48 H 2 . ? -6.221  -4.358  0.762   0.61 27.43 ? 101 J48 D C30   1 
HETATM 831  C C30   B J48 H 2 . ? -6.715  -4.068  0.415   0.39 24.05 ? 101 J48 D C30   1 
HETATM 832  C C31   A J48 H 2 . ? -3.560  -0.796  1.391   0.61 22.38 ? 101 J48 D C31   1 
HETATM 833  C C31   B J48 H 2 . ? -3.782  -0.746  1.347   0.39 20.51 ? 101 J48 D C31   1 
HETATM 834  C C32   A J48 H 2 . ? -6.328  -2.934  0.277   0.61 28.29 ? 101 J48 D C32   1 
HETATM 835  C C32   B J48 H 2 . ? -5.264  -4.134  0.808   0.39 23.99 ? 101 J48 D C32   1 
HETATM 836  C C33   A J48 H 2 . ? -5.406  -1.999  0.230   0.61 26.21 ? 101 J48 D C33   1 
HETATM 837  C C33   B J48 H 2 . ? -4.403  -3.125  0.862   0.39 22.07 ? 101 J48 D C33   1 
HETATM 838  C C34   . J48 H 2 . ? -8.287  -2.204  11.332  1.00 22.95 ? 101 J48 D C34   1 
HETATM 839  C C36   . J48 H 2 . ? -7.136  -0.045  11.161  1.00 18.83 ? 101 J48 D C36   1 
HETATM 840  C C37   A J48 H 2 . ? -3.965  -2.048  0.643   0.61 24.89 ? 101 J48 D C37   1 
HETATM 841  C C37   B J48 H 2 . ? -4.675  -1.683  0.561   0.39 22.51 ? 101 J48 D C37   1 
HETATM 842  N N14   . J48 H 2 . ? -6.030  0.049   9.050   1.00 17.36 ? 101 J48 D N14   1 
HETATM 843  N N20   . J48 H 2 . ? -5.068  -0.026  6.957   1.00 17.86 ? 101 J48 D N20   1 
HETATM 844  N N21   . J48 H 2 . ? -8.066  -4.342  4.797   1.00 18.67 ? 101 J48 D N21   1 
HETATM 845  N N25   . J48 H 2 . ? -4.249  -0.301  4.856   1.00 20.24 ? 101 J48 D N25   1 
HETATM 846  N N35   A J48 H 2 . ? -7.069  -1.486  10.915  0.61 19.82 ? 101 J48 D N35   1 
HETATM 847  N N35   B J48 H 2 . ? -8.085  -0.978  10.541  0.39 19.76 ? 101 J48 D N35   1 
HETATM 848  N N7    . J48 H 2 . ? -8.277  -3.860  6.976   1.00 18.96 ? 101 J48 D N7    1 
HETATM 849  O O23   . J48 H 2 . ? -7.740  -4.220  2.625   1.00 24.49 ? 101 J48 D O23   1 
HETATM 850  O O24   . J48 H 2 . ? -8.461  -6.189  3.490   1.00 25.81 ? 101 J48 D O24   1 
HETATM 851  O O27   . J48 H 2 . ? -3.978  -1.012  2.763   1.00 20.41 ? 101 J48 D O27   1 
HETATM 852  O O28   . J48 H 2 . ? -3.649  1.186   3.182   1.00 22.90 ? 101 J48 D O28   1 
HETATM 853  O O     . HOH I 3 . ? 4.183   2.725   -11.639 1.00 30.67 ? 201 HOH A O     1 
HETATM 854  O O     . HOH I 3 . ? 9.595   2.384   -7.110  1.00 25.43 ? 202 HOH A O     1 
HETATM 855  O O     . HOH I 3 . ? 1.646   9.476   -14.890 1.00 31.14 ? 203 HOH A O     1 
HETATM 856  O O     . HOH I 3 . ? -1.826  2.339   -11.778 1.00 30.87 ? 204 HOH A O     1 
HETATM 857  O O     . HOH I 3 . ? -2.681  15.168  -10.848 1.00 27.30 ? 205 HOH A O     1 
HETATM 858  O O     . HOH I 3 . ? 4.449   4.794   -10.065 1.00 30.09 ? 206 HOH A O     1 
HETATM 859  O O     . HOH I 3 . ? 11.675  4.620   -2.119  1.00 35.39 ? 207 HOH A O     1 
HETATM 860  O O     . HOH I 3 . ? 5.162   13.077  -10.228 1.00 30.22 ? 208 HOH A O     1 
HETATM 861  O O     . HOH I 3 . ? 9.402   -6.452  -8.671  1.00 23.22 ? 209 HOH A O     1 
HETATM 862  O O     . HOH I 3 . ? 15.594  -10.091 -11.875 1.00 38.06 ? 210 HOH A O     1 
HETATM 863  O O     . HOH I 3 . ? -0.915  9.605   -3.285  1.00 32.64 ? 211 HOH A O     1 
HETATM 864  O O     . HOH I 3 . ? 11.334  0.792   4.132   1.00 29.60 ? 212 HOH A O     1 
HETATM 865  O O     . HOH I 3 . ? -1.095  10.525  -18.635 1.00 29.59 ? 213 HOH A O     1 
HETATM 866  O O     . HOH I 3 . ? 0.886   16.262  -13.204 1.00 29.97 ? 214 HOH A O     1 
HETATM 867  O O     . HOH I 3 . ? 13.060  -0.879  1.031   1.00 35.60 ? 215 HOH A O     1 
HETATM 868  O O     . HOH I 3 . ? 3.341   10.220  6.116   1.00 27.26 ? 216 HOH A O     1 
HETATM 869  O O     . HOH I 3 . ? 9.455   2.574   -4.243  1.00 28.83 ? 217 HOH A O     1 
HETATM 870  O O     . HOH I 3 . ? 5.544   -4.969  -2.549  1.00 30.02 ? 218 HOH A O     1 
HETATM 871  O O     . HOH I 3 . ? 9.708   2.973   4.734   1.00 26.35 ? 219 HOH A O     1 
HETATM 872  O O     . HOH I 3 . ? 3.454   5.223   -1.836  1.00 24.37 ? 220 HOH A O     1 
HETATM 873  O O     . HOH I 3 . ? 3.475   9.851   2.936   1.00 31.16 ? 221 HOH A O     1 
HETATM 874  O O     . HOH I 3 . ? 4.582   9.396   -11.770 1.00 32.27 ? 222 HOH A O     1 
HETATM 875  O O     . HOH I 3 . ? 12.025  4.953   0.117   1.00 31.46 ? 223 HOH A O     1 
HETATM 876  O O     . HOH I 3 . ? 9.727   -9.689  -5.013  1.00 31.33 ? 224 HOH A O     1 
HETATM 877  O O     . HOH I 3 . ? 14.185  -6.575  -13.569 1.00 29.90 ? 225 HOH A O     1 
HETATM 878  O O     . HOH I 3 . ? 3.337   15.663  -13.394 1.00 31.57 ? 226 HOH A O     1 
HETATM 879  O O     . HOH I 3 . ? 3.242   -1.568  -0.879  1.00 29.80 ? 227 HOH A O     1 
HETATM 880  O O     . HOH I 3 . ? 8.255   12.625  -4.009  1.00 29.85 ? 228 HOH A O     1 
HETATM 881  O O     . HOH I 3 . ? 8.389   -5.978  1.450   1.00 31.03 ? 229 HOH A O     1 
HETATM 882  O O     . HOH I 3 . ? 9.828   -6.105  -11.732 1.00 27.00 ? 230 HOH A O     1 
HETATM 883  O O     . HOH I 3 . ? -1.487  6.584   -13.454 1.00 28.89 ? 231 HOH A O     1 
HETATM 884  O O     . HOH I 3 . ? -4.130  14.118  -8.874  1.00 29.25 ? 232 HOH A O     1 
HETATM 885  O O     . HOH I 3 . ? 17.654  -7.793  -6.483  1.00 38.08 ? 233 HOH A O     1 
HETATM 886  O O     . HOH I 3 . ? 4.638   0.693   -0.123  1.00 24.52 ? 234 HOH A O     1 
HETATM 887  O O     . HOH I 3 . ? 1.285   15.450  -6.026  1.00 38.00 ? 235 HOH A O     1 
HETATM 888  O O     . HOH I 3 . ? 5.870   8.969   -8.846  1.00 34.68 ? 236 HOH A O     1 
HETATM 889  O O     . HOH I 3 . ? 13.060  9.780   0.196   1.00 36.09 ? 237 HOH A O     1 
HETATM 890  O O     . HOH I 3 . ? 10.626  5.495   3.754   1.00 32.32 ? 238 HOH A O     1 
HETATM 891  O O     . HOH I 3 . ? -2.951  14.534  -6.906  1.00 39.83 ? 239 HOH A O     1 
HETATM 892  O O     . HOH I 3 . ? 4.050   14.796  -15.696 1.00 39.58 ? 240 HOH A O     1 
HETATM 893  O O     . HOH I 3 . ? 11.166  5.498   -9.159  1.00 30.50 ? 241 HOH A O     1 
HETATM 894  O O     . HOH I 3 . ? 12.973  -2.169  3.113   1.00 37.97 ? 242 HOH A O     1 
HETATM 895  O O     . HOH I 3 . ? 4.075   3.299   0.145   1.00 21.78 ? 243 HOH A O     1 
HETATM 896  O O     . HOH I 3 . ? -0.814  16.872  -9.332  1.00 38.55 ? 244 HOH A O     1 
HETATM 897  O O     . HOH I 3 . ? 0.443   6.976   -15.071 1.00 35.89 ? 245 HOH A O     1 
HETATM 898  O O     . HOH I 3 . ? 5.119   4.937   -13.568 1.00 40.97 ? 246 HOH A O     1 
HETATM 899  O O     . HOH I 3 . ? 1.566   17.095  -9.876  1.00 31.92 ? 247 HOH A O     1 
HETATM 900  O O     . HOH I 3 . ? 1.782   6.997   -0.078  1.00 30.52 ? 248 HOH A O     1 
HETATM 901  O O     . HOH I 3 . ? 7.911   14.665  -13.652 1.00 41.86 ? 249 HOH A O     1 
HETATM 902  O O     . HOH J 3 . ? -3.741  0.329   -2.505  1.00 24.15 ? 101 HOH B O     1 
HETATM 903  O O     . HOH J 3 . ? 14.638  3.139   -10.007 1.00 34.36 ? 102 HOH B O     1 
HETATM 904  O O     . HOH J 3 . ? -6.838  12.603  -5.916  1.00 34.50 ? 103 HOH B O     1 
HETATM 905  O O     . HOH J 3 . ? -11.288 10.758  -2.243  1.00 38.68 ? 104 HOH B O     1 
HETATM 906  O O     . HOH J 3 . ? -12.264 4.619   -7.561  1.00 32.72 ? 105 HOH B O     1 
HETATM 907  O O     A HOH J 3 . ? -6.993  -0.416  -9.526  0.45 25.65 ? 106 HOH B O     1 
HETATM 908  O O     B HOH J 3 . ? -6.242  1.058   -8.810  0.55 26.54 ? 106 HOH B O     1 
HETATM 909  O O     . HOH J 3 . ? -12.914 8.734   -5.289  1.00 34.22 ? 107 HOH B O     1 
HETATM 910  O O     . HOH J 3 . ? -5.775  6.986   -1.487  1.00 29.38 ? 108 HOH B O     1 
HETATM 911  O O     . HOH J 3 . ? 2.978   -5.544  -18.975 1.00 30.72 ? 109 HOH B O     1 
HETATM 912  O O     . HOH J 3 . ? -13.357 6.705   -2.966  1.00 35.50 ? 110 HOH B O     1 
HETATM 913  O O     . HOH J 3 . ? -5.112  -9.343  -10.024 1.00 32.26 ? 111 HOH B O     1 
HETATM 914  O O     . HOH J 3 . ? -9.089  2.749   -7.819  1.00 30.28 ? 112 HOH B O     1 
HETATM 915  O O     . HOH J 3 . ? -4.590  3.430   -10.929 1.00 31.80 ? 113 HOH B O     1 
HETATM 916  O O     . HOH J 3 . ? -2.487  -1.354  -13.415 1.00 32.02 ? 114 HOH B O     1 
HETATM 917  O O     . HOH J 3 . ? -2.699  0.270   -11.065 1.00 31.41 ? 115 HOH B O     1 
HETATM 918  O O     . HOH J 3 . ? -12.132 0.419   -4.238  1.00 26.74 ? 116 HOH B O     1 
HETATM 919  O O     . HOH J 3 . ? 14.415  -1.819  -17.704 1.00 32.59 ? 117 HOH B O     1 
HETATM 920  O O     . HOH J 3 . ? -4.403  11.441  -5.698  1.00 29.25 ? 118 HOH B O     1 
HETATM 921  O O     . HOH J 3 . ? 4.994   -6.690  -11.919 1.00 24.78 ? 119 HOH B O     1 
HETATM 922  O O     . HOH J 3 . ? -3.522  -10.002 -12.184 1.00 22.92 ? 120 HOH B O     1 
HETATM 923  O O     . HOH J 3 . ? 9.285   -3.925  -18.878 1.00 36.53 ? 121 HOH B O     1 
HETATM 924  O O     . HOH J 3 . ? 2.418   -5.513  -11.041 1.00 18.69 ? 122 HOH B O     1 
HETATM 925  O O     . HOH J 3 . ? -6.033  -3.007  -13.374 1.00 39.58 ? 123 HOH B O     1 
HETATM 926  O O     . HOH J 3 . ? 11.398  4.597   -11.158 1.00 37.12 ? 124 HOH B O     1 
HETATM 927  O O     . HOH J 3 . ? -7.872  3.638   -10.552 1.00 32.47 ? 125 HOH B O     1 
HETATM 928  O O     . HOH J 3 . ? -0.222  -1.010  -15.481 1.00 35.59 ? 126 HOH B O     1 
HETATM 929  O O     . HOH J 3 . ? 3.446   1.035   -15.668 1.00 32.93 ? 127 HOH B O     1 
HETATM 930  O O     . HOH J 3 . ? 11.445  -5.114  -13.760 1.00 29.97 ? 128 HOH B O     1 
HETATM 931  O O     . HOH J 3 . ? -4.203  9.037   -2.723  1.00 28.13 ? 129 HOH B O     1 
HETATM 932  O O     . HOH J 3 . ? 14.268  -4.383  -16.440 1.00 32.56 ? 130 HOH B O     1 
HETATM 933  O O     . HOH J 3 . ? -3.482  -7.332  -5.944  1.00 39.01 ? 131 HOH B O     1 
HETATM 934  O O     . HOH J 3 . ? 12.866  -3.680  -17.982 0.50 40.83 ? 132 HOH B O     1 
HETATM 935  O O     . HOH J 3 . ? -6.468  -6.732  -13.656 1.00 38.10 ? 133 HOH B O     1 
HETATM 936  O O     . HOH J 3 . ? -14.086 -1.699  -4.750  1.00 38.65 ? 134 HOH B O     1 
HETATM 937  O O     . HOH J 3 . ? -0.507  -5.727  -18.840 1.00 31.55 ? 135 HOH B O     1 
HETATM 938  O O     . HOH K 3 . ? -11.913 -6.284  13.039  1.00 33.92 ? 201 HOH C O     1 
HETATM 939  O O     . HOH K 3 . ? -4.280  -10.453 -3.600  1.00 36.37 ? 202 HOH C O     1 
HETATM 940  O O     . HOH K 3 . ? -5.144  -8.323  0.486   1.00 30.02 ? 203 HOH C O     1 
HETATM 941  O O     . HOH K 3 . ? 0.317   1.020   1.600   1.00 24.95 ? 204 HOH C O     1 
HETATM 942  O O     . HOH K 3 . ? 7.942   -4.857  7.650   1.00 31.70 ? 205 HOH C O     1 
HETATM 943  O O     . HOH K 3 . ? 1.569   -8.403  6.546   1.00 31.44 ? 206 HOH C O     1 
HETATM 944  O O     . HOH K 3 . ? 13.527  1.967   10.056  1.00 38.57 ? 207 HOH C O     1 
HETATM 945  O O     . HOH K 3 . ? -5.918  -11.923 -1.392  1.00 38.33 ? 208 HOH C O     1 
HETATM 946  O O     . HOH K 3 . ? -8.973  -11.676 10.410  1.00 35.53 ? 209 HOH C O     1 
HETATM 947  O O     . HOH K 3 . ? 9.227   -3.137  9.334   1.00 28.50 ? 210 HOH C O     1 
HETATM 948  O O     . HOH K 3 . ? -16.304 -9.572  7.321   1.00 31.46 ? 211 HOH C O     1 
HETATM 949  O O     . HOH K 3 . ? 1.810   4.140   13.984  1.00 20.80 ? 212 HOH C O     1 
HETATM 950  O O     . HOH K 3 . ? 4.978   2.913   10.416  1.00 19.64 ? 213 HOH C O     1 
HETATM 951  O O     . HOH K 3 . ? 1.570   -5.938  7.630   1.00 25.79 ? 214 HOH C O     1 
HETATM 952  O O     . HOH K 3 . ? 7.348   1.971   17.289  1.00 23.09 ? 215 HOH C O     1 
HETATM 953  O O     . HOH K 3 . ? 5.564   -6.068  6.107   1.00 32.26 ? 216 HOH C O     1 
HETATM 954  O O     . HOH K 3 . ? -15.549 -1.789  12.460  1.00 38.22 ? 217 HOH C O     1 
HETATM 955  O O     . HOH K 3 . ? 4.326   -5.548  8.508   1.00 29.09 ? 218 HOH C O     1 
HETATM 956  O O     . HOH K 3 . ? -5.083  -4.762  10.140  1.00 27.30 ? 219 HOH C O     1 
HETATM 957  O O     . HOH K 3 . ? 3.709   1.877   4.324   1.00 24.15 ? 220 HOH C O     1 
HETATM 958  O O     . HOH K 3 . ? 10.807  4.001   15.767  1.00 29.91 ? 221 HOH C O     1 
HETATM 959  O O     . HOH K 3 . ? -10.694 -7.735  2.439   1.00 32.64 ? 222 HOH C O     1 
HETATM 960  O O     . HOH K 3 . ? 4.325   3.359   13.082  1.00 21.63 ? 223 HOH C O     1 
HETATM 961  O O     A HOH K 3 . ? 0.521   -8.147  -5.499  0.58 31.96 ? 224 HOH C O     1 
HETATM 962  O O     B HOH K 3 . ? 1.704   -8.730  -5.182  0.42 31.96 ? 224 HOH C O     1 
HETATM 963  O O     . HOH K 3 . ? -15.498 0.148   10.134  1.00 40.24 ? 225 HOH C O     1 
HETATM 964  O O     . HOH K 3 . ? 4.971   -8.256  -3.539  1.00 35.14 ? 226 HOH C O     1 
HETATM 965  O O     . HOH K 3 . ? 4.775   1.855   16.236  1.00 22.63 ? 227 HOH C O     1 
HETATM 966  O O     . HOH K 3 . ? -0.897  -7.205  2.914   0.72 31.26 ? 228 HOH C O     1 
HETATM 967  O O     . HOH K 3 . ? -3.388  -6.536  2.059   1.00 26.42 ? 229 HOH C O     1 
HETATM 968  O O     . HOH K 3 . ? 13.134  0.031   12.304  1.00 32.39 ? 230 HOH C O     1 
HETATM 969  O O     . HOH K 3 . ? 10.777  4.104   7.747   1.00 27.27 ? 231 HOH C O     1 
HETATM 970  O O     . HOH K 3 . ? 3.717   -9.824  -5.462  1.00 32.00 ? 232 HOH C O     1 
HETATM 971  O O     . HOH K 3 . ? 1.025   -5.464  10.305  1.00 25.09 ? 233 HOH C O     1 
HETATM 972  O O     . HOH K 3 . ? -8.554  -8.181  12.795  1.00 34.95 ? 234 HOH C O     1 
HETATM 973  O O     . HOH K 3 . ? 0.728   -4.512  0.610   1.00 35.13 ? 235 HOH C O     1 
HETATM 974  O O     . HOH K 3 . ? 5.131   3.343   6.386   1.00 23.23 ? 236 HOH C O     1 
HETATM 975  O O     . HOH K 3 . ? -5.736  -9.577  9.331   1.00 32.87 ? 237 HOH C O     1 
HETATM 976  O O     . HOH K 3 . ? -5.802  -15.319 1.177   1.00 38.15 ? 238 HOH C O     1 
HETATM 977  O O     A HOH K 3 . ? -16.202 -8.365  4.751   0.50 33.59 ? 239 HOH C O     1 
HETATM 978  O O     B HOH K 3 . ? -15.295 -9.509  4.153   0.50 33.59 ? 239 HOH C O     1 
HETATM 979  O O     . HOH K 3 . ? -11.929 -2.131  11.014  1.00 33.58 ? 240 HOH C O     1 
HETATM 980  O O     . HOH K 3 . ? -1.642  -5.436  -4.102  1.00 37.29 ? 241 HOH C O     1 
HETATM 981  O O     . HOH K 3 . ? 7.041   -5.610  10.090  1.00 33.50 ? 242 HOH C O     1 
HETATM 982  O O     . HOH K 3 . ? 0.867   -1.647  0.245   1.00 34.13 ? 243 HOH C O     1 
HETATM 983  O O     . HOH K 3 . ? -16.179 -4.141  15.387  1.00 38.04 ? 244 HOH C O     1 
HETATM 984  O O     . HOH K 3 . ? -2.783  -4.479  -2.215  1.00 38.31 ? 245 HOH C O     1 
HETATM 985  O O     . HOH K 3 . ? -4.318  -17.090 2.124   1.00 38.58 ? 246 HOH C O     1 
HETATM 986  O O     . HOH K 3 . ? 2.200   2.984   2.184   1.00 21.15 ? 247 HOH C O     1 
HETATM 987  O O     . HOH K 3 . ? 0.739   -8.394  11.221  1.00 39.57 ? 248 HOH C O     1 
HETATM 988  O O     . HOH K 3 . ? -5.971  -5.678  13.310  0.50 39.52 ? 249 HOH C O     1 
HETATM 989  O O     . HOH L 3 . ? -9.666  0.315   9.184   1.00 32.56 ? 201 HOH D O     1 
HETATM 990  O O     . HOH L 3 . ? -4.883  -2.417  11.827  1.00 28.04 ? 202 HOH D O     1 
HETATM 991  O O     . HOH L 3 . ? 0.785   6.833   14.123  1.00 21.48 ? 203 HOH D O     1 
HETATM 992  O O     . HOH L 3 . ? -2.253  2.344   1.310   1.00 24.28 ? 204 HOH D O     1 
HETATM 993  O O     . HOH L 3 . ? 2.544   3.435   16.471  1.00 19.96 ? 205 HOH D O     1 
HETATM 994  O O     . HOH L 3 . ? -9.906  5.331   5.097   1.00 32.81 ? 206 HOH D O     1 
HETATM 995  O O     . HOH L 3 . ? -8.717  3.045   7.910   1.00 29.14 ? 207 HOH D O     1 
HETATM 996  O O     . HOH L 3 . ? -11.186 3.332   5.836   1.00 32.58 ? 208 HOH D O     1 
HETATM 997  O O     . HOH L 3 . ? -12.587 8.071   -0.671  1.00 33.43 ? 209 HOH D O     1 
HETATM 998  O O     . HOH L 3 . ? -7.111  11.561  10.781  1.00 28.79 ? 210 HOH D O     1 
HETATM 999  O O     . HOH L 3 . ? -10.263 -2.349  -1.157  1.00 29.53 ? 211 HOH D O     1 
HETATM 1000 O O     . HOH L 3 . ? -3.048  4.743   4.352   1.00 22.66 ? 212 HOH D O     1 
HETATM 1001 O O     . HOH L 3 . ? -0.373  -2.570  23.800  1.00 34.98 ? 213 HOH D O     1 
HETATM 1002 O O     . HOH L 3 . ? -10.372 8.688   3.662   1.00 37.66 ? 214 HOH D O     1 
HETATM 1003 O O     . HOH L 3 . ? 0.801   7.248   4.161   1.00 23.00 ? 215 HOH D O     1 
HETATM 1004 O O     . HOH L 3 . ? 3.633   -1.987  20.968  1.00 28.42 ? 216 HOH D O     1 
HETATM 1005 O O     . HOH L 3 . ? -2.799  5.127   9.008   1.00 23.01 ? 217 HOH D O     1 
HETATM 1006 O O     . HOH L 3 . ? -4.257  2.441   -0.756  1.00 26.53 ? 218 HOH D O     1 
HETATM 1007 O O     . HOH L 3 . ? -4.579  -3.671  16.767  1.00 36.53 ? 219 HOH D O     1 
HETATM 1008 O O     . HOH L 3 . ? -8.062  8.787   -0.244  1.00 29.96 ? 220 HOH D O     1 
HETATM 1009 O O     . HOH L 3 . ? -3.355  7.077   0.510   1.00 28.59 ? 221 HOH D O     1 
HETATM 1010 O O     . HOH L 3 . ? -13.688 2.570   -4.564  1.00 30.02 ? 222 HOH D O     1 
HETATM 1011 O O     . HOH L 3 . ? -3.388  5.621   18.766  1.00 37.01 ? 223 HOH D O     1 
HETATM 1012 O O     . HOH L 3 . ? -12.904 5.473   3.605   1.00 37.26 ? 224 HOH D O     1 
HETATM 1013 O O     . HOH L 3 . ? 0.197   6.509   17.733  1.00 30.57 ? 225 HOH D O     1 
HETATM 1014 O O     . HOH L 3 . ? -3.873  12.627  7.719   1.00 32.54 ? 226 HOH D O     1 
HETATM 1015 O O     . HOH L 3 . ? -14.334 5.932   0.250   1.00 36.00 ? 227 HOH D O     1 
HETATM 1016 O O     . HOH L 3 . ? -0.350  4.014   19.704  1.00 28.67 ? 228 HOH D O     1 
HETATM 1017 O O     A HOH L 3 . ? 4.509   -0.035  19.835  0.50 31.72 ? 229 HOH D O     1 
HETATM 1018 O O     B HOH L 3 . ? 4.099   1.433   19.901  0.50 31.72 ? 229 HOH D O     1 
HETATM 1019 O O     . HOH L 3 . ? -13.704 -6.499  2.435   1.00 30.58 ? 230 HOH D O     1 
HETATM 1020 O O     . HOH L 3 . ? -11.260 -4.809  -0.062  1.00 33.88 ? 231 HOH D O     1 
HETATM 1021 O O     . HOH L 3 . ? 0.238   -6.899  14.468  1.00 29.74 ? 232 HOH D O     1 
HETATM 1022 O O     . HOH L 3 . ? -6.854  0.452   -0.257  1.00 29.59 ? 233 HOH D O     1 
HETATM 1023 O O     . HOH L 3 . ? -8.215  8.193   5.928   1.00 33.12 ? 234 HOH D O     1 
HETATM 1024 O O     . HOH L 3 . ? -14.205 3.430   3.168   1.00 34.82 ? 235 HOH D O     1 
HETATM 1025 O O     . HOH L 3 . ? 0.408   10.042  15.968  1.00 26.88 ? 236 HOH D O     1 
HETATM 1026 O O     . HOH L 3 . ? -15.214 3.056   6.205   1.00 41.94 ? 237 HOH D O     1 
HETATM 1027 O O     . HOH L 3 . ? -15.430 2.786   8.433   1.00 43.17 ? 238 HOH D O     1 
HETATM 1028 O O     . HOH L 3 . ? -2.027  5.076   1.896   1.00 23.90 ? 239 HOH D O     1 
HETATM 1029 O O     . HOH L 3 . ? -5.915  -3.781  13.970  0.50 36.56 ? 240 HOH D O     1 
HETATM 1030 O O     . HOH L 3 . ? 0.685   5.397   2.138   1.00 25.13 ? 241 HOH D O     1 
HETATM 1031 O O     . HOH L 3 . ? -9.096  3.518   10.428  1.00 36.27 ? 242 HOH D O     1 
# 
loop_
_atom_site_anisotrop.id 
_atom_site_anisotrop.type_symbol 
_atom_site_anisotrop.pdbx_label_atom_id 
_atom_site_anisotrop.pdbx_label_alt_id 
_atom_site_anisotrop.pdbx_label_comp_id 
_atom_site_anisotrop.pdbx_label_asym_id 
_atom_site_anisotrop.pdbx_label_seq_id 
_atom_site_anisotrop.pdbx_PDB_ins_code 
_atom_site_anisotrop.U[1][1] 
_atom_site_anisotrop.U[2][2] 
_atom_site_anisotrop.U[3][3] 
_atom_site_anisotrop.U[1][2] 
_atom_site_anisotrop.U[1][3] 
_atom_site_anisotrop.U[2][3] 
_atom_site_anisotrop.pdbx_auth_seq_id 
_atom_site_anisotrop.pdbx_auth_comp_id 
_atom_site_anisotrop.pdbx_auth_asym_id 
_atom_site_anisotrop.pdbx_auth_atom_id 
1   O "O5'" . G   A 1 ? 0.2513 0.3996 0.2507 0.0175  0.0900  0.0352  1   G   A "O5'" 
2   C "C5'" . G   A 1 ? 0.2506 0.3536 0.2062 0.0083  0.0435  0.0496  1   G   A "C5'" 
3   C "C4'" . G   A 1 ? 0.1767 0.3221 0.1734 0.0403  -0.0231 0.0647  1   G   A "C4'" 
4   O "O4'" . G   A 1 ? 0.2068 0.2987 0.1973 0.0233  0.0537  0.0367  1   G   A "O4'" 
5   C "C3'" . G   A 1 ? 0.1767 0.3045 0.1981 0.0839  -0.0035 0.0754  1   G   A "C3'" 
6   O "O3'" . G   A 1 ? 0.1951 0.4164 0.2137 0.0316  -0.0213 0.0782  1   G   A "O3'" 
7   C "C2'" . G   A 1 ? 0.2034 0.3361 0.2626 0.0164  0.0294  0.0712  1   G   A "C2'" 
8   O "O2'" . G   A 1 ? 0.2388 0.3381 0.1941 -0.0117 0.0168  0.0643  1   G   A "O2'" 
9   C "C1'" . G   A 1 ? 0.2145 0.3315 0.2196 0.0032  0.0523  0.0662  1   G   A "C1'" 
10  N N9    . G   A 1 ? 0.1807 0.3442 0.2176 0.0480  0.0090  0.0403  1   G   A N9    
11  C C8    . G   A 1 ? 0.1999 0.3458 0.2612 0.0850  0.0256  0.0599  1   G   A C8    
12  N N7    . G   A 1 ? 0.1896 0.3766 0.1805 0.0774  0.0040  0.0736  1   G   A N7    
13  C C5    . G   A 1 ? 0.1811 0.3569 0.2007 0.0000  0.0480  0.0612  1   G   A C5    
14  C C6    . G   A 1 ? 0.1656 0.3213 0.2428 0.0039  0.0123  0.0446  1   G   A C6    
15  O O6    . G   A 1 ? 0.1739 0.3168 0.2350 -0.0185 0.0413  0.0184  1   G   A O6    
16  N N1    . G   A 1 ? 0.1621 0.2978 0.2068 0.0167  0.0212  0.0144  1   G   A N1    
17  C C2    . G   A 1 ? 0.1683 0.2853 0.2262 0.0527  0.0827  0.0297  1   G   A C2    
18  N N2    . G   A 1 ? 0.1799 0.3718 0.2142 0.0119  0.0464  0.0337  1   G   A N2    
19  N N3    . G   A 1 ? 0.1705 0.3052 0.1840 0.0381  0.0254  0.0492  1   G   A N3    
20  C C4    . G   A 1 ? 0.1682 0.3265 0.1709 0.0226  0.0117  0.0700  1   G   A C4    
21  P P     . C   A 2 ? 0.1964 0.4125 0.2548 0.0285  0.0319  0.0919  2   C   A P     
22  O OP1   . C   A 2 ? 0.1513 0.4927 0.3170 0.0281  0.0249  0.1513  2   C   A OP1   
23  O OP2   . C   A 2 ? 0.1959 0.4319 0.2762 0.1018  0.0351  0.0827  2   C   A OP2   
24  O "O5'" . C   A 2 ? 0.1890 0.3702 0.2026 0.0356  0.0052  0.0557  2   C   A "O5'" 
25  C "C5'" . C   A 2 ? 0.2279 0.3391 0.2164 -0.0118 0.0202  0.0731  2   C   A "C5'" 
26  C "C4'" . C   A 2 ? 0.2256 0.3424 0.1973 -0.0083 -0.0364 0.1079  2   C   A "C4'" 
27  O "O4'" . C   A 2 ? 0.2216 0.2497 0.1854 -0.0014 0.0097  0.0861  2   C   A "O4'" 
28  C "C3'" . C   A 2 ? 0.2404 0.3127 0.2265 -0.0189 0.0119  0.1517  2   C   A "C3'" 
29  O "O3'" . C   A 2 ? 0.2366 0.3817 0.3169 -0.0386 -0.0125 0.1203  2   C   A "O3'" 
30  C "C2'" . C   A 2 ? 0.2330 0.3160 0.1717 -0.0125 0.0428  0.0814  2   C   A "C2'" 
31  O "O2'" . C   A 2 ? 0.2928 0.4194 0.1982 0.0157  0.0341  0.0807  2   C   A "O2'" 
32  C "C1'" . C   A 2 ? 0.2490 0.2736 0.1585 0.0310  0.0134  0.0979  2   C   A "C1'" 
33  N N1    . C   A 2 ? 0.1711 0.2664 0.1955 -0.0016 0.0304  0.0739  2   C   A N1    
34  C C2    . C   A 2 ? 0.1705 0.3426 0.2223 -0.0105 0.0581  0.0510  2   C   A C2    
35  O O2    . C   A 2 ? 0.1615 0.3708 0.2304 -0.0058 0.0451  0.0762  2   C   A O2    
36  N N3    . C   A 2 ? 0.1645 0.3150 0.2243 0.0126  0.0401  0.0619  2   C   A N3    
37  C C4    . C   A 2 ? 0.1992 0.2731 0.2366 -0.0011 0.0242  0.0783  2   C   A C4    
38  N N4    . C   A 2 ? 0.2117 0.2645 0.2488 -0.0036 0.0018  0.0940  2   C   A N4    
39  C C5    . C   A 2 ? 0.1772 0.2173 0.3006 -0.0034 0.0138  0.0895  2   C   A C5    
40  C C6    . C   A 2 ? 0.1893 0.2744 0.2123 0.0072  0.0262  0.0625  2   C   A C6    
41  P P     . A   A 3 ? 0.2387 0.4705 0.2852 -0.0306 0.0009  0.1367  3   A   A P     
42  O OP1   . A   A 3 ? 0.3165 0.5460 0.3617 -0.1048 -0.0152 0.1467  3   A   A OP1   
43  O OP2   . A   A 3 ? 0.1990 0.5339 0.2849 0.0073  -0.0241 0.0993  3   A   A OP2   
44  O "O5'" . A   A 3 ? 0.2073 0.3096 0.2935 0.0590  0.0373  0.1068  3   A   A "O5'" 
45  C "C5'" . A   A 3 ? 0.2577 0.3096 0.2546 0.0274  0.0305  -0.0269 3   A   A "C5'" 
46  C "C4'" . A   A 3 ? 0.3367 0.2130 0.2514 -0.0050 0.0611  -0.0220 3   A   A "C4'" 
47  O "O4'" . A   A 3 ? 0.3378 0.3250 0.2697 -0.0136 0.1317  -0.0669 3   A   A "O4'" 
48  C "C3'" . A   A 3 ? 0.4042 0.2973 0.1772 0.0088  -0.0029 -0.0289 3   A   A "C3'" 
49  O "O3'" . A   A 3 ? 0.4865 0.3200 0.2245 -0.0152 -0.0551 0.0384  3   A   A "O3'" 
50  C "C2'" . A   A 3 ? 0.2667 0.2574 0.2857 0.0945  -0.0845 0.0408  3   A   A "C2'" 
51  O "O2'" . A   A 3 ? 0.3757 0.3619 0.2253 0.0672  -0.0823 0.0421  3   A   A "O2'" 
52  C "C1'" . A   A 3 ? 0.4206 0.2357 0.2757 0.0246  0.0691  0.0571  3   A   A "C1'" 
53  N N9    . A   A 3 ? 0.4048 0.2611 0.1788 -0.0088 0.0272  -0.0035 3   A   A N9    
54  C C8    . A   A 3 ? 0.3482 0.2893 0.1896 -0.0454 -0.0404 0.0470  3   A   A C8    
55  N N7    . A   A 3 ? 0.2308 0.2232 0.2307 -0.0385 -0.0073 0.0541  3   A   A N7    
56  C C5    . A   A 3 ? 0.2422 0.2648 0.1416 0.0100  0.0055  -0.0140 3   A   A C5    
57  C C6    . A   A 3 ? 0.1573 0.3062 0.1695 0.0447  -0.0439 0.0175  3   A   A C6    
58  N N6    . A   A 3 ? 0.1324 0.2789 0.2475 0.0425  -0.0509 0.0162  3   A   A N6    
59  N N1    . A   A 3 ? 0.2792 0.2511 0.1878 0.0482  0.0550  0.0353  3   A   A N1    
60  C C2    . A   A 3 ? 0.2482 0.2713 0.2212 0.0235  0.0129  0.0168  3   A   A C2    
61  N N3    . A   A 3 ? 0.2936 0.2684 0.1876 0.0135  0.0249  -0.0073 3   A   A N3    
62  C C4    . A   A 3 ? 0.2777 0.2821 0.1959 -0.0142 0.0173  0.0060  3   A   A C4    
63  P P     . G   A 4 ? 0.3771 0.3346 0.2068 -0.0178 -0.0019 0.0293  4   G   A P     
64  O OP1   . G   A 4 ? 0.2863 0.3787 0.3584 0.0256  0.0910  0.0681  4   G   A OP1   
65  O OP2   . G   A 4 ? 0.4031 0.2827 0.2802 -0.0558 -0.0440 0.0508  4   G   A OP2   
66  O "O5'" . G   A 4 ? 0.4112 0.3669 0.1900 -0.0349 0.0305  0.0553  4   G   A "O5'" 
67  C "C5'" . G   A 4 ? 0.3873 0.3637 0.1317 -0.0046 0.0426  0.0786  4   G   A "C5'" 
68  C "C4'" . G   A 4 ? 0.3087 0.2991 0.1339 -0.0237 0.0547  0.0651  4   G   A "C4'" 
69  O "O4'" . G   A 4 ? 0.3514 0.3115 0.1592 -0.0778 0.0593  0.0670  4   G   A "O4'" 
70  C "C3'" . G   A 4 ? 0.2467 0.3008 0.1466 0.0072  0.0863  0.0421  4   G   A "C3'" 
71  O "O3'" . G   A 4 ? 0.2058 0.3397 0.1625 -0.0029 0.0672  0.0227  4   G   A "O3'" 
72  C "C2'" . G   A 4 ? 0.2331 0.3102 0.1654 0.0605  0.0731  0.0239  4   G   A "C2'" 
73  O "O2'" . G   A 4 ? 0.2328 0.3761 0.2273 0.0474  0.0899  -0.0381 4   G   A "O2'" 
74  C "C1'" . G   A 4 ? 0.2906 0.3160 0.1248 0.0429  0.0671  0.0236  4   G   A "C1'" 
75  N N9    . G   A 4 ? 0.2705 0.2712 0.1663 -0.0035 0.0601  0.0059  4   G   A N9    
76  C C8    . G   A 4 ? 0.1731 0.2855 0.1808 0.0184  0.0579  -0.0223 4   G   A C8    
77  N N7    . G   A 4 ? 0.1589 0.3499 0.1731 0.0008  0.0419  -0.0177 4   G   A N7    
78  C C5    . G   A 4 ? 0.1730 0.3194 0.1447 0.0166  0.0173  0.0107  4   G   A C5    
79  C C6    . G   A 4 ? 0.1827 0.3102 0.1668 -0.0070 0.0147  0.0145  4   G   A C6    
80  O O6    . G   A 4 ? 0.2020 0.2848 0.1996 -0.0131 0.0696  0.0185  4   G   A O6    
81  N N1    . G   A 4 ? 0.2192 0.2337 0.1772 0.0169  0.0185  -0.0091 4   G   A N1    
82  C C2    . G   A 4 ? 0.2205 0.2569 0.1967 0.0450  -0.0117 0.0314  4   G   A C2    
83  N N2    . G   A 4 ? 0.2378 0.2813 0.1876 0.0394  0.0196  0.0208  4   G   A N2    
84  N N3    . G   A 4 ? 0.2700 0.2701 0.1610 -0.0116 0.0138  0.0565  4   G   A N3    
85  C C4    . G   A 4 ? 0.2574 0.3238 0.1245 0.0146  0.0351  0.0013  4   G   A C4    
86  P P     . C   A 5 ? 0.2644 0.3163 0.1875 0.0136  0.0760  0.0058  5   C   A P     
87  O OP1   . C   A 5 ? 0.2524 0.3396 0.1878 -0.0245 0.0890  0.0187  5   C   A OP1   
88  O OP2   . C   A 5 ? 0.3469 0.2794 0.2452 -0.0179 0.0683  0.0102  5   C   A OP2   
89  O "O5'" . C   A 5 ? 0.1962 0.3039 0.1993 0.0283  0.0549  0.0263  5   C   A "O5'" 
90  C "C5'" . C   A 5 ? 0.2722 0.2541 0.1793 0.0015  0.0471  0.0509  5   C   A "C5'" 
91  C "C4'" . C   A 5 ? 0.2311 0.2598 0.1970 -0.0082 0.0604  0.0406  5   C   A "C4'" 
92  O "O4'" . C   A 5 ? 0.2256 0.2764 0.1686 -0.0049 0.0575  0.0476  5   C   A "O4'" 
93  C "C3'" . C   A 5 ? 0.1991 0.2885 0.1797 -0.0273 0.0784  0.0231  5   C   A "C3'" 
94  O "O3'" . C   A 5 ? 0.1958 0.2833 0.2096 0.0021  0.0436  0.0034  5   C   A "O3'" 
95  C "C2'" . C   A 5 ? 0.2121 0.3084 0.1900 -0.0088 0.0068  0.0626  5   C   A "C2'" 
96  O "O2'" . C   A 5 ? 0.2323 0.3496 0.1848 0.0161  0.0398  0.0888  5   C   A "O2'" 
97  C "C1'" . C   A 5 ? 0.2583 0.2856 0.1667 -0.0120 0.0775  0.0837  5   C   A "C1'" 
98  N N1    . C   A 5 ? 0.2388 0.3087 0.1538 -0.0131 0.0428  0.0415  5   C   A N1    
99  C C2    . C   A 5 ? 0.2257 0.3411 0.1494 0.0205  0.0715  0.0185  5   C   A C2    
100 O O2    . C   A 5 ? 0.2170 0.3561 0.1744 0.0346  -0.0199 0.0425  5   C   A O2    
101 N N3    . C   A 5 ? 0.1891 0.3112 0.1766 0.0124  0.1007  0.0146  5   C   A N3    
102 C C4    . C   A 5 ? 0.2617 0.3183 0.1858 -0.0270 0.0650  0.0043  5   C   A C4    
103 N N4    . C   A 5 ? 0.2568 0.2396 0.2054 -0.0328 0.0106  0.0216  5   C   A N4    
104 C C5    . C   A 5 ? 0.2361 0.2882 0.1382 0.0066  0.0827  0.0522  5   C   A C5    
105 C C6    . C   A 5 ? 0.2129 0.2665 0.1537 0.0067  0.0832  0.0270  5   C   A C6    
106 P P     . A   A 6 ? 0.2405 0.3185 0.2385 -0.0091 0.0516  0.0417  6   A   A P     
107 O OP1   . A   A 6 ? 0.2154 0.3452 0.2651 0.0426  -0.0360 0.0160  6   A   A OP1   
108 O OP2   . A   A 6 ? 0.2866 0.3581 0.2371 -0.0077 0.0887  0.0479  6   A   A OP2   
109 O "O5'" . A   A 6 ? 0.1992 0.2751 0.1642 0.0281  0.0824  0.0299  6   A   A "O5'" 
110 C "C5'" . A   A 6 ? 0.2023 0.2930 0.2067 0.0079  0.0492  0.0318  6   A   A "C5'" 
111 C "C4'" . A   A 6 ? 0.1882 0.3117 0.2111 0.0723  0.0376  -0.0088 6   A   A "C4'" 
112 O "O4'" . A   A 6 ? 0.2533 0.3049 0.1587 0.0259  0.0212  -0.0014 6   A   A "O4'" 
113 C "C3'" . A   A 6 ? 0.1796 0.3394 0.2070 0.0530  0.0469  -0.0159 6   A   A "C3'" 
114 O "O3'" . A   A 6 ? 0.2524 0.3928 0.2610 0.0323  -0.0141 -0.0258 6   A   A "O3'" 
115 C "C2'" . A   A 6 ? 0.2225 0.2917 0.2002 0.0659  0.0644  -0.0019 6   A   A "C2'" 
116 O "O2'" . A   A 6 ? 0.2814 0.2872 0.2373 0.0582  0.0573  0.0579  6   A   A "O2'" 
117 C "C1'" . A   A 6 ? 0.2297 0.3169 0.1984 -0.0223 0.1035  0.0318  6   A   A "C1'" 
118 N N9    . A   A 6 ? 0.2010 0.3214 0.1663 -0.0001 0.1000  0.0002  6   A   A N9    
119 C C8    . A   A 6 ? 0.2156 0.3268 0.2235 0.0156  0.0618  0.0348  6   A   A C8    
120 N N7    . A   A 6 ? 0.1587 0.3134 0.2196 -0.0005 0.0409  0.0100  6   A   A N7    
121 C C5    . A   A 6 ? 0.1370 0.2537 0.2076 0.0218  0.0205  0.0133  6   A   A C5    
122 C C6    . A   A 6 ? 0.1406 0.2339 0.2315 0.0055  -0.0133 0.0315  6   A   A C6    
123 N N6    . A   A 6 ? 0.1514 0.2642 0.2340 0.0149  0.0169  0.0414  6   A   A N6    
124 N N1    . A   A 6 ? 0.2103 0.2227 0.2467 0.0317  0.0330  0.0312  6   A   A N1    
125 C C2    . A   A 6 ? 0.1799 0.2415 0.2126 0.0530  -0.0014 0.0348  6   A   A C2    
126 N N3    . A   A 6 ? 0.1835 0.3270 0.1928 -0.0152 0.0495  0.0077  6   A   A N3    
127 C C4    . A   A 6 ? 0.1500 0.2763 0.1960 0.0362  0.0602  0.0101  6   A   A C4    
128 P P     . G   A 7 ? 0.2088 0.4104 0.2729 0.0523  -0.0021 0.0078  7   G   A P     
129 O OP1   . G   A 7 ? 0.3052 0.4955 0.2511 0.1171  -0.0842 -0.0732 7   G   A OP1   
130 O OP2   . G   A 7 ? 0.2083 0.4215 0.3825 -0.0065 0.0121  -0.0491 7   G   A OP2   
131 O "O5'" . G   A 7 ? 0.2395 0.3980 0.2507 0.0110  -0.0022 0.0230  7   G   A "O5'" 
132 C "C5'" . G   A 7 ? 0.2188 0.3747 0.2312 -0.0299 -0.0110 0.0521  7   G   A "C5'" 
133 C "C4'" . G   A 7 ? 0.1817 0.3888 0.1858 0.0317  -0.0038 0.0271  7   G   A "C4'" 
134 O "O4'" . G   A 7 ? 0.2091 0.3356 0.2132 0.0301  0.0263  0.0832  7   G   A "O4'" 
135 C "C3'" . G   A 7 ? 0.1739 0.3743 0.2049 0.0536  0.0567  0.0473  7   G   A "C3'" 
136 O "O3'" . G   A 7 ? 0.1838 0.4089 0.2126 0.0695  0.0028  0.0384  7   G   A "O3'" 
137 C "C2'" . G   A 7 ? 0.2651 0.2923 0.1629 0.0472  0.0668  0.0427  7   G   A "C2'" 
138 O "O2'" . G   A 7 ? 0.2197 0.2880 0.2125 0.0479  0.0610  0.0207  7   G   A "O2'" 
139 C "C1'" . G   A 7 ? 0.2777 0.3124 0.1598 -0.0006 0.0709  0.0491  7   G   A "C1'" 
140 N N9    . G   A 7 ? 0.2293 0.2976 0.1494 0.0334  0.0592  0.0434  7   G   A N9    
141 C C8    . G   A 7 ? 0.1739 0.3465 0.2147 -0.0012 0.0409  0.0094  7   G   A C8    
142 N N7    . G   A 7 ? 0.2739 0.3023 0.1727 0.0425  0.0601  -0.0243 7   G   A N7    
143 C C5    . G   A 7 ? 0.1444 0.3122 0.2066 0.0378  0.0480  0.0146  7   G   A C5    
144 C C6    . G   A 7 ? 0.1584 0.2904 0.2272 0.0253  0.0340  0.0386  7   G   A C6    
145 O O6    . G   A 7 ? 0.2551 0.2922 0.2393 0.0108  0.0579  0.0528  7   G   A O6    
146 N N1    . G   A 7 ? 0.1619 0.2726 0.2264 0.0408  0.0390  0.0313  7   G   A N1    
147 C C2    . G   A 7 ? 0.2045 0.2998 0.1810 0.0117  0.0551  0.0283  7   G   A C2    
148 N N2    . G   A 7 ? 0.1491 0.2960 0.1831 0.0305  0.0469  0.0242  7   G   A N2    
149 N N3    . G   A 7 ? 0.2080 0.2932 0.2104 0.0237  0.0775  0.0283  7   G   A N3    
150 C C4    . G   A 7 ? 0.1657 0.2739 0.2356 0.0557  0.0434  0.0389  7   G   A C4    
151 P P     . C   A 8 ? 0.2421 0.3667 0.2130 0.0538  0.0172  0.0299  8   C   A P     
152 O OP1   . C   A 8 ? 0.2665 0.4072 0.3006 0.0770  0.0048  0.0711  8   C   A OP1   
153 O OP2   . C   A 8 ? 0.2250 0.3533 0.2508 0.0503  -0.0139 -0.0090 8   C   A OP2   
154 O "O5'" . C   A 8 ? 0.2463 0.3437 0.2049 0.0292  0.0347  0.0120  8   C   A "O5'" 
155 C "C5'" . C   A 8 ? 0.2084 0.3584 0.1928 0.0024  0.0486  0.0179  8   C   A "C5'" 
156 C "C4'" . C   A 8 ? 0.1653 0.3698 0.2058 -0.0260 0.0858  0.0083  8   C   A "C4'" 
157 O "O4'" . C   A 8 ? 0.1672 0.3915 0.2150 -0.0431 0.0745  0.0194  8   C   A "O4'" 
158 C "C3'" . C   A 8 ? 0.1302 0.3737 0.2541 0.0049  0.0744  0.0028  8   C   A "C3'" 
159 O "O3'" . C   A 8 ? 0.1978 0.3679 0.2915 -0.0097 0.0981  -0.0033 8   C   A "O3'" 
160 C "C2'" . C   A 8 ? 0.2244 0.3783 0.2213 -0.0081 0.0982  0.0117  8   C   A "C2'" 
161 O "O2'" . C   A 8 ? 0.2423 0.4095 0.2443 -0.0074 0.0955  -0.0337 8   C   A "O2'" 
162 C "C1'" . C   A 8 ? 0.1812 0.3917 0.1941 -0.0114 0.0828  0.0170  8   C   A "C1'" 
163 N N1    . C   A 8 ? 0.1147 0.3496 0.2546 0.0126  0.0400  0.0193  8   C   A N1    
164 C C2    . C   A 8 ? 0.1747 0.3428 0.2363 -0.0154 0.0199  0.0379  8   C   A C2    
165 O O2    . C   A 8 ? 0.1655 0.3698 0.2409 0.0087  0.1004  0.0091  8   C   A O2    
166 N N3    . C   A 8 ? 0.1876 0.3009 0.2387 0.0269  0.0312  0.0079  8   C   A N3    
167 C C4    . C   A 8 ? 0.1971 0.3426 0.2229 -0.0032 0.0823  -0.0416 8   C   A C4    
168 N N4    . C   A 8 ? 0.1456 0.3818 0.3254 0.0002  0.0257  -0.0037 8   C   A N4    
169 C C5    . C   A 8 ? 0.1481 0.3340 0.3115 0.0207  0.0847  -0.0134 8   C   A C5    
170 C C6    . C   A 8 ? 0.1311 0.3493 0.3056 0.0012  0.0855  -0.0020 8   C   A C6    
171 O "O5'" . G   B 1 ? 0.4373 0.4968 0.3873 -0.0839 -0.0519 0.1324  1   G   B "O5'" 
172 C "C5'" . G   B 1 ? 0.3101 0.4337 0.4363 -0.0293 -0.0715 0.1532  1   G   B "C5'" 
173 C "C4'" . G   B 1 ? 0.2820 0.3908 0.5056 -0.0800 0.0080  0.1440  1   G   B "C4'" 
174 O "O4'" . G   B 1 ? 0.2061 0.3300 0.5203 -0.0655 0.0091  0.1662  1   G   B "O4'" 
175 C "C3'" . G   B 1 ? 0.2215 0.4123 0.5349 -0.0788 0.0389  0.1401  1   G   B "C3'" 
176 O "O3'" . G   B 1 ? 0.2391 0.4549 0.5415 -0.0478 0.0198  0.1419  1   G   B "O3'" 
177 C "C2'" . G   B 1 ? 0.1829 0.3925 0.4796 -0.0573 0.0300  0.1529  1   G   B "C2'" 
178 O "O2'" . G   B 1 ? 0.2035 0.4886 0.5122 -0.0752 0.0315  0.1457  1   G   B "O2'" 
179 C "C1'" . G   B 1 ? 0.1935 0.3584 0.4698 -0.0598 0.0418  0.1492  1   G   B "C1'" 
180 N N9    . G   B 1 ? 0.1907 0.3761 0.4767 -0.0350 0.0657  0.1537  1   G   B N9    
181 C C8    . G   B 1 ? 0.1752 0.3509 0.4844 -0.0092 0.0361  0.1466  1   G   B C8    
182 N N7    . G   B 1 ? 0.2390 0.3511 0.3983 -0.0300 0.0598  0.1804  1   G   B N7    
183 C C5    . G   B 1 ? 0.1495 0.3434 0.4283 0.0046  0.0466  0.1402  1   G   B C5    
184 C C6    . G   B 1 ? 0.1520 0.3164 0.4259 0.0079  0.0251  0.0911  1   G   B C6    
185 O O6    . G   B 1 ? 0.2472 0.3270 0.3911 -0.0342 0.0210  0.0793  1   G   B O6    
186 N N1    . G   B 1 ? 0.1272 0.3658 0.3762 0.0266  0.0620  0.0563  1   G   B N1    
187 C C2    . G   B 1 ? 0.1380 0.3676 0.3729 0.0115  0.0616  0.1028  1   G   B C2    
188 N N2    . G   B 1 ? 0.1480 0.3633 0.3681 -0.0170 0.0717  0.0946  1   G   B N2    
189 N N3    . G   B 1 ? 0.2046 0.3632 0.3993 -0.0082 0.0956  0.1528  1   G   B N3    
190 C C4    . G   B 1 ? 0.1700 0.3294 0.4649 0.0182  0.0758  0.1606  1   G   B C4    
191 P P     . C   B 2 ? 0.2355 0.4892 0.5250 -0.0182 -0.0221 0.1624  2   C   B P     
192 O OP1   . C   B 2 ? 0.3390 0.5533 0.4980 0.0121  -0.0329 0.1185  2   C   B OP1   
193 O OP2   . C   B 2 ? 0.2394 0.4383 0.6112 -0.0629 -0.0080 0.1756  2   C   B OP2   
194 O "O5'" . C   B 2 ? 0.2777 0.4856 0.4086 -0.0604 -0.0513 0.1567  2   C   B "O5'" 
195 C "C5'" . C   B 2 ? 0.3197 0.5539 0.2885 -0.0892 -0.0142 0.1546  2   C   B "C5'" 
196 C "C4'" . C   B 2 ? 0.2519 0.4681 0.2552 -0.0766 0.0592  0.1219  2   C   B "C4'" 
197 O "O4'" . C   B 2 ? 0.2493 0.5078 0.3052 -0.1001 0.0706  0.1078  2   C   B "O4'" 
198 C "C3'" . C   B 2 ? 0.2159 0.4794 0.2156 -0.0669 0.0434  0.0993  2   C   B "C3'" 
199 O "O3'" . C   B 2 ? 0.1998 0.4824 0.2077 0.0012  0.0105  0.1175  2   C   B "O3'" 
200 C "C2'" . C   B 2 ? 0.1584 0.4090 0.2890 -0.0281 -0.0124 0.1219  2   C   B "C2'" 
201 O "O2'" . C   B 2 ? 0.1830 0.4305 0.3039 -0.0088 0.0122  0.0949  2   C   B "O2'" 
202 C "C1'" . C   B 2 ? 0.2106 0.4633 0.2682 -0.0477 0.0698  0.1116  2   C   B "C1'" 
203 N N1    . C   B 2 ? 0.2026 0.3453 0.2499 -0.0458 0.0689  0.1105  2   C   B N1    
204 C C2    . C   B 2 ? 0.1514 0.3421 0.2090 -0.0242 0.0410  0.1081  2   C   B C2    
205 O O2    . C   B 2 ? 0.1843 0.2961 0.2848 -0.0237 0.0466  0.0178  2   C   B O2    
206 N N3    . C   B 2 ? 0.1693 0.3969 0.2393 -0.0203 0.0501  0.0678  2   C   B N3    
207 C C4    . C   B 2 ? 0.1290 0.4134 0.2872 0.0213  0.0078  0.0544  2   C   B C4    
208 N N4    . C   B 2 ? 0.2542 0.3807 0.2764 0.0050  0.0276  0.0401  2   C   B N4    
209 C C5    . C   B 2 ? 0.1138 0.3818 0.2625 -0.0275 -0.0057 0.0949  2   C   B C5    
210 C C6    . C   B 2 ? 0.1415 0.3617 0.2986 -0.0287 0.0648  0.0798  2   C   B C6    
211 P P     . A   B 3 ? 0.2056 0.3576 0.2701 -0.0167 0.0004  0.1166  3   A   B P     
212 O OP1   . A   B 3 ? 0.2790 0.4847 0.2345 -0.0658 -0.0155 0.1280  3   A   B OP1   
213 O OP2   . A   B 3 ? 0.2755 0.3252 0.4028 0.0077  0.0020  0.1751  3   A   B OP2   
214 O "O5'" . A   B 3 ? 0.2069 0.3164 0.2216 -0.0236 0.0225  0.1441  3   A   B "O5'" 
215 C "C5'" . A   B 3 ? 0.2960 0.2849 0.2157 -0.0214 0.0588  0.1288  3   A   B "C5'" 
216 C "C4'" . A   B 3 ? 0.1651 0.2922 0.1429 -0.0408 0.0540  0.0495  3   A   B "C4'" 
217 O "O4'" . A   B 3 ? 0.1688 0.2938 0.1635 -0.0224 0.0779  0.0207  3   A   B "O4'" 
218 C "C3'" . A   B 3 ? 0.2063 0.2439 0.2199 -0.0087 0.0566  0.0343  3   A   B "C3'" 
219 O "O3'" . A   B 3 ? 0.1984 0.2648 0.2017 -0.0247 0.0160  -0.0023 3   A   B "O3'" 
220 C "C2'" . A   B 3 ? 0.1536 0.2574 0.1804 0.0046  -0.0313 0.0218  3   A   B "C2'" 
221 O "O2'" . A   B 3 ? 0.1848 0.2548 0.1731 -0.0172 0.0269  0.0197  3   A   B "O2'" 
222 C "C1'" . A   B 3 ? 0.0901 0.2538 0.1797 -0.0168 0.0510  0.0023  3   A   B "C1'" 
223 N N9    . A   B 3 ? 0.1801 0.2249 0.1218 -0.0345 0.0493  -0.0003 3   A   B N9    
224 C C8    . A   B 3 ? 0.1252 0.2344 0.2124 0.0046  0.0602  0.0012  3   A   B C8    
225 N N7    . A   B 3 ? 0.1295 0.2728 0.1404 0.0197  0.0608  0.0289  3   A   B N7    
226 C C5    . A   B 3 ? 0.1757 0.2654 0.1156 0.0188  0.0533  0.0313  3   A   B C5    
227 C C6    . A   B 3 ? 0.1418 0.2465 0.1348 0.0663  0.0500  0.0088  3   A   B C6    
228 N N6    . A   B 3 ? 0.2461 0.2175 0.1658 0.0435  0.0097  -0.0248 3   A   B N6    
229 N N1    . A   B 3 ? 0.1958 0.2381 0.1637 0.0130  0.0305  0.0200  3   A   B N1    
230 C C2    . A   B 3 ? 0.1567 0.2774 0.1327 0.0168  0.0087  0.0201  3   A   B C2    
231 N N3    . A   B 3 ? 0.1805 0.2200 0.1941 -0.0698 0.0609  0.0179  3   A   B N3    
232 C C4    . A   B 3 ? 0.1496 0.2425 0.1478 -0.0529 0.0472  0.0108  3   A   B C4    
233 P P     . G   B 4 ? 0.1801 0.2760 0.1563 -0.0308 0.0213  0.0140  4   G   B P     
234 O OP1   . G   B 4 ? 0.1887 0.2772 0.1968 -0.0270 -0.0113 0.0035  4   G   B OP1   
235 O OP2   . G   B 4 ? 0.2290 0.3097 0.1444 -0.0464 0.0505  -0.0019 4   G   B OP2   
236 O "O5'" . G   B 4 ? 0.1594 0.2724 0.1352 -0.0021 0.0365  0.0284  4   G   B "O5'" 
237 C "C5'" . G   B 4 ? 0.1617 0.2847 0.1484 -0.0194 0.0398  0.0493  4   G   B "C5'" 
238 C "C4'" . G   B 4 ? 0.2085 0.2694 0.1530 0.0093  0.0981  0.0288  4   G   B "C4'" 
239 O "O4'" . G   B 4 ? 0.2149 0.3092 0.1348 -0.0094 0.0546  0.0226  4   G   B "O4'" 
240 C "C3'" . G   B 4 ? 0.2341 0.1999 0.1531 0.0316  0.1038  -0.0002 4   G   B "C3'" 
241 O "O3'" . G   B 4 ? 0.2019 0.2624 0.2118 0.0283  0.0282  0.0031  4   G   B "O3'" 
242 C "C2'" . G   B 4 ? 0.2080 0.2784 0.2123 0.0147  0.0903  0.0264  4   G   B "C2'" 
243 O "O2'" . G   B 4 ? 0.1976 0.3116 0.1785 -0.0056 0.0547  -0.0181 4   G   B "O2'" 
244 C "C1'" . G   B 4 ? 0.1495 0.2900 0.1592 -0.0218 0.0462  0.0359  4   G   B "C1'" 
245 N N9    . G   B 4 ? 0.1351 0.1994 0.2335 -0.0158 0.0338  0.0326  4   G   B N9    
246 C C8    . G   B 4 ? 0.2280 0.1808 0.1909 -0.0248 0.0283  0.0504  4   G   B C8    
247 N N7    . G   B 4 ? 0.2820 0.1980 0.1905 -0.0278 0.0347  0.0387  4   G   B N7    
248 C C5    . G   B 4 ? 0.2437 0.2536 0.1158 -0.0624 0.0506  -0.0114 4   G   B C5    
249 C C6    . G   B 4 ? 0.2297 0.2829 0.1462 -0.0168 0.0565  0.0052  4   G   B C6    
250 O O6    . G   B 4 ? 0.2470 0.2455 0.1419 -0.0098 0.0575  0.0207  4   G   B O6    
251 N N1    . G   B 4 ? 0.2157 0.2919 0.1728 0.0061  0.0826  0.0158  4   G   B N1    
252 C C2    . G   B 4 ? 0.1744 0.2995 0.1709 0.0056  0.0812  0.0169  4   G   B C2    
253 N N2    . G   B 4 ? 0.2347 0.2720 0.1904 -0.0375 0.1123  0.0367  4   G   B N2    
254 N N3    . G   B 4 ? 0.2370 0.2529 0.2082 -0.0066 0.0641  0.0107  4   G   B N3    
255 C C4    . G   B 4 ? 0.2130 0.2286 0.1662 -0.0404 0.0342  0.0484  4   G   B C4    
256 P P     . C   B 5 ? 0.2002 0.2578 0.1729 0.0221  0.0371  0.0441  5   C   B P     
257 O OP1   . C   B 5 ? 0.2492 0.2816 0.2629 -0.0115 0.0246  -0.0094 5   C   B OP1   
258 O OP2   . C   B 5 ? 0.1402 0.2847 0.2047 0.0166  0.0089  -0.0033 5   C   B OP2   
259 O "O5'" . C   B 5 ? 0.2253 0.2968 0.1958 0.0140  0.0176  -0.0025 5   C   B "O5'" 
260 C "C5'" . C   B 5 ? 0.2734 0.3316 0.1984 0.0235  -0.0415 0.0427  5   C   B "C5'" 
261 C "C4'" . C   B 5 ? 0.3060 0.2509 0.2195 0.0253  0.0553  0.0900  5   C   B "C4'" 
262 O "O4'" . C   B 5 ? 0.2968 0.2803 0.2291 -0.0228 0.0325  0.0639  5   C   B "O4'" 
263 C "C3'" . C   B 5 ? 0.2755 0.2338 0.1989 0.0205  0.0586  0.1160  5   C   B "C3'" 
264 O "O3'" . C   B 5 ? 0.3341 0.3436 0.2698 0.0423  0.1632  0.0754  5   C   B "O3'" 
265 C "C2'" . C   B 5 ? 0.3373 0.2507 0.1733 0.0481  0.0813  0.0610  5   C   B "C2'" 
266 O "O2'" . C   B 5 ? 0.4673 0.3528 0.2156 0.0624  0.0415  0.0481  5   C   B "O2'" 
267 C "C1'" . C   B 5 ? 0.2601 0.2046 0.2382 -0.0130 0.1106  0.0742  5   C   B "C1'" 
268 N N1    . C   B 5 ? 0.2078 0.2187 0.1853 0.0299  0.0331  0.0875  5   C   B N1    
269 C C2    . C   B 5 ? 0.2400 0.2512 0.2277 0.0378  0.0968  0.0785  5   C   B C2    
270 O O2    . C   B 5 ? 0.1952 0.2931 0.3288 0.0131  0.0691  0.1176  5   C   B O2    
271 N N3    . C   B 5 ? 0.1619 0.2560 0.2403 -0.0081 0.0709  0.0411  5   C   B N3    
272 C C4    . C   B 5 ? 0.1454 0.2724 0.2361 -0.0541 0.0884  -0.0077 5   C   B C4    
273 N N4    . C   B 5 ? 0.1870 0.2752 0.2429 -0.0410 0.0942  -0.0423 5   C   B N4    
274 C C5    . C   B 5 ? 0.1916 0.3102 0.1896 -0.0112 0.0357  0.0349  5   C   B C5    
275 C C6    . C   B 5 ? 0.1693 0.2662 0.1839 -0.0076 0.0049  0.0583  5   C   B C6    
276 P P     . A   B 6 ? 0.2696 0.3588 0.2829 0.0193  0.0980  0.0328  6   A   B P     
277 O OP1   . A   B 6 ? 0.3197 0.4264 0.3472 -0.0402 0.0899  -0.0186 6   A   B OP1   
278 O OP2   . A   B 6 ? 0.2953 0.3292 0.2795 0.0081  0.0811  0.0612  6   A   B OP2   
279 O "O5'" . A   B 6 ? 0.2664 0.3583 0.2139 0.0143  0.1386  0.0076  6   A   B "O5'" 
280 C "C5'" . A   B 6 ? 0.2809 0.3655 0.2497 0.0251  0.1533  0.0267  6   A   B "C5'" 
281 C "C4'" . A   B 6 ? 0.2717 0.3717 0.2554 0.0038  0.0929  0.0496  6   A   B "C4'" 
282 O "O4'" . A   B 6 ? 0.2121 0.3586 0.2951 0.0541  0.0117  0.0967  6   A   B "O4'" 
283 C "C3'" . A   B 6 ? 0.2285 0.3824 0.2343 -0.0269 0.0557  0.0616  6   A   B "C3'" 
284 O "O3'" . A   B 6 ? 0.2258 0.2918 0.3007 0.0055  0.0572  0.0169  6   A   B "O3'" 
285 C "C2'" . A   B 6 ? 0.2191 0.3882 0.2379 0.0025  0.0844  0.0913  6   A   B "C2'" 
286 O "O2'" . A   B 6 ? 0.1767 0.4533 0.3055 0.0315  0.0572  0.0621  6   A   B "O2'" 
287 C "C1'" . A   B 6 ? 0.2308 0.3386 0.2894 0.0140  0.0483  0.0877  6   A   B "C1'" 
288 N N9    . A   B 6 ? 0.1877 0.3480 0.2222 0.0231  0.0520  0.0185  6   A   B N9    
289 C C8    . A   B 6 ? 0.2728 0.3256 0.1711 0.0537  0.0809  0.0352  6   A   B C8    
290 N N7    . A   B 6 ? 0.2544 0.3551 0.2117 -0.0395 0.0914  0.0099  6   A   B N7    
291 C C5    . A   B 6 ? 0.1745 0.3251 0.2250 0.0132  0.1121  -0.0130 6   A   B C5    
292 C C6    . A   B 6 ? 0.1255 0.3381 0.2149 0.0337  0.0653  0.0175  6   A   B C6    
293 N N6    . A   B 6 ? 0.1799 0.3874 0.2153 0.0113  0.0843  0.0584  6   A   B N6    
294 N N1    . A   B 6 ? 0.1958 0.4243 0.1637 0.0329  0.0677  0.0249  6   A   B N1    
295 C C2    . A   B 6 ? 0.1400 0.4014 0.2375 0.0228  0.0249  0.0100  6   A   B C2    
296 N N3    . A   B 6 ? 0.1927 0.3942 0.2411 0.0370  0.0357  -0.0265 6   A   B N3    
297 C C4    . A   B 6 ? 0.1424 0.3259 0.2498 0.0450  0.0701  -0.0373 6   A   B C4    
298 P P     . G   B 7 ? 0.1794 0.3379 0.2290 -0.0021 0.0736  0.0200  7   G   B P     
299 O OP1   . G   B 7 ? 0.1871 0.3933 0.2723 -0.0349 0.1072  0.0184  7   G   B OP1   
300 O OP2   . G   B 7 ? 0.2053 0.4654 0.1964 0.0077  0.0702  -0.0232 7   G   B OP2   
301 O "O5'" . G   B 7 ? 0.2599 0.2908 0.1642 -0.0144 0.0492  0.0489  7   G   B "O5'" 
302 C "C5'" . G   B 7 ? 0.3241 0.2667 0.1847 -0.0265 0.0831  0.0150  7   G   B "C5'" 
303 C "C4'" . G   B 7 ? 0.2786 0.2233 0.2167 0.0083  0.0722  0.0184  7   G   B "C4'" 
304 O "O4'" . G   B 7 ? 0.2607 0.2348 0.2048 -0.0231 0.0326  0.0478  7   G   B "O4'" 
305 C "C3'" . G   B 7 ? 0.1951 0.2401 0.2417 0.0264  0.0584  0.0662  7   G   B "C3'" 
306 O "O3'" . G   B 7 ? 0.1898 0.2510 0.2275 0.0390  0.0228  0.0586  7   G   B "O3'" 
307 C "C2'" . G   B 7 ? 0.2507 0.2773 0.1770 -0.0097 0.0848  -0.0027 7   G   B "C2'" 
308 O "O2'" . G   B 7 ? 0.3054 0.2712 0.1889 -0.0012 0.0652  0.0144  7   G   B "O2'" 
309 C "C1'" . G   B 7 ? 0.2425 0.2258 0.2167 0.0041  0.0549  0.0798  7   G   B "C1'" 
310 N N9    . G   B 7 ? 0.2134 0.2701 0.1896 0.0321  0.0308  0.0723  7   G   B N9    
311 C C8    . G   B 7 ? 0.2401 0.3164 0.1982 -0.0136 0.0665  0.0419  7   G   B C8    
312 N N7    . G   B 7 ? 0.2432 0.2816 0.2710 0.0242  0.0227  0.0766  7   G   B N7    
313 C C5    . G   B 7 ? 0.1920 0.2741 0.2212 0.0022  0.0204  0.0595  7   G   B C5    
314 C C6    . G   B 7 ? 0.1771 0.2720 0.2379 0.0200  0.0555  0.0358  7   G   B C6    
315 O O6    . G   B 7 ? 0.2057 0.2712 0.1992 0.0027  0.0567  0.0093  7   G   B O6    
316 N N1    . G   B 7 ? 0.1693 0.2706 0.3082 0.0441  0.0724  0.0536  7   G   B N1    
317 C C2    . G   B 7 ? 0.1884 0.2146 0.2452 -0.0209 0.0846  0.0581  7   G   B C2    
318 N N2    . G   B 7 ? 0.2351 0.2584 0.2568 0.0109  0.0925  0.0155  7   G   B N2    
319 N N3    . G   B 7 ? 0.1935 0.2312 0.2363 -0.0014 0.0760  0.0517  7   G   B N3    
320 C C4    . G   B 7 ? 0.1965 0.2485 0.2019 0.0479  0.0218  0.0770  7   G   B C4    
321 P P     . C   B 8 ? 0.2186 0.3366 0.1993 0.0275  0.0583  0.0401  8   C   B P     
322 O OP1   . C   B 8 ? 0.2595 0.3318 0.1921 0.0318  0.0392  0.0685  8   C   B OP1   
323 O OP2   . C   B 8 ? 0.2804 0.3697 0.2110 0.0329  0.0411  0.0394  8   C   B OP2   
324 O "O5'" . C   B 8 ? 0.2499 0.2820 0.2291 -0.0370 0.0410  0.0923  8   C   B "O5'" 
325 C "C5'" . C   B 8 ? 0.2454 0.3270 0.2410 -0.0689 0.0164  0.0485  8   C   B "C5'" 
326 C "C4'" . C   B 8 ? 0.1887 0.2968 0.2139 0.0425  -0.0009 0.0865  8   C   B "C4'" 
327 O "O4'" . C   B 8 ? 0.2563 0.2774 0.2560 0.0567  0.0273  0.0966  8   C   B "O4'" 
328 C "C3'" . C   B 8 ? 0.2244 0.2922 0.1725 0.0552  0.0665  0.0966  8   C   B "C3'" 
329 O "O3'" . C   B 8 ? 0.3196 0.3584 0.2466 0.0701  0.1080  0.0495  8   C   B "O3'" 
330 C "C2'" . C   B 8 ? 0.2847 0.2678 0.2459 -0.0050 0.0641  0.0468  8   C   B "C2'" 
331 O "O2'" . C   B 8 ? 0.4292 0.2873 0.2376 0.0383  0.1073  0.0287  8   C   B "O2'" 
332 C "C1'" . C   B 8 ? 0.2582 0.2502 0.2634 0.0427  0.0080  0.0757  8   C   B "C1'" 
333 N N1    . C   B 8 ? 0.2579 0.2825 0.2225 0.0025  0.0484  0.0345  8   C   B N1    
334 C C2    . C   B 8 ? 0.2139 0.2894 0.1979 0.0254  -0.0071 -0.0027 8   C   B C2    
335 O O2    . C   B 8 ? 0.3160 0.3111 0.1924 -0.0122 0.0282  -0.0259 8   C   B O2    
336 N N3    . C   B 8 ? 0.1788 0.2854 0.2152 0.0409  0.0261  0.0141  8   C   B N3    
337 C C4    . C   B 8 ? 0.1995 0.2815 0.1725 0.0207  0.0855  0.0328  8   C   B C4    
338 N N4    . C   B 8 ? 0.2000 0.3220 0.2058 0.0521  0.0655  0.0599  8   C   B N4    
339 C C5    . C   B 8 ? 0.2099 0.3067 0.1784 0.0089  0.1088  0.0230  8   C   B C5    
340 C C6    . C   B 8 ? 0.1869 0.2818 0.1963 0.0790  0.0426  0.0157  8   C   B C6    
341 O "O5'" . G   C 1 ? 0.3101 0.6491 0.3845 0.0199  0.0299  0.0867  1   G   C "O5'" 
342 C "C5'" . G   C 1 ? 0.2735 0.5919 0.3809 -0.0341 0.0405  0.1088  1   G   C "C5'" 
343 C "C4'" . G   C 1 ? 0.1742 0.4941 0.3265 -0.0457 0.0557  0.1047  1   G   C "C4'" 
344 O "O4'" . G   C 1 ? 0.1690 0.5574 0.2865 -0.0381 0.0310  0.1040  1   G   C "O4'" 
345 C "C3'" . G   C 1 ? 0.2063 0.4715 0.3167 -0.0587 0.0800  0.1041  1   G   C "C3'" 
346 O "O3'" . G   C 1 ? 0.2108 0.4924 0.3469 -0.0529 0.0134  0.1437  1   G   C "O3'" 
347 C "C2'" . G   C 1 ? 0.1934 0.4893 0.3205 0.0253  0.0616  0.0716  1   G   C "C2'" 
348 O "O2'" . G   C 1 ? 0.1962 0.4851 0.3539 -0.0527 0.0801  0.1061  1   G   C "O2'" 
349 C "C1'" . G   C 1 ? 0.1851 0.4631 0.2410 0.0322  0.0770  0.0932  1   G   C "C1'" 
350 N N9    . G   C 1 ? 0.1766 0.4583 0.2724 0.0189  0.0582  0.0646  1   G   C N9    
351 C C8    . G   C 1 ? 0.1464 0.4640 0.2731 0.0543  0.0532  0.0362  1   G   C C8    
352 N N7    . G   C 1 ? 0.1891 0.4156 0.2416 0.0227  0.0260  0.1210  1   G   C N7    
353 C C5    . G   C 1 ? 0.1611 0.3860 0.2413 -0.0233 0.0546  0.1070  1   G   C C5    
354 C C6    . G   C 1 ? 0.1549 0.4689 0.3019 0.0005  0.0558  0.1058  1   G   C C6    
355 O O6    . G   C 1 ? 0.1879 0.4464 0.3288 0.0031  0.0146  0.0880  1   G   C O6    
356 N N1    . G   C 1 ? 0.1329 0.4611 0.3460 -0.0027 0.0296  0.0842  1   G   C N1    
357 C C2    . G   C 1 ? 0.1738 0.4672 0.2604 -0.0347 0.0371  0.0833  1   G   C C2    
358 N N2    . G   C 1 ? 0.2017 0.4184 0.2243 -0.0138 0.0618  0.1188  1   G   C N2    
359 N N3    . G   C 1 ? 0.2086 0.4379 0.2420 -0.0509 0.0504  0.0816  1   G   C N3    
360 C C4    . G   C 1 ? 0.1349 0.4514 0.2222 -0.0098 0.0198  0.0662  1   G   C C4    
361 P P     . C   C 2 ? 0.2297 0.4319 0.3757 0.0065  0.0559  0.1200  2   C   C P     
362 O OP1   . C   C 2 ? 0.2870 0.4732 0.3949 -0.0385 0.0476  0.1326  2   C   C OP1   
363 O OP2   . C   C 2 ? 0.2347 0.3861 0.3798 0.0193  0.0063  0.1286  2   C   C OP2   
364 O "O5'" . C   C 2 ? 0.1900 0.3573 0.3817 -0.0094 0.0888  0.1159  2   C   C "O5'" 
365 C "C5'" . C   C 2 ? 0.2412 0.3924 0.3405 -0.0547 0.1325  0.0833  2   C   C "C5'" 
366 C "C4'" . C   C 2 ? 0.2324 0.4062 0.3917 -0.0758 0.0881  0.0971  2   C   C "C4'" 
367 O "O4'" . C   C 2 ? 0.1916 0.3247 0.3989 -0.0433 0.0424  0.1558  2   C   C "O4'" 
368 C "C3'" . C   C 2 ? 0.1743 0.3782 0.3628 -0.0359 0.0925  0.0891  2   C   C "C3'" 
369 O "O3'" . C   C 2 ? 0.1717 0.3862 0.4246 -0.0043 0.0825  0.0548  2   C   C "O3'" 
370 C "C2'" . C   C 2 ? 0.2329 0.3465 0.3317 0.0105  0.0854  0.0935  2   C   C "C2'" 
371 O "O2'" . C   C 2 ? 0.2634 0.4288 0.3875 -0.0298 0.0487  0.0981  2   C   C "O2'" 
372 C "C1'" . C   C 2 ? 0.2143 0.3092 0.3290 -0.0357 0.0692  0.1414  2   C   C "C1'" 
373 N N1    . C   C 2 ? 0.1451 0.3291 0.3194 -0.0319 0.0243  0.1014  2   C   C N1    
374 C C2    . C   C 2 ? 0.1696 0.3253 0.2794 -0.0242 0.0304  0.0927  2   C   C C2    
375 O O2    . C   C 2 ? 0.1781 0.3469 0.2446 -0.0385 0.0539  0.0549  2   C   C O2    
376 N N3    . C   C 2 ? 0.1545 0.3467 0.2840 -0.0549 0.0557  0.0871  2   C   C N3    
377 C C4    . C   C 2 ? 0.2010 0.3226 0.2950 -0.0283 0.0400  0.1229  2   C   C C4    
378 N N4    . C   C 2 ? 0.1381 0.3247 0.3549 -0.0030 0.0240  0.1188  2   C   C N4    
379 C C5    . C   C 2 ? 0.1533 0.3523 0.2752 -0.0131 0.0299  0.1009  2   C   C C5    
380 C C6    . C   C 2 ? 0.1125 0.3761 0.2986 -0.0408 0.0284  0.0390  2   C   C C6    
381 P P     . A   C 3 ? 0.2835 0.3717 0.3780 0.0217  0.0954  0.0676  3   A   C P     
382 O OP1   . A   C 3 ? 0.3648 0.3907 0.4781 0.0576  0.1526  0.0518  3   A   C OP1   
383 O OP2   . A   C 3 ? 0.2411 0.4343 0.3715 0.0698  0.0920  0.0907  3   A   C OP2   
384 O "O5'" . A   C 3 ? 0.2323 0.3318 0.3327 -0.0402 0.0217  0.0773  3   A   C "O5'" 
385 C "C5'" . A   C 3 ? 0.2065 0.3092 0.3512 -0.0670 -0.0177 0.0553  3   A   C "C5'" 
386 C "C4'" . A   C 3 ? 0.1669 0.2459 0.3378 -0.0197 0.0310  0.0620  3   A   C "C4'" 
387 O "O4'" . A   C 3 ? 0.2257 0.3272 0.2574 -0.0382 -0.0130 0.0177  3   A   C "O4'" 
388 C "C3'" . A   C 3 ? 0.2178 0.2777 0.3341 -0.0429 -0.0181 0.0035  3   A   C "C3'" 
389 O "O3'" . A   C 3 ? 0.3146 0.3566 0.3202 -0.0371 0.0961  -0.0610 3   A   C "O3'" 
390 C "C2'" . A   C 3 ? 0.2097 0.2904 0.3778 -0.0170 -0.0618 0.0017  3   A   C "C2'" 
391 O "O2'" . A   C 3 ? 0.2421 0.3142 0.4009 0.0408  -0.0222 -0.0011 3   A   C "O2'" 
392 C "C1'" . A   C 3 ? 0.1522 0.2934 0.3524 0.0333  -0.0560 0.0360  3   A   C "C1'" 
393 N N9    . A   C 3 ? 0.1958 0.3245 0.2491 -0.0144 0.0345  -0.0097 3   A   C N9    
394 C C8    . A   C 3 ? 0.1383 0.3472 0.2310 0.0040  0.0234  -0.0205 3   A   C C8    
395 N N7    . A   C 3 ? 0.1300 0.3338 0.2347 -0.0021 0.0094  0.0115  3   A   C N7    
396 C C5    . A   C 3 ? 0.1653 0.2984 0.2469 -0.0355 0.0733  0.0345  3   A   C C5    
397 C C6    . A   C 3 ? 0.0942 0.3233 0.1923 0.0143  0.0197  0.0197  3   A   C C6    
398 N N6    . A   C 3 ? 0.1598 0.3113 0.1908 -0.0048 0.0550  -0.0330 3   A   C N6    
399 N N1    . A   C 3 ? 0.2131 0.3052 0.1568 0.0562  0.0689  0.0095  3   A   C N1    
400 C C2    . A   C 3 ? 0.1769 0.2725 0.2178 0.0767  0.0778  0.0215  3   A   C C2    
401 N N3    . A   C 3 ? 0.2180 0.2846 0.2390 0.0146  0.0636  -0.0013 3   A   C N3    
402 C C4    . A   C 3 ? 0.1724 0.2810 0.2507 0.0049  0.0472  0.0204  3   A   C C4    
403 P P     . G   C 4 ? 0.4270 0.3727 0.3450 -0.0004 0.1076  -0.0393 4   G   C P     
404 O OP1   . G   C 4 ? 0.4296 0.4853 0.3362 -0.0209 0.1236  -0.1026 4   G   C OP1   
405 O OP2   . G   C 4 ? 0.4648 0.3503 0.3648 -0.1199 0.1514  -0.0176 4   G   C OP2   
406 O "O5'" . G   C 4 ? 0.3688 0.3334 0.3834 0.0391  0.1492  -0.0381 4   G   C "O5'" 
407 C "C5'" . G   C 4 ? 0.3501 0.3046 0.3645 0.0248  0.0900  0.0213  4   G   C "C5'" 
408 C "C4'" . G   C 4 ? 0.2910 0.2900 0.3377 0.0216  0.0405  -0.0009 4   G   C "C4'" 
409 O "O4'" . G   C 4 ? 0.3803 0.3447 0.2712 -0.0342 0.0807  0.0074  4   G   C "O4'" 
410 C "C3'" . G   C 4 ? 0.2991 0.2816 0.3106 -0.0159 0.0065  -0.0095 4   G   C "C3'" 
411 O "O3'" . G   C 4 ? 0.3896 0.3481 0.3739 -0.0437 -0.0220 -0.0128 4   G   C "O3'" 
412 C "C2'" . G   C 4 ? 0.3695 0.2946 0.3045 0.0122  0.0618  0.0232  4   G   C "C2'" 
413 O "O2'" . G   C 4 ? 0.3661 0.3115 0.3518 0.0271  0.0168  0.0060  4   G   C "O2'" 
414 C "C1'" . G   C 4 ? 0.3544 0.3582 0.2525 -0.0217 0.0438  0.0230  4   G   C "C1'" 
415 N N9    . G   C 4 ? 0.2989 0.2843 0.3150 0.0186  0.0148  -0.0059 4   G   C N9    
416 C C8    . G   C 4 ? 0.3522 0.2496 0.3769 0.0097  0.0462  0.0347  4   G   C C8    
417 N N7    . G   C 4 ? 0.3714 0.2433 0.3927 -0.0916 0.0394  0.0113  4   G   C N7    
418 C C5    . G   C 4 ? 0.4182 0.2303 0.3596 -0.0566 0.0743  0.0021  4   G   C C5    
419 C C6    . G   C 4 ? 0.5351 0.3394 0.3635 -0.1067 0.0738  0.0250  4   G   C C6    
420 O O6    . G   C 4 ? 0.6070 0.4051 0.3764 -0.1121 0.0265  -0.0115 4   G   C O6    
421 N N1    . G   C 4 ? 0.5215 0.3696 0.3221 -0.1140 0.0430  0.0296  4   G   C N1    
422 C C2    . G   C 4 ? 0.4540 0.3329 0.3240 -0.1040 0.0955  0.0221  4   G   C C2    
423 N N2    . G   C 4 ? 0.4580 0.3559 0.3157 -0.1324 0.1268  -0.0883 4   G   C N2    
424 N N3    . G   C 4 ? 0.3347 0.3016 0.2825 -0.0699 0.0888  0.0504  4   G   C N3    
425 C C4    . G   C 4 ? 0.3641 0.2332 0.3092 -0.0518 0.0966  0.0056  4   G   C C4    
426 P P     . C   C 5 ? 0.4135 0.3750 0.3473 -0.0072 0.0096  -0.0386 5   C   C P     
427 O OP1   . C   C 5 ? 0.5619 0.3930 0.3303 -0.0237 -0.0139 -0.0596 5   C   C OP1   
428 O OP2   . C   C 5 ? 0.4728 0.3786 0.3190 -0.1188 0.1319  -0.0838 5   C   C OP2   
429 O "O5'" . C   C 5 ? 0.4965 0.3895 0.3461 -0.1253 0.0323  0.0484  5   C   C "O5'" 
430 C "C5'" A C   C 5 ? 0.4542 0.4136 0.3520 -0.1094 0.0282  0.0388  5   C   C "C5'" 
431 C "C5'" B C   C 5 ? 0.5122 0.4110 0.3839 -0.1179 0.0547  0.0201  5   C   C "C5'" 
432 C "C4'" A C   C 5 ? 0.4684 0.4187 0.3571 -0.0971 0.0142  0.0135  5   C   C "C4'" 
433 C "C4'" B C   C 5 ? 0.5195 0.4045 0.4171 -0.0929 0.0540  -0.0020 5   C   C "C4'" 
434 O "O4'" A C   C 5 ? 0.4373 0.3410 0.3530 -0.1054 0.0214  0.0578  5   C   C "O4'" 
435 O "O4'" B C   C 5 ? 0.5028 0.3595 0.4221 -0.0951 0.0655  0.0032  5   C   C "O4'" 
436 C "C3'" A C   C 5 ? 0.5479 0.3960 0.3325 -0.0664 0.0663  -0.0620 5   C   C "C3'" 
437 C "C3'" B C   C 5 ? 0.5453 0.4019 0.4183 -0.0627 0.0649  -0.0263 5   C   C "C3'" 
438 O "O3'" A C   C 5 ? 0.6296 0.3747 0.3245 -0.0523 0.1199  -0.0852 5   C   C "O3'" 
439 O "O3'" B C   C 5 ? 0.5729 0.4093 0.4063 -0.0417 0.0677  -0.0343 5   C   C "O3'" 
440 C "C2'" A C   C 5 ? 0.5299 0.4286 0.3978 -0.1035 0.0776  -0.0788 5   C   C "C2'" 
441 C "C2'" B C   C 5 ? 0.5323 0.3797 0.4507 -0.0702 0.0835  -0.0287 5   C   C "C2'" 
442 O "O2'" A C   C 5 ? 0.5731 0.4862 0.3595 -0.1341 0.1348  -0.1262 5   C   C "O2'" 
443 O "O2'" B C   C 5 ? 0.5523 0.3845 0.4688 -0.0726 0.1046  -0.0418 5   C   C "O2'" 
444 C "C1'" . C   C 5 ? 0.5026 0.3228 0.4314 -0.0657 0.0987  -0.0097 5   C   C "C1'" 
445 N N1    . C   C 5 ? 0.4806 0.2699 0.3872 -0.0149 0.1148  0.0387  5   C   C N1    
446 C C2    . C   C 5 ? 0.4690 0.2872 0.4021 0.0474  0.1528  0.0469  5   C   C C2    
447 O O2    . C   C 5 ? 0.5200 0.3216 0.3865 -0.0685 0.1722  0.0617  5   C   C O2    
448 N N3    . C   C 5 ? 0.4243 0.3397 0.3695 0.0350  0.2035  0.0092  5   C   C N3    
449 C C4    . C   C 5 ? 0.3639 0.2415 0.3775 0.0940  0.1735  -0.0056 5   C   C C4    
450 N N4    . C   C 5 ? 0.4298 0.2957 0.3982 0.0954  0.1673  -0.0237 5   C   C N4    
451 C C5    . C   C 5 ? 0.3720 0.2660 0.3413 0.1021  0.1720  -0.0034 5   C   C C5    
452 C C6    . C   C 5 ? 0.4006 0.2974 0.3008 0.0733  0.1856  -0.0099 5   C   C C6    
453 P P     A A   C 6 ? 0.5390 0.3223 0.3603 -0.0156 0.0085  -0.0163 6   A   C P     
454 P P     B A   C 6 ? 0.5012 0.3894 0.4032 -0.0096 0.0012  -0.0275 6   A   C P     
455 O OP1   A A   C 6 ? 0.6048 0.3080 0.3650 -0.0587 0.0441  0.0317  6   A   C OP1   
456 O OP1   B A   C 6 ? 0.4854 0.3721 0.4805 0.0754  -0.0211 0.0036  6   A   C OP1   
457 O OP2   A A   C 6 ? 0.5405 0.3633 0.3252 -0.1179 -0.0406 -0.0132 6   A   C OP2   
458 O OP2   B A   C 6 ? 0.5027 0.3627 0.4123 -0.0610 -0.0195 -0.0245 6   A   C OP2   
459 O "O5'" A A   C 6 ? 0.3696 0.2283 0.2546 -0.0686 0.0363  0.0318  6   A   C "O5'" 
460 O "O5'" B A   C 6 ? 0.4280 0.3245 0.3473 0.0165  0.0396  -0.0170 6   A   C "O5'" 
461 C "C5'" A A   C 6 ? 0.3300 0.2711 0.2465 -0.0243 0.0212  0.0060  6   A   C "C5'" 
462 C "C5'" B A   C 6 ? 0.3442 0.3279 0.3054 0.0154  0.0357  -0.0156 6   A   C "C5'" 
463 C "C4'" A A   C 6 ? 0.2283 0.3352 0.1953 0.0344  -0.0359 -0.0001 6   A   C "C4'" 
464 C "C4'" B A   C 6 ? 0.2451 0.3419 0.2522 0.0168  0.0188  -0.0098 6   A   C "C4'" 
465 O "O4'" A A   C 6 ? 0.2643 0.2966 0.2465 0.0336  -0.0091 0.0263  6   A   C "O4'" 
466 O "O4'" B A   C 6 ? 0.2377 0.3315 0.2578 -0.0062 0.0303  0.0079  6   A   C "O4'" 
467 C "C3'" . A   C 6 ? 0.1488 0.3369 0.2163 0.0218  0.0044  -0.0130 6   A   C "C3'" 
468 O "O3'" . A   C 6 ? 0.1813 0.2969 0.1637 0.0513  0.0202  0.0116  6   A   C "O3'" 
469 C "C2'" . A   C 6 ? 0.2211 0.2744 0.2144 -0.0108 0.0585  0.0544  6   A   C "C2'" 
470 O "O2'" . A   C 6 ? 0.2745 0.3172 0.1613 0.0414  0.0335  0.0348  6   A   C "O2'" 
471 C "C1'" . A   C 6 ? 0.2219 0.3388 0.1934 -0.0457 0.0587  0.0211  6   A   C "C1'" 
472 N N9    . A   C 6 ? 0.1616 0.2794 0.2283 -0.0157 0.0124  0.0525  6   A   C N9    
473 C C8    . A   C 6 ? 0.1922 0.2613 0.2863 -0.0401 0.0874  0.0893  6   A   C C8    
474 N N7    . A   C 6 ? 0.1300 0.2578 0.2478 -0.0510 0.0305  0.0120  6   A   C N7    
475 C C5    . A   C 6 ? 0.1537 0.2650 0.2262 -0.0451 0.0049  0.0346  6   A   C C5    
476 C C6    . A   C 6 ? 0.1335 0.2975 0.2583 -0.0691 0.0424  0.0553  6   A   C C6    
477 N N6    . A   C 6 ? 0.1405 0.2751 0.3025 -0.0539 0.0277  0.1016  6   A   C N6    
478 N N1    . A   C 6 ? 0.1245 0.3157 0.2200 -0.0382 0.0362  0.0274  6   A   C N1    
479 C C2    . A   C 6 ? 0.1182 0.2890 0.2411 -0.0020 0.0613  0.0325  6   A   C C2    
480 N N3    . A   C 6 ? 0.1775 0.2662 0.2380 0.0102  0.0436  0.0206  6   A   C N3    
481 C C4    . A   C 6 ? 0.1706 0.2687 0.2753 -0.0258 0.0524  0.0298  6   A   C C4    
482 P P     . G   C 7 ? 0.2312 0.2917 0.1960 0.0531  0.0412  0.0308  7   G   C P     
483 O OP1   . G   C 7 ? 0.2219 0.4094 0.2155 0.0429  0.0352  0.0270  7   G   C OP1   
484 O OP2   . G   C 7 ? 0.2685 0.2577 0.2536 0.0659  0.0315  0.0615  7   G   C OP2   
485 O "O5'" . G   C 7 ? 0.2573 0.2416 0.1840 0.0236  0.0339  -0.0011 7   G   C "O5'" 
486 C "C5'" . G   C 7 ? 0.2348 0.2120 0.2172 0.0292  0.0807  -0.0210 7   G   C "C5'" 
487 C "C4'" . G   C 7 ? 0.1384 0.2841 0.1793 -0.0256 0.0180  0.0396  7   G   C "C4'" 
488 O "O4'" . G   C 7 ? 0.1764 0.2914 0.1965 -0.0253 -0.0109 0.0233  7   G   C "O4'" 
489 C "C3'" . G   C 7 ? 0.1915 0.3351 0.1858 -0.0110 0.0597  -0.0050 7   G   C "C3'" 
490 O "O3'" . G   C 7 ? 0.1913 0.3002 0.2396 -0.0025 0.0329  0.0211  7   G   C "O3'" 
491 C "C2'" . G   C 7 ? 0.1687 0.2816 0.1716 -0.0295 0.0669  0.0549  7   G   C "C2'" 
492 O "O2'" . G   C 7 ? 0.2540 0.2811 0.2063 -0.0345 0.0857  0.0779  7   G   C "O2'" 
493 C "C1'" . G   C 7 ? 0.2203 0.2551 0.1177 -0.0132 0.0188  0.0770  7   G   C "C1'" 
494 N N9    . G   C 7 ? 0.1576 0.2485 0.2043 0.0213  0.0149  0.0287  7   G   C N9    
495 C C8    . G   C 7 ? 0.1996 0.2378 0.2504 -0.0084 -0.0141 0.0135  7   G   C C8    
496 N N7    . G   C 7 ? 0.1563 0.2359 0.2096 -0.0324 0.0694  0.0285  7   G   C N7    
497 C C5    . G   C 7 ? 0.1323 0.2373 0.1611 -0.0344 0.0603  0.0135  7   G   C C5    
498 C C6    . G   C 7 ? 0.1834 0.2060 0.1792 0.0236  0.0483  0.0011  7   G   C C6    
499 O O6    . G   C 7 ? 0.1772 0.2253 0.2152 0.0127  0.0243  0.0212  7   G   C O6    
500 N N1    . G   C 7 ? 0.1756 0.1894 0.1826 0.0174  0.0218  0.0284  7   G   C N1    
501 C C2    . G   C 7 ? 0.2132 0.1599 0.2119 0.0304  0.0713  0.0666  7   G   C C2    
502 N N2    . G   C 7 ? 0.1734 0.2735 0.1919 0.0309  0.0091  0.0108  7   G   C N2    
503 N N3    . G   C 7 ? 0.2026 0.2403 0.1847 -0.0342 0.0559  0.0359  7   G   C N3    
504 C C4    . G   C 7 ? 0.1566 0.2623 0.1526 -0.0488 0.0343  0.0342  7   G   C C4    
505 P P     . C   C 8 ? 0.1749 0.3348 0.2579 -0.0128 0.0782  0.0382  8   C   C P     
506 O OP1   . C   C 8 ? 0.2052 0.3731 0.2802 -0.0360 0.1171  0.0386  8   C   C OP1   
507 O OP2   . C   C 8 ? 0.2310 0.3439 0.2802 0.0448  0.0186  0.0562  8   C   C OP2   
508 O "O5'" . C   C 8 ? 0.1671 0.2987 0.2128 0.0015  0.0564  0.0130  8   C   C "O5'" 
509 C "C5'" . C   C 8 ? 0.2095 0.2496 0.1831 0.0236  0.0516  -0.0031 8   C   C "C5'" 
510 C "C4'" . C   C 8 ? 0.1552 0.2793 0.1927 0.0204  0.0191  0.0334  8   C   C "C4'" 
511 O "O4'" . C   C 8 ? 0.1844 0.2717 0.1803 0.0003  0.0543  0.0295  8   C   C "O4'" 
512 C "C3'" . C   C 8 ? 0.1736 0.2934 0.2538 -0.0122 0.0301  0.0326  8   C   C "C3'" 
513 O "O3'" . C   C 8 ? 0.2211 0.2953 0.2610 -0.0202 0.0308  0.0213  8   C   C "O3'" 
514 C "C2'" . C   C 8 ? 0.2444 0.2890 0.2049 -0.0075 0.0429  0.0428  8   C   C "C2'" 
515 O "O2'" . C   C 8 ? 0.2350 0.2550 0.2190 -0.0092 0.0438  0.0424  8   C   C "O2'" 
516 C "C1'" . C   C 8 ? 0.2098 0.2643 0.1674 -0.0308 0.0556  0.0751  8   C   C "C1'" 
517 N N1    . C   C 8 ? 0.1786 0.2508 0.1798 -0.0169 0.0686  0.0601  8   C   C N1    
518 C C2    . C   C 8 ? 0.1819 0.2329 0.2602 0.0568  0.0565  0.0379  8   C   C C2    
519 O O2    . C   C 8 ? 0.1660 0.2230 0.2371 0.0198  0.0695  0.0481  8   C   C O2    
520 N N3    . C   C 8 ? 0.2087 0.2430 0.2512 0.0435  0.0510  0.0277  8   C   C N3    
521 C C4    . C   C 8 ? 0.1513 0.2677 0.2033 0.0249  0.0139  0.0147  8   C   C C4    
522 N N4    . C   C 8 ? 0.1704 0.2995 0.2639 0.0304  -0.0188 -0.0212 8   C   C N4    
523 C C5    . C   C 8 ? 0.1633 0.2417 0.1863 -0.0197 0.0624  0.0318  8   C   C C5    
524 C C6    . C   C 8 ? 0.1273 0.2436 0.1953 0.0067  0.0261  0.0265  8   C   C C6    
525 O "O5'" . G   D 1 ? 0.2998 0.3293 0.3544 -0.0521 0.0884  0.0441  1   G   D "O5'" 
526 C "C5'" . G   D 1 ? 0.2549 0.3694 0.3157 -0.0753 0.0822  0.0768  1   G   D "C5'" 
527 C "C4'" . G   D 1 ? 0.1490 0.2999 0.3057 0.0198  -0.0011 0.0966  1   G   D "C4'" 
528 O "O4'" . G   D 1 ? 0.2099 0.3073 0.2834 -0.0033 -0.0004 0.1241  1   G   D "O4'" 
529 C "C3'" . G   D 1 ? 0.2141 0.2792 0.2641 0.0468  0.0539  0.1325  1   G   D "C3'" 
530 O "O3'" . G   D 1 ? 0.2237 0.3240 0.3340 0.0351  0.0748  0.1601  1   G   D "O3'" 
531 C "C2'" . G   D 1 ? 0.2288 0.3429 0.1914 0.0063  0.0358  0.0876  1   G   D "C2'" 
532 O "O2'" . G   D 1 ? 0.3380 0.3601 0.2081 0.0078  0.0608  0.1307  1   G   D "O2'" 
533 C "C1'" . G   D 1 ? 0.2128 0.2804 0.2498 0.0378  0.0599  0.1024  1   G   D "C1'" 
534 N N9    . G   D 1 ? 0.2003 0.3029 0.2291 0.0375  0.0372  0.0490  1   G   D N9    
535 C C8    . G   D 1 ? 0.1999 0.3278 0.2805 0.0625  0.0195  0.0640  1   G   D C8    
536 N N7    . G   D 1 ? 0.2516 0.2555 0.2867 -0.0146 0.0348  0.0238  1   G   D N7    
537 C C5    . G   D 1 ? 0.1876 0.2411 0.3005 0.0424  0.0133  0.0454  1   G   D C5    
538 C C6    . G   D 1 ? 0.1833 0.2696 0.2265 -0.0148 -0.0107 0.0590  1   G   D C6    
539 O O6    . G   D 1 ? 0.1656 0.2812 0.2643 -0.0167 0.0011  0.0463  1   G   D O6    
540 N N1    . G   D 1 ? 0.1579 0.2613 0.2055 0.0054  0.0399  0.0741  1   G   D N1    
541 C C2    . G   D 1 ? 0.1294 0.3025 0.2261 -0.0190 0.0221  0.1166  1   G   D C2    
542 N N2    . G   D 1 ? 0.1547 0.3137 0.1909 -0.0240 0.0298  0.0991  1   G   D N2    
543 N N3    . G   D 1 ? 0.2019 0.3059 0.2618 0.0290  0.0851  0.1159  1   G   D N3    
544 C C4    . G   D 1 ? 0.2073 0.2959 0.2433 0.0308  0.0344  0.0728  1   G   D C4    
545 P P     . C   D 2 ? 0.1991 0.3573 0.3566 0.0052  0.0988  0.1394  2   C   D P     
546 O OP1   . C   D 2 ? 0.2761 0.3924 0.4213 0.0079  0.1351  0.1654  2   C   D OP1   
547 O OP2   . C   D 2 ? 0.2432 0.3176 0.4075 -0.0089 0.0388  0.1304  2   C   D OP2   
548 O "O5'" . C   D 2 ? 0.2059 0.2983 0.2533 -0.0030 0.0642  0.1322  2   C   D "O5'" 
549 C "C5'" . C   D 2 ? 0.1629 0.3040 0.3113 -0.0145 0.0569  0.1015  2   C   D "C5'" 
550 C "C4'" . C   D 2 ? 0.1889 0.3187 0.2696 -0.0212 0.0453  0.0897  2   C   D "C4'" 
551 O "O4'" . C   D 2 ? 0.2419 0.2723 0.2154 0.0492  0.0281  0.0796  2   C   D "O4'" 
552 C "C3'" . C   D 2 ? 0.2716 0.3302 0.2559 -0.0049 0.0520  0.0992  2   C   D "C3'" 
553 O "O3'" . C   D 2 ? 0.2285 0.3240 0.2494 0.0240  0.0558  0.1372  2   C   D "O3'" 
554 C "C2'" . C   D 2 ? 0.1940 0.2809 0.2251 0.0097  0.0471  0.0671  2   C   D "C2'" 
555 O "O2'" . C   D 2 ? 0.2351 0.2955 0.2104 0.0377  0.0717  0.0917  2   C   D "O2'" 
556 C "C1'" . C   D 2 ? 0.2378 0.2888 0.1763 0.0238  0.0420  0.0642  2   C   D "C1'" 
557 N N1    . C   D 2 ? 0.1831 0.2571 0.1864 -0.0226 0.0564  0.0739  2   C   D N1    
558 C C2    . C   D 2 ? 0.1572 0.2905 0.1878 -0.0274 0.0162  0.0571  2   C   D C2    
559 O O2    . C   D 2 ? 0.1956 0.2534 0.1971 -0.0082 0.0564  0.0217  2   C   D O2    
560 N N3    . C   D 2 ? 0.1695 0.2742 0.1933 -0.0154 -0.0084 0.0381  2   C   D N3    
561 C C4    . C   D 2 ? 0.1573 0.2622 0.2585 -0.0446 -0.0183 0.0613  2   C   D C4    
562 N N4    . C   D 2 ? 0.1737 0.2174 0.2281 -0.0188 0.0010  0.0664  2   C   D N4    
563 C C5    . C   D 2 ? 0.1754 0.2524 0.2949 -0.0327 -0.0199 0.0919  2   C   D C5    
564 C C6    . C   D 2 ? 0.1894 0.2193 0.2884 0.0031  0.0075  0.1107  2   C   D C6    
565 P P     . A   D 3 ? 0.2311 0.3516 0.3196 0.0350  0.0839  0.1174  3   A   D P     
566 O OP1   . A   D 3 ? 0.2939 0.4347 0.3504 0.0603  0.1332  0.1331  3   A   D OP1   
567 O OP2   . A   D 3 ? 0.1602 0.3736 0.4613 0.0109  0.0277  0.1651  3   A   D OP2   
568 O "O5'" . A   D 3 ? 0.2650 0.3008 0.2545 -0.0092 0.0844  0.1253  3   A   D "O5'" 
569 C "C5'" . A   D 3 ? 0.2660 0.2814 0.1772 -0.0049 0.0601  0.1091  3   A   D "C5'" 
570 C "C4'" . A   D 3 ? 0.2656 0.2470 0.1924 0.0625  0.0137  0.0898  3   A   D "C4'" 
571 O "O4'" . A   D 3 ? 0.2436 0.2394 0.2410 -0.0068 0.0059  -0.0006 3   A   D "O4'" 
572 C "C3'" . A   D 3 ? 0.2051 0.2467 0.2563 0.0272  0.0049  0.0714  3   A   D "C3'" 
573 O "O3'" . A   D 3 ? 0.2252 0.3036 0.1926 0.0381  0.0251  0.0375  3   A   D "O3'" 
574 C "C2'" . A   D 3 ? 0.1732 0.2551 0.2765 0.0765  0.0254  0.0062  3   A   D "C2'" 
575 O "O2'" . A   D 3 ? 0.1805 0.2863 0.2665 0.0126  0.0381  0.0162  3   A   D "O2'" 
576 C "C1'" . A   D 3 ? 0.1410 0.2315 0.2392 0.0624  -0.0162 0.0326  3   A   D "C1'" 
577 N N9    . A   D 3 ? 0.1791 0.2470 0.2170 -0.0042 0.0479  0.0311  3   A   D N9    
578 C C8    . A   D 3 ? 0.1647 0.2731 0.2512 0.0302  0.0204  0.0573  3   A   D C8    
579 N N7    . A   D 3 ? 0.1947 0.3167 0.1475 0.0090  0.0477  0.0572  3   A   D N7    
580 C C5    . A   D 3 ? 0.1144 0.3062 0.1806 0.0302  0.0112  0.0171  3   A   D C5    
581 C C6    . A   D 3 ? 0.1212 0.2609 0.2117 0.0017  0.0438  0.0279  3   A   D C6    
582 N N6    . A   D 3 ? 0.2037 0.2098 0.2528 -0.0206 -0.0030 0.0122  3   A   D N6    
583 N N1    . A   D 3 ? 0.2001 0.3004 0.1785 -0.0153 0.0179  -0.0232 3   A   D N1    
584 C C2    . A   D 3 ? 0.1817 0.3323 0.1958 -0.0404 0.0083  -0.0281 3   A   D C2    
585 N N3    . A   D 3 ? 0.1738 0.2272 0.1865 -0.0060 -0.0135 0.0677  3   A   D N3    
586 C C4    . A   D 3 ? 0.1532 0.2545 0.1549 -0.0155 0.0313  0.0453  3   A   D C4    
587 P P     . G   D 4 ? 0.2016 0.3269 0.2091 0.0544  0.0564  0.0113  4   G   D P     
588 O OP1   . G   D 4 ? 0.2070 0.2622 0.2830 0.0584  -0.0305 0.0046  4   G   D OP1   
589 O OP2   . G   D 4 ? 0.2029 0.3389 0.2343 0.0238  0.0767  -0.0002 4   G   D OP2   
590 O "O5'" . G   D 4 ? 0.1831 0.3422 0.1953 0.0537  0.0087  0.0203  4   G   D "O5'" 
591 C "C5'" . G   D 4 ? 0.1869 0.3042 0.2214 0.0303  -0.0206 0.0552  4   G   D "C5'" 
592 C "C4'" . G   D 4 ? 0.1994 0.3084 0.1766 -0.0250 -0.0341 0.0131  4   G   D "C4'" 
593 O "O4'" . G   D 4 ? 0.1806 0.3109 0.2045 -0.0022 0.0335  -0.0129 4   G   D "O4'" 
594 C "C3'" . G   D 4 ? 0.1718 0.3358 0.1904 -0.0564 0.0538  0.0000  4   G   D "C3'" 
595 O "O3'" . G   D 4 ? 0.1720 0.3490 0.2706 -0.0005 0.0197  -0.0211 4   G   D "O3'" 
596 C "C2'" . G   D 4 ? 0.1443 0.3123 0.2888 0.0158  0.0410  -0.0018 4   G   D "C2'" 
597 O "O2'" . G   D 4 ? 0.2123 0.2748 0.2555 0.0012  0.0382  0.0403  4   G   D "O2'" 
598 C "C1'" . G   D 4 ? 0.1405 0.2932 0.2494 0.0168  0.0206  0.0137  4   G   D "C1'" 
599 N N9    . G   D 4 ? 0.1771 0.2265 0.1849 -0.0011 -0.0025 0.0336  4   G   D N9    
600 C C8    . G   D 4 ? 0.1931 0.2447 0.2219 0.0154  -0.0258 0.0102  4   G   D C8    
601 N N7    . G   D 4 ? 0.2027 0.2399 0.1931 0.0199  -0.0147 0.0261  4   G   D N7    
602 C C5    . G   D 4 ? 0.2178 0.2632 0.1583 0.0177  0.0348  0.0364  4   G   D C5    
603 C C6    . G   D 4 ? 0.2582 0.2627 0.1916 -0.0137 0.0586  0.0608  4   G   D C6    
604 O O6    . G   D 4 ? 0.2608 0.3141 0.1884 0.0213  0.0328  0.0514  4   G   D O6    
605 N N1    . G   D 4 ? 0.3371 0.2625 0.2172 -0.0165 0.0417  0.0554  4   G   D N1    
606 C C2    . G   D 4 ? 0.2965 0.2745 0.2701 0.0051  -0.0087 0.0776  4   G   D C2    
607 N N2    . G   D 4 ? 0.3391 0.3580 0.2461 0.0158  -0.0455 0.1172  4   G   D N2    
608 N N3    . G   D 4 ? 0.2670 0.2522 0.1937 -0.0508 0.0033  0.0709  4   G   D N3    
609 C C4    . G   D 4 ? 0.1953 0.2420 0.1930 0.0057  -0.0246 0.0180  4   G   D C4    
610 P P     . C   D 5 ? 0.1434 0.3592 0.2434 -0.0107 0.0217  -0.0007 5   C   D P     
611 O OP1   . C   D 5 ? 0.1517 0.3993 0.3052 0.0205  -0.0116 0.0423  5   C   D OP1   
612 O OP2   . C   D 5 ? 0.1834 0.3239 0.2446 0.0545  -0.0183 0.0049  5   C   D OP2   
613 O "O5'" . C   D 5 ? 0.1843 0.3562 0.2142 0.0258  0.0320  0.0193  5   C   D "O5'" 
614 C "C5'" . C   D 5 ? 0.1705 0.3295 0.2427 -0.0070 0.0538  -0.0311 5   C   D "C5'" 
615 C "C4'" . C   D 5 ? 0.2591 0.3471 0.1550 -0.0274 0.0062  -0.0166 5   C   D "C4'" 
616 O "O4'" . C   D 5 ? 0.2839 0.2660 0.1778 0.0068  0.0146  0.0082  5   C   D "O4'" 
617 C "C3'" . C   D 5 ? 0.2756 0.3237 0.1358 -0.0044 -0.0099 0.0370  5   C   D "C3'" 
618 O "O3'" . C   D 5 ? 0.2991 0.3102 0.2608 0.0040  -0.0109 0.0412  5   C   D "O3'" 
619 C "C2'" . C   D 5 ? 0.2037 0.3059 0.1473 0.0253  -0.0121 -0.0091 5   C   D "C2'" 
620 O "O2'" . C   D 5 ? 0.2604 0.2929 0.1860 0.0179  0.0408  0.0556  5   C   D "O2'" 
621 C "C1'" . C   D 5 ? 0.2209 0.2785 0.1713 0.0326  0.0309  0.0236  5   C   D "C1'" 
622 N N1    . C   D 5 ? 0.1959 0.2979 0.2421 -0.0378 0.0410  -0.0241 5   C   D N1    
623 C C2    . C   D 5 ? 0.2013 0.2512 0.1760 -0.0329 0.0106  -0.0292 5   C   D C2    
624 O O2    . C   D 5 ? 0.2317 0.3148 0.1393 -0.0104 0.0520  0.0255  5   C   D O2    
625 N N3    . C   D 5 ? 0.2989 0.2092 0.1270 -0.0317 0.0896  -0.0010 5   C   D N3    
626 C C4    . C   D 5 ? 0.1768 0.2338 0.1784 0.0445  0.0150  0.0331  5   C   D C4    
627 N N4    . C   D 5 ? 0.2065 0.2304 0.2136 0.0267  0.0518  0.0628  5   C   D N4    
628 C C5    . C   D 5 ? 0.2046 0.2844 0.1901 0.0505  -0.0032 0.0179  5   C   D C5    
629 C C6    . C   D 5 ? 0.2606 0.2899 0.1795 -0.0344 -0.0327 -0.0070 5   C   D C6    
630 P P     . A   D 6 ? 0.3219 0.2718 0.2589 -0.0088 -0.0198 0.0550  6   A   D P     
631 O OP1   . A   D 6 ? 0.4262 0.2784 0.3010 -0.0034 -0.0335 0.0946  6   A   D OP1   
632 O OP2   . A   D 6 ? 0.2422 0.2749 0.3954 0.0724  0.0089  0.0009  6   A   D OP2   
633 O "O5'" . A   D 6 ? 0.3066 0.2821 0.2506 -0.0180 -0.0018 0.0055  6   A   D "O5'" 
634 C "C5'" . A   D 6 ? 0.2383 0.2541 0.2547 -0.0471 -0.0298 0.0039  6   A   D "C5'" 
635 C "C4'" . A   D 6 ? 0.2151 0.2464 0.2408 -0.0217 0.0099  0.0369  6   A   D "C4'" 
636 O "O4'" . A   D 6 ? 0.2330 0.2738 0.2222 -0.0543 0.0345  0.0454  6   A   D "O4'" 
637 C "C3'" . A   D 6 ? 0.2301 0.2928 0.1565 -0.0286 0.0003  0.0253  6   A   D "C3'" 
638 O "O3'" . A   D 6 ? 0.2599 0.3133 0.1696 0.0410  -0.0162 0.0556  6   A   D "O3'" 
639 C "C2'" . A   D 6 ? 0.2414 0.2860 0.1975 0.0136  0.0257  0.0302  6   A   D "C2'" 
640 O "O2'" . A   D 6 ? 0.2229 0.3092 0.2318 -0.0242 0.0149  0.0327  6   A   D "O2'" 
641 C "C1'" . A   D 6 ? 0.2532 0.2716 0.2029 -0.0633 0.0398  0.1066  6   A   D "C1'" 
642 N N9    . A   D 6 ? 0.2168 0.2678 0.1744 0.0313  0.0562  0.0558  6   A   D N9    
643 C C8    . A   D 6 ? 0.2112 0.3126 0.1961 0.0077  -0.0080 0.0354  6   A   D C8    
644 N N7    . A   D 6 ? 0.2589 0.2383 0.2511 0.0155  0.0103  0.0378  6   A   D N7    
645 C C5    . A   D 6 ? 0.1956 0.3077 0.2385 -0.0159 0.0112  0.0479  6   A   D C5    
646 C C6    . A   D 6 ? 0.1765 0.3114 0.2701 -0.0251 0.0748  0.0228  6   A   D C6    
647 N N6    . A   D 6 ? 0.1010 0.2831 0.3170 0.0015  0.0550  0.0290  6   A   D N6    
648 N N1    . A   D 6 ? 0.1233 0.3322 0.2410 0.0334  0.0469  0.0571  6   A   D N1    
649 C C2    . A   D 6 ? 0.2486 0.3141 0.1861 -0.0271 0.0824  0.0900  6   A   D C2    
650 N N3    . A   D 6 ? 0.2103 0.2822 0.2101 -0.0007 0.0049  0.0647  6   A   D N3    
651 C C4    . A   D 6 ? 0.1840 0.2981 0.2249 0.0165  0.0455  0.0344  6   A   D C4    
652 P P     . G   D 7 ? 0.2362 0.2772 0.2609 0.0191  0.0168  0.0097  7   G   D P     
653 O OP1   . G   D 7 ? 0.3014 0.2713 0.2454 0.0001  0.0276  0.0261  7   G   D OP1   
654 O OP2   . G   D 7 ? 0.2288 0.3390 0.2651 0.0042  0.0414  -0.0288 7   G   D OP2   
655 O "O5'" . G   D 7 ? 0.2178 0.3084 0.2207 0.0266  0.0323  0.0135  7   G   D "O5'" 
656 C "C5'" . G   D 7 ? 0.2268 0.3150 0.1914 -0.0250 0.0562  0.0057  7   G   D "C5'" 
657 C "C4'" . G   D 7 ? 0.1712 0.3321 0.2553 -0.0849 0.0329  0.0293  7   G   D "C4'" 
658 O "O4'" . G   D 7 ? 0.1386 0.3284 0.2568 -0.0341 0.0575  0.0209  7   G   D "O4'" 
659 C "C3'" . G   D 7 ? 0.1521 0.3524 0.2733 -0.0287 0.0430  0.0597  7   G   D "C3'" 
660 O "O3'" . G   D 7 ? 0.1793 0.4023 0.2957 -0.0214 0.0014  0.0838  7   G   D "O3'" 
661 C "C2'" . G   D 7 ? 0.1783 0.3452 0.2722 -0.0266 0.0306  0.0390  7   G   D "C2'" 
662 O "O2'" . G   D 7 ? 0.2424 0.3472 0.2623 -0.0218 0.0761  0.0399  7   G   D "O2'" 
663 C "C1'" . G   D 7 ? 0.1885 0.3374 0.2291 -0.0481 0.0431  0.0594  7   G   D "C1'" 
664 N N9    . G   D 7 ? 0.1960 0.2917 0.2195 -0.0135 0.0260  0.0381  7   G   D N9    
665 C C8    . G   D 7 ? 0.2097 0.3341 0.2471 -0.0266 0.0110  0.0407  7   G   D C8    
666 N N7    . G   D 7 ? 0.1658 0.3145 0.2270 0.0039  0.0083  0.0641  7   G   D N7    
667 C C5    . G   D 7 ? 0.1516 0.2752 0.2026 -0.0051 0.0284  0.0473  7   G   D C5    
668 C C6    . G   D 7 ? 0.1758 0.3232 0.2008 -0.0136 0.0318  0.0045  7   G   D C6    
669 O O6    . G   D 7 ? 0.2092 0.3251 0.2129 -0.0085 0.0592  0.0380  7   G   D O6    
670 N N1    . G   D 7 ? 0.1606 0.3169 0.2028 -0.0611 0.0477  0.0278  7   G   D N1    
671 C C2    . G   D 7 ? 0.2196 0.2883 0.2112 -0.0220 0.0467  0.0433  7   G   D C2    
672 N N2    . G   D 7 ? 0.2607 0.3016 0.2601 -0.0185 0.0281  0.0237  7   G   D N2    
673 N N3    . G   D 7 ? 0.1597 0.2873 0.2520 -0.0009 0.0445  0.0518  7   G   D N3    
674 C C4    . G   D 7 ? 0.1867 0.2978 0.2258 -0.0016 0.0585  0.0541  7   G   D C4    
675 P P     . C   D 8 ? 0.2094 0.4081 0.3192 -0.0202 0.0094  0.0726  8   C   D P     
676 O OP1   . C   D 8 ? 0.2445 0.4523 0.4015 -0.0388 -0.0233 0.1303  8   C   D OP1   
677 O OP2   . C   D 8 ? 0.1990 0.4158 0.3589 -0.0384 0.0270  -0.0280 8   C   D OP2   
678 O "O5'" . C   D 8 ? 0.2342 0.3378 0.3136 -0.0382 0.0792  0.0298  8   C   D "O5'" 
679 C "C5'" . C   D 8 ? 0.1704 0.3034 0.3023 -0.0245 0.0269  0.0428  8   C   D "C5'" 
680 C "C4'" . C   D 8 ? 0.1684 0.3778 0.3263 -0.0635 0.0005  0.0498  8   C   D "C4'" 
681 O "O4'" . C   D 8 ? 0.1937 0.3833 0.3273 -0.1057 0.0604  0.0694  8   C   D "O4'" 
682 C "C3'" . C   D 8 ? 0.2504 0.4578 0.3477 -0.1261 0.0039  0.0435  8   C   D "C3'" 
683 O "O3'" . C   D 8 ? 0.2735 0.5308 0.3426 -0.1433 0.0124  0.1066  8   C   D "O3'" 
684 C "C2'" . C   D 8 ? 0.2488 0.4088 0.3503 -0.0888 0.0267  0.0571  8   C   D "C2'" 
685 O "O2'" . C   D 8 ? 0.3148 0.4150 0.3744 -0.1575 0.0782  0.0409  8   C   D "O2'" 
686 C "C1'" . C   D 8 ? 0.1948 0.3870 0.3275 -0.0743 0.0796  0.0902  8   C   D "C1'" 
687 N N1    . C   D 8 ? 0.1822 0.3660 0.3130 -0.0157 0.0443  0.1075  8   C   D N1    
688 C C2    . C   D 8 ? 0.1985 0.3881 0.3096 0.0162  0.0674  0.0676  8   C   D C2    
689 O O2    . C   D 8 ? 0.1540 0.3946 0.3007 0.0180  0.0161  0.0602  8   C   D O2    
690 N N3    . C   D 8 ? 0.1707 0.3864 0.2917 0.0290  0.0793  0.0127  8   C   D N3    
691 C C4    . C   D 8 ? 0.1815 0.4271 0.3132 0.0294  0.0970  0.0474  8   C   D C4    
692 N N4    . C   D 8 ? 0.2028 0.4673 0.2941 0.0495  0.0770  0.0133  8   C   D N4    
693 C C5    . C   D 8 ? 0.1794 0.4199 0.2915 -0.0191 0.1002  0.0606  8   C   D C5    
694 C C6    . C   D 8 ? 0.1610 0.3981 0.3119 -0.0620 0.0600  0.0796  8   C   D C6    
695 C C8    . J48 E . ? 0.1836 0.2443 0.2485 0.0501  -0.0281 0.0287  101 J48 A C8    
696 C C9    . J48 E . ? 0.2290 0.2703 0.1941 0.0290  -0.0126 0.0127  101 J48 A C9    
697 C C10   . J48 E . ? 0.1954 0.2880 0.2063 0.0090  0.0103  0.0098  101 J48 A C10   
698 C C11   . J48 E . ? 0.1143 0.3495 0.2286 0.0123  0.0562  0.0057  101 J48 A C11   
699 C C12   . J48 E . ? 0.1665 0.3030 0.2885 -0.0182 0.0635  -0.0060 101 J48 A C12   
700 C C13   . J48 E . ? 0.1472 0.2980 0.2328 -0.0165 0.0467  0.0103  101 J48 A C13   
701 N N1    . J48 E . ? 0.2273 0.2195 0.2589 0.0267  0.0270  0.0405  101 J48 A N1    
702 C C6    . J48 E . ? 0.2640 0.2652 0.2648 0.0267  0.0937  0.0202  101 J48 A C6    
703 C C3    . J48 E . ? 0.1924 0.2499 0.2044 0.0223  -0.0095 0.0457  101 J48 A C3    
704 C C5    . J48 E . ? 0.2361 0.2277 0.2752 0.0153  0.0960  0.0505  101 J48 A C5    
705 C C4    . J48 E . ? 0.2284 0.2555 0.2611 -0.0127 0.0069  0.0511  101 J48 A C4    
706 C C2    . J48 E . ? 0.1967 0.2551 0.2049 0.0214  -0.0093 0.0336  101 J48 A C2    
707 C C15   . J48 E . ? 0.2059 0.3807 0.2068 -0.0081 0.0530  -0.0175 101 J48 A C15   
708 C C16   . J48 E . ? 0.2189 0.3541 0.2329 -0.0346 0.0564  -0.0044 101 J48 A C16   
709 C C17   . J48 E . ? 0.1285 0.3265 0.2650 0.0016  0.0421  0.0165  101 J48 A C17   
710 C C18   . J48 E . ? 0.1448 0.3736 0.1352 0.0232  0.0195  -0.0069 101 J48 A C18   
711 C C19   . J48 E . ? 0.1580 0.2926 0.1968 0.0153  0.0192  0.0339  101 J48 A C19   
712 C C22   . J48 E . ? 0.1691 0.2764 0.2334 0.0232  0.0063  0.0489  101 J48 A C22   
713 C C26   . J48 E . ? 0.1497 0.3122 0.2862 -0.0128 0.0026  -0.0179 101 J48 A C26   
714 C C29   . J48 E . ? 0.2455 0.2855 0.2297 0.0247  0.1180  0.0555  101 J48 A C29   
715 C C30   . J48 E . ? 0.1571 0.2985 0.2255 0.0030  0.0422  0.0108  101 J48 A C30   
716 C C31   . J48 E . ? 0.1973 0.2731 0.2571 -0.0154 0.0565  0.0065  101 J48 A C31   
717 C C32   . J48 E . ? 0.2021 0.2692 0.2124 -0.0184 0.0484  0.0571  101 J48 A C32   
718 C C33   . J48 E . ? 0.1058 0.2749 0.2038 0.0385  0.0386  0.0203  101 J48 A C33   
719 C C34   . J48 E . ? 0.2662 0.2685 0.1628 0.0063  0.1041  0.0044  101 J48 A C34   
720 C C36   . J48 E . ? 0.2697 0.3617 0.1907 -0.0249 0.0829  0.0041  101 J48 A C36   
721 C C37   . J48 E . ? 0.1968 0.3271 0.1788 -0.0107 0.0330  0.0331  101 J48 A C37   
722 N N14   . J48 E . ? 0.1690 0.3141 0.2203 -0.0127 0.0394  0.0204  101 J48 A N14   
723 N N20   . J48 E . ? 0.1594 0.2546 0.2442 0.0097  0.0309  0.0461  101 J48 A N20   
724 N N21   . J48 E . ? 0.1783 0.2327 0.2273 0.0467  0.0111  0.0504  101 J48 A N21   
725 N N25   . J48 E . ? 0.1226 0.2799 0.2668 0.0158  0.0634  0.0126  101 J48 A N25   
726 N N35   A J48 E . ? 0.3096 0.3327 0.1428 0.0094  0.1030  -0.0208 101 J48 A N35   
727 N N35   B J48 E . ? 0.2582 0.3223 0.1684 0.0377  0.0684  0.0074  101 J48 A N35   
728 N N7    . J48 E . ? 0.2118 0.2428 0.1970 0.0168  0.0070  0.0279  101 J48 A N7    
729 O O23   . J48 E . ? 0.2199 0.3088 0.1973 -0.0341 0.0718  0.0448  101 J48 A O23   
730 O O24   . J48 E . ? 0.2634 0.3522 0.2003 -0.0093 0.0409  0.0206  101 J48 A O24   
731 O O27   . J48 E . ? 0.1866 0.2963 0.3060 -0.0294 0.0367  -0.0050 101 J48 A O27   
732 O O28   . J48 E . ? 0.2458 0.3378 0.2355 -0.0218 0.0614  -0.0966 101 J48 A O28   
733 C C8    . J48 F . ? 0.2840 0.3445 0.2415 0.0625  -0.0035 0.0280  102 J48 A C8    
734 C C9    . J48 F . ? 0.2986 0.3507 0.2844 0.0156  -0.0359 0.0099  102 J48 A C9    
735 C C10   . J48 F . ? 0.3118 0.3378 0.2392 0.0310  0.0520  0.0384  102 J48 A C10   
736 C C11   . J48 F . ? 0.1868 0.3617 0.2198 -0.0093 0.0426  0.0445  102 J48 A C11   
737 C C12   . J48 F . ? 0.1605 0.3672 0.2110 -0.0056 0.0354  0.0323  102 J48 A C12   
738 C C13   . J48 F . ? 0.1744 0.3045 0.1807 -0.0470 0.0396  0.0469  102 J48 A C13   
739 N N1    . J48 F . ? 0.2282 0.3647 0.1479 0.0807  0.0075  0.0041  102 J48 A N1    
740 C C6    . J48 F . ? 0.2936 0.3215 0.1873 0.0534  0.0780  0.0249  102 J48 A C6    
741 C C3    . J48 F . ? 0.2878 0.3788 0.1816 0.0749  0.0391  0.0222  102 J48 A C3    
742 C C5    . J48 F . ? 0.2729 0.3093 0.1944 0.0980  0.0262  0.0659  102 J48 A C5    
743 C C4    . J48 F . ? 0.3084 0.3591 0.1747 0.0939  0.0579  0.0333  102 J48 A C4    
744 C C2    . J48 F . ? 0.2598 0.3260 0.1977 0.0514  -0.0120 0.0351  102 J48 A C2    
745 C C15   . J48 F . ? 0.1311 0.3258 0.1853 -0.0049 -0.0198 0.0133  102 J48 A C15   
746 C C16   . J48 F . ? 0.1022 0.3246 0.2321 0.0050  0.0061  0.0756  102 J48 A C16   
747 C C17   . J48 F . ? 0.1781 0.3525 0.2620 0.0388  0.0232  0.0160  102 J48 A C17   
748 C C18   . J48 F . ? 0.1544 0.3431 0.2552 -0.0129 0.0447  0.0347  102 J48 A C18   
749 C C19   . J48 F . ? 0.1775 0.2713 0.2216 0.0130  0.0410  0.0339  102 J48 A C19   
750 C C22   . J48 F . ? 0.2701 0.3807 0.2127 0.0900  0.0081  0.0222  102 J48 A C22   
751 C C26   . J48 F . ? 0.1902 0.2538 0.2081 0.0463  0.1063  0.0621  102 J48 A C26   
752 C C29   . J48 F . ? 0.2505 0.4745 0.2113 0.0998  -0.0529 -0.0033 102 J48 A C29   
753 C C30   . J48 F . ? 0.2662 0.4807 0.1693 0.0972  0.0233  0.0022  102 J48 A C30   
754 C C31   . J48 F . ? 0.2501 0.3796 0.1751 0.0627  0.0626  0.0319  102 J48 A C31   
755 C C32   . J48 F . ? 0.3155 0.4682 0.1852 0.0549  0.0707  0.0402  102 J48 A C32   
756 C C33   . J48 F . ? 0.3403 0.4468 0.1396 -0.0037 0.0527  0.0592  102 J48 A C33   
757 C C34   . J48 F . ? 0.2762 0.3264 0.2229 0.0213  0.1388  0.0273  102 J48 A C34   
758 C C36   . J48 F . ? 0.1766 0.2643 0.2668 0.0152  0.0106  0.0503  102 J48 A C36   
759 C C37   . J48 F . ? 0.2508 0.3952 0.2161 0.0477  0.0508  0.0354  102 J48 A C37   
760 N N14   . J48 F . ? 0.1578 0.3540 0.2080 -0.0191 -0.0019 0.0343  102 J48 A N14   
761 N N20   . J48 F . ? 0.2206 0.2343 0.2117 -0.0067 0.0123  0.0207  102 J48 A N20   
762 N N21   . J48 F . ? 0.2645 0.4054 0.1745 0.0486  0.0174  0.0026  102 J48 A N21   
763 N N25   . J48 F . ? 0.1251 0.2904 0.1932 0.0149  0.0511  0.0542  102 J48 A N25   
764 N N35   A J48 F . ? 0.2273 0.3009 0.2582 0.0687  0.1036  0.0235  102 J48 A N35   
765 N N35   B J48 F . ? 0.2237 0.2946 0.2472 0.0282  0.0578  0.0169  102 J48 A N35   
766 N N7    . J48 F . ? 0.2544 0.3393 0.2908 0.0798  -0.0214 0.0303  102 J48 A N7    
767 O O23   . J48 F . ? 0.2784 0.3690 0.2529 0.1053  -0.0729 0.0297  102 J48 A O23   
768 O O24   . J48 F . ? 0.3045 0.4525 0.2123 0.1088  0.0048  -0.0114 102 J48 A O24   
769 O O27   . J48 F . ? 0.2665 0.3213 0.1974 0.0049  0.0959  0.0322  102 J48 A O27   
770 O O28   . J48 F . ? 0.2137 0.3262 0.2393 0.0129  0.0174  0.0622  102 J48 A O28   
771 C C8    . J48 G . ? 0.1255 0.2977 0.2358 -0.0278 0.0157  0.0269  101 J48 C C8    
772 C C9    . J48 G . ? 0.2017 0.2581 0.2518 0.0126  0.0123  0.0445  101 J48 C C9    
773 C C10   . J48 G . ? 0.2083 0.2762 0.1758 0.0141  0.0268  0.0381  101 J48 C C10   
774 C C11   . J48 G . ? 0.1445 0.3462 0.2958 -0.0272 -0.0282 0.0768  101 J48 C C11   
775 C C12   . J48 G . ? 0.1645 0.3576 0.2955 -0.0040 0.0246  0.0973  101 J48 C C12   
776 C C13   . J48 G . ? 0.1618 0.2899 0.2683 0.0258  0.0345  0.1043  101 J48 C C13   
777 N N1    . J48 G . ? 0.1820 0.2452 0.3312 -0.0964 0.0341  0.0647  101 J48 C N1    
778 C C6    . J48 G . ? 0.1746 0.2636 0.3293 0.0081  0.0855  0.0409  101 J48 C C6    
779 C C3    . J48 G . ? 0.1844 0.2395 0.2449 0.0106  0.0415  0.0391  101 J48 C C3    
780 C C5    . J48 G . ? 0.1771 0.2156 0.3669 0.0067  0.0449  0.0772  101 J48 C C5    
781 C C4    . J48 G . ? 0.1837 0.2489 0.3138 -0.0068 0.0904  0.0474  101 J48 C C4    
782 C C2    . J48 G . ? 0.1439 0.2820 0.2915 -0.0010 0.0280  0.0532  101 J48 C C2    
783 C C15   . J48 G . ? 0.2131 0.3651 0.2292 0.0048  0.0376  0.0733  101 J48 C C15   
784 C C16   . J48 G . ? 0.1883 0.3656 0.3110 0.0166  -0.0276 0.0713  101 J48 C C16   
785 C C17   . J48 G . ? 0.1319 0.3606 0.2183 -0.0073 0.0263  0.1091  101 J48 C C17   
786 C C18   . J48 G . ? 0.1276 0.3407 0.1537 -0.0250 0.0344  0.0591  101 J48 C C18   
787 C C19   . J48 G . ? 0.1450 0.3491 0.1740 -0.0110 -0.0071 0.0714  101 J48 C C19   
788 C C22   . J48 G . ? 0.2095 0.2347 0.1986 -0.0287 -0.0192 0.0520  101 J48 C C22   
789 C C26   . J48 G . ? 0.2107 0.2479 0.1898 0.0132  0.0254  0.0350  101 J48 C C26   
790 C C29   . J48 G . ? 0.2860 0.2030 0.1970 -0.0024 0.0614  0.0508  101 J48 C C29   
791 C C30   . J48 G . ? 0.3782 0.2376 0.1816 0.0075  0.1340  0.0113  101 J48 C C30   
792 C C31   . J48 G . ? 0.2553 0.2160 0.2346 0.0062  -0.0256 0.1085  101 J48 C C31   
793 C C32   . J48 G . ? 0.3390 0.2421 0.2146 -0.0397 0.0719  0.0946  101 J48 C C32   
794 C C33   . J48 G . ? 0.2758 0.2672 0.2061 0.0259  -0.0233 0.0769  101 J48 C C33   
795 C C34   . J48 G . ? 0.3322 0.3260 0.2438 0.0086  0.0669  0.0297  101 J48 C C34   
796 C C36   . J48 G . ? 0.3634 0.3377 0.2342 -0.1234 0.0957  0.0580  101 J48 C C36   
797 C C37   . J48 G . ? 0.1834 0.2012 0.2265 0.0421  0.0025  0.1167  101 J48 C C37   
798 N N14   . J48 G . ? 0.1669 0.3281 0.2955 -0.0186 0.0230  0.1258  101 J48 C N14   
799 N N20   . J48 G . ? 0.1496 0.3397 0.1962 -0.0229 0.0188  0.1049  101 J48 C N20   
800 N N21   . J48 G . ? 0.2018 0.2244 0.1784 -0.0310 0.0475  0.0746  101 J48 C N21   
801 N N25   . J48 G . ? 0.1883 0.3037 0.2318 0.0182  0.0004  0.0250  101 J48 C N25   
802 N N35   . J48 G . ? 0.4254 0.3525 0.2384 -0.0920 0.0458  0.0412  101 J48 C N35   
803 N N7    . J48 G . ? 0.1028 0.3096 0.2594 0.0284  0.0212  0.0499  101 J48 C N7    
804 O O23   . J48 G . ? 0.2231 0.2696 0.1909 0.0042  0.0392  0.0207  101 J48 C O23   
805 O O24   . J48 G . ? 0.2970 0.2683 0.2243 -0.0184 0.0006  0.0352  101 J48 C O24   
806 O O27   . J48 G . ? 0.2198 0.2424 0.2327 -0.0210 0.0139  0.0673  101 J48 C O27   
807 O O28   . J48 G . ? 0.2492 0.3091 0.1688 0.0114  0.0246  -0.0103 101 J48 C O28   
808 C C8    . J48 H . ? 0.1352 0.3538 0.2315 -0.0089 0.0277  0.0501  101 J48 D C8    
809 C C9    . J48 H . ? 0.1717 0.3482 0.2948 -0.0155 0.0258  0.0581  101 J48 D C9    
810 C C10   . J48 H . ? 0.1193 0.3983 0.2425 -0.0368 0.0109  0.0450  101 J48 D C10   
811 C C11   . J48 H . ? 0.1862 0.3302 0.1543 0.0355  0.0170  0.0162  101 J48 D C11   
812 C C12   . J48 H . ? 0.1263 0.2993 0.1747 0.0421  -0.0181 0.0363  101 J48 D C12   
813 C C13   . J48 H . ? 0.1659 0.3149 0.2665 0.0142  0.0064  0.0340  101 J48 D C13   
814 N N1    . J48 H . ? 0.1428 0.3576 0.2439 -0.0209 0.0278  0.0664  101 J48 D N1    
815 C C6    . J48 H . ? 0.2199 0.3193 0.2787 -0.0702 0.0773  0.0988  101 J48 D C6    
816 C C3    . J48 H . ? 0.1885 0.4047 0.1952 -0.0283 0.0539  0.0556  101 J48 D C3    
817 C C5    . J48 H . ? 0.2448 0.3627 0.2522 -0.0312 0.1020  0.1001  101 J48 D C5    
818 C C4    A J48 H . ? 0.1855 0.4142 0.2376 -0.0314 0.0304  0.0657  101 J48 D C4    
819 C C4    B J48 H . ? 0.1966 0.4057 0.2332 -0.0335 0.0490  0.0681  101 J48 D C4    
820 C C2    . J48 H . ? 0.1325 0.3985 0.2319 -0.0392 0.0472  0.0410  101 J48 D C2    
821 C C15   . J48 H . ? 0.2084 0.3198 0.2038 -0.0081 0.0404  0.0691  101 J48 D C15   
822 C C16   . J48 H . ? 0.1665 0.3152 0.1505 0.0230  0.0481  0.0795  101 J48 D C16   
823 C C17   . J48 H . ? 0.1214 0.3285 0.2044 0.0433  0.0308  0.0377  101 J48 D C17   
824 C C18   . J48 H . ? 0.1123 0.2804 0.2176 0.0394  0.0608  0.0130  101 J48 D C18   
825 C C19   . J48 H . ? 0.1478 0.3161 0.1965 -0.0043 0.0340  0.0547  101 J48 D C19   
826 C C22   . J48 H . ? 0.2817 0.3305 0.2241 -0.0182 -0.0104 0.0235  101 J48 D C22   
827 C C26   . J48 H . ? 0.2266 0.3833 0.1854 0.0432  0.0342  0.0127  101 J48 D C26   
828 C C29   A J48 H . ? 0.3689 0.3742 0.2993 -0.0476 0.0485  0.0483  101 J48 D C29   
829 C C29   B J48 H . ? 0.3663 0.3410 0.2604 -0.0214 0.0036  0.0478  101 J48 D C29   
830 C C30   A J48 H . ? 0.3559 0.3788 0.3075 -0.0477 0.0252  0.0542  101 J48 D C30   
831 C C30   B J48 H . ? 0.3712 0.3034 0.2391 0.0231  -0.0423 0.0581  101 J48 D C30   
832 C C31   A J48 H . ? 0.2563 0.3884 0.2058 -0.0076 0.0994  0.0378  101 J48 D C31   
833 C C31   B J48 H . ? 0.2013 0.3927 0.1854 0.0189  -0.0053 0.0332  101 J48 D C31   
834 C C32   A J48 H . ? 0.3697 0.4442 0.2610 -0.0720 0.0295  0.0359  101 J48 D C32   
835 C C32   B J48 H . ? 0.3606 0.3413 0.2095 0.0349  -0.0457 0.0354  101 J48 D C32   
836 C C33   A J48 H . ? 0.3355 0.4105 0.2498 -0.0755 0.0330  0.0450  101 J48 D C33   
837 C C33   B J48 H . ? 0.3131 0.3525 0.1729 0.0169  -0.0665 0.0562  101 J48 D C33   
838 C C34   . J48 H . ? 0.2382 0.3397 0.2942 -0.0704 0.0342  0.0663  101 J48 D C34   
839 C C36   . J48 H . ? 0.2066 0.2949 0.2141 -0.0329 0.0468  0.0968  101 J48 D C36   
840 C C37   A J48 H . ? 0.2863 0.3964 0.2631 -0.0407 0.0602  0.0454  101 J48 D C37   
841 C C37   B J48 H . ? 0.2875 0.3958 0.1721 0.0061  -0.0541 0.0439  101 J48 D C37   
842 N N14   . J48 H . ? 0.1579 0.3182 0.1837 0.0177  0.0255  0.0297  101 J48 D N14   
843 N N20   . J48 H . ? 0.1426 0.2760 0.2598 -0.0126 0.0386  0.0149  101 J48 D N20   
844 N N21   . J48 H . ? 0.2127 0.2885 0.2082 0.0025  0.0532  0.0263  101 J48 D N21   
845 N N25   . J48 H . ? 0.1733 0.3940 0.2018 0.0035  0.0641  0.0282  101 J48 D N25   
846 N N35   A J48 H . ? 0.1940 0.2780 0.2810 -0.1104 0.0130  0.0802  101 J48 D N35   
847 N N35   B J48 H . ? 0.2217 0.3087 0.2202 -0.0469 -0.0170 0.0660  101 J48 D N35   
848 N N7    . J48 H . ? 0.1192 0.3633 0.2381 0.0208  0.0465  0.0421  101 J48 D N7    
849 O O23   . J48 H . ? 0.3514 0.3538 0.2252 -0.0930 0.0394  0.0540  101 J48 D O23   
850 O O24   . J48 H . ? 0.2827 0.3883 0.3096 -0.0594 0.0177  0.0149  101 J48 D O24   
851 O O27   . J48 H . ? 0.2033 0.3723 0.1999 0.0254  0.0264  0.0494  101 J48 D O27   
852 O O28   . J48 H . ? 0.3522 0.3550 0.1630 0.0383  0.0204  0.0044  101 J48 D O28   
# 
